data_5BVJ
#
_entry.id   5BVJ
#
_cell.length_a   80.621
_cell.length_b   142.264
_cell.length_c   83.802
_cell.angle_alpha   90.000
_cell.angle_beta   115.760
_cell.angle_gamma   90.000
#
_symmetry.space_group_name_H-M   'P 1 21 1'
#
loop_
_entity.id
_entity.type
_entity.pdbx_description
1 polymer 'canakinumab Fab light-chain'
2 polymer 'canakinumab Fab heavy-chain'
3 water water
#
loop_
_entity_poly.entity_id
_entity_poly.type
_entity_poly.pdbx_seq_one_letter_code
_entity_poly.pdbx_strand_id
1 'polypeptide(L)'
;EIVLTQSPDFQSVTPKEKVTITCRASQSIGSSLHWYQQKPDQSPKLLIKYASQSFSGVPSRFSGSGSGTDFTLTINSLEA
EDAAAYYCHQSSSLPFTFGPGTKVDIKRTVAAPSVFIFPPSDEQLKSGTASVVCLLNNFYPREAKVQWKVDNALQSGNSQ
ESVTEQDSKDSTYSLSSTLTLSKADYEKHKVYACEVTHQGLSSPVTKSFNRGEC
;
A,C,E,G
2 'polypeptide(L)'
;(PCA)VQLVESGGGVVQPGRSLRLSCAASGFTFSVYGMNWVRQAPGKGLEWVAIIWYDGDNQYYADSVKGRFTISRDNSK
NTLYLQMNGLRAEDTAVYYCARDLRTGPFDYWGQGTLVTVSSASTKGPSVFPLAPSSKSTSGGTAALGCLVKDYFPEPVT
VSWNSGALTSGVHTFPAVLQSSGLYSLSSVVTVPSSSLGTQTYICNVNHKPSNTKVDKRVEPKSCDKTH
;
B,D,F,H
#
# COMPACT_ATOMS: atom_id res chain seq x y z
N GLU A 1 -9.87 -5.94 4.77
CA GLU A 1 -8.50 -6.53 4.85
C GLU A 1 -7.61 -5.96 3.74
N ILE A 2 -6.37 -5.63 4.09
CA ILE A 2 -5.42 -5.11 3.12
C ILE A 2 -4.97 -6.27 2.23
N VAL A 3 -5.04 -6.05 0.92
CA VAL A 3 -4.65 -7.08 -0.04
C VAL A 3 -3.25 -6.82 -0.58
N LEU A 4 -2.44 -7.86 -0.61
CA LEU A 4 -1.08 -7.76 -1.14
C LEU A 4 -1.04 -8.52 -2.45
N THR A 5 -0.41 -7.92 -3.46
CA THR A 5 -0.26 -8.56 -4.76
C THR A 5 1.23 -8.66 -5.01
N GLN A 6 1.67 -9.75 -5.63
CA GLN A 6 3.08 -9.96 -5.90
C GLN A 6 3.33 -10.19 -7.36
N SER A 7 4.51 -9.79 -7.83
CA SER A 7 4.89 -10.01 -9.22
C SER A 7 6.39 -10.18 -9.29
N PRO A 8 6.85 -11.11 -10.15
CA PRO A 8 5.98 -11.95 -10.97
C PRO A 8 5.50 -13.17 -10.18
N ASP A 9 4.66 -13.98 -10.79
CA ASP A 9 4.17 -15.19 -10.13
C ASP A 9 5.28 -16.25 -10.14
N PHE A 10 6.05 -16.26 -11.22
CA PHE A 10 7.16 -17.21 -11.37
C PHE A 10 8.33 -16.48 -12.02
N GLN A 11 9.53 -16.84 -11.63
CA GLN A 11 10.73 -16.22 -12.21
C GLN A 11 11.83 -17.26 -12.25
N SER A 12 12.55 -17.31 -13.37
CA SER A 12 13.66 -18.24 -13.54
C SER A 12 14.92 -17.40 -13.56
N VAL A 13 15.93 -17.84 -12.84
CA VAL A 13 17.18 -17.10 -12.74
C VAL A 13 18.42 -17.97 -12.91
N THR A 14 19.37 -17.46 -13.68
CA THR A 14 20.61 -18.15 -13.91
C THR A 14 21.48 -17.91 -12.69
N PRO A 15 22.13 -18.95 -12.17
CA PRO A 15 22.98 -18.74 -10.99
C PRO A 15 23.92 -17.55 -11.22
N LYS A 16 24.15 -16.77 -10.17
CA LYS A 16 25.01 -15.58 -10.20
C LYS A 16 24.25 -14.38 -10.69
N GLU A 17 23.05 -14.58 -11.21
CA GLU A 17 22.29 -13.43 -11.67
C GLU A 17 21.32 -12.92 -10.61
N LYS A 18 20.52 -11.94 -10.95
CA LYS A 18 19.63 -11.31 -9.99
C LYS A 18 18.14 -11.59 -10.11
N VAL A 19 17.49 -11.76 -8.96
CA VAL A 19 16.05 -11.95 -8.92
C VAL A 19 15.45 -10.70 -8.26
N THR A 20 14.39 -10.18 -8.86
CA THR A 20 13.73 -9.01 -8.31
C THR A 20 12.24 -9.32 -8.16
N ILE A 21 11.76 -9.33 -6.92
CA ILE A 21 10.35 -9.62 -6.63
C ILE A 21 9.71 -8.37 -6.04
N THR A 22 8.48 -8.08 -6.44
CA THR A 22 7.78 -6.90 -5.93
C THR A 22 6.50 -7.30 -5.23
N CYS A 23 6.11 -6.50 -4.24
CA CYS A 23 4.89 -6.73 -3.46
C CYS A 23 4.18 -5.39 -3.33
N ARG A 24 2.88 -5.36 -3.64
CA ARG A 24 2.11 -4.11 -3.52
C ARG A 24 0.92 -4.28 -2.58
N ALA A 25 0.82 -3.35 -1.62
CA ALA A 25 -0.28 -3.38 -0.66
C ALA A 25 -1.45 -2.52 -1.14
N SER A 26 -2.67 -3.02 -0.96
CA SER A 26 -3.87 -2.31 -1.39
C SER A 26 -4.09 -0.99 -0.66
N GLN A 27 -3.36 -0.82 0.44
CA GLN A 27 -3.43 0.40 1.27
C GLN A 27 -2.02 0.65 1.78
N SER A 28 -1.73 1.87 2.19
CA SER A 28 -0.38 2.14 2.69
C SER A 28 -0.13 1.37 3.99
N ILE A 29 1.09 0.87 4.17
CA ILE A 29 1.43 0.11 5.37
C ILE A 29 2.75 0.55 5.99
N GLY A 30 3.24 1.71 5.59
CA GLY A 30 4.50 2.20 6.13
C GLY A 30 5.65 1.28 5.78
N SER A 31 6.31 0.75 6.81
CA SER A 31 7.44 -0.17 6.61
C SER A 31 7.17 -1.51 7.29
N SER A 32 5.90 -1.77 7.59
CA SER A 32 5.53 -3.01 8.27
C SER A 32 5.26 -4.13 7.26
N LEU A 33 6.31 -4.51 6.54
CA LEU A 33 6.23 -5.55 5.52
C LEU A 33 7.43 -6.49 5.69
N HIS A 34 7.17 -7.79 5.72
CA HIS A 34 8.23 -8.76 5.94
C HIS A 34 8.26 -9.82 4.83
N TRP A 35 9.42 -10.41 4.59
CA TRP A 35 9.56 -11.43 3.55
C TRP A 35 9.96 -12.77 4.14
N TYR A 36 9.40 -13.84 3.57
CA TYR A 36 9.71 -15.19 4.03
C TYR A 36 10.06 -16.03 2.82
N GLN A 37 10.90 -17.03 3.06
CA GLN A 37 11.33 -17.97 2.04
C GLN A 37 10.74 -19.32 2.43
N GLN A 38 10.22 -20.06 1.46
CA GLN A 38 9.70 -21.39 1.75
C GLN A 38 10.06 -22.42 0.66
N LYS A 39 10.75 -23.48 1.06
CA LYS A 39 11.13 -24.54 0.14
C LYS A 39 10.08 -25.64 0.22
N PRO A 40 9.95 -26.45 -0.85
CA PRO A 40 8.98 -27.54 -0.90
C PRO A 40 9.05 -28.46 0.32
N ASP A 41 7.88 -28.76 0.89
CA ASP A 41 7.76 -29.62 2.06
C ASP A 41 8.51 -29.10 3.29
N GLN A 42 8.67 -27.80 3.36
CA GLN A 42 9.35 -27.17 4.48
C GLN A 42 8.56 -25.98 4.99
N SER A 43 8.86 -25.60 6.22
CA SER A 43 8.19 -24.47 6.84
C SER A 43 8.82 -23.17 6.33
N PRO A 44 8.05 -22.09 6.31
CA PRO A 44 8.59 -20.80 5.85
C PRO A 44 9.64 -20.32 6.85
N LYS A 45 10.57 -19.48 6.39
CA LYS A 45 11.60 -18.90 7.24
C LYS A 45 11.65 -17.40 7.00
N LEU A 46 11.75 -16.64 8.07
CA LEU A 46 11.84 -15.19 7.98
C LEU A 46 13.16 -14.75 7.31
N LEU A 47 13.05 -13.88 6.30
CA LEU A 47 14.21 -13.36 5.58
C LEU A 47 14.49 -11.91 5.89
N ILE A 48 13.46 -11.08 5.72
CA ILE A 48 13.57 -9.66 5.93
C ILE A 48 12.43 -9.15 6.81
N LYS A 49 12.77 -8.36 7.83
CA LYS A 49 11.75 -7.79 8.69
C LYS A 49 11.72 -6.28 8.51
N TYR A 50 10.52 -5.73 8.64
CA TYR A 50 10.30 -4.30 8.49
C TYR A 50 10.91 -3.70 7.23
N ALA A 51 10.57 -4.33 6.12
CA ALA A 51 10.97 -3.94 4.76
C ALA A 51 12.42 -4.11 4.35
N SER A 52 13.35 -3.76 5.23
CA SER A 52 14.75 -3.82 4.86
C SER A 52 15.73 -4.39 5.87
N GLN A 53 15.26 -4.77 7.06
CA GLN A 53 16.18 -5.32 8.04
C GLN A 53 16.38 -6.82 7.84
N SER A 54 17.60 -7.20 7.47
CA SER A 54 17.89 -8.62 7.27
C SER A 54 17.76 -9.39 8.58
N PHE A 55 17.13 -10.56 8.54
CA PHE A 55 16.98 -11.36 9.74
C PHE A 55 18.29 -12.09 10.00
N SER A 56 18.56 -12.42 11.27
CA SER A 56 19.79 -13.10 11.65
C SER A 56 20.10 -14.33 10.80
N GLY A 57 21.35 -14.42 10.34
CA GLY A 57 21.74 -15.57 9.54
C GLY A 57 21.42 -15.48 8.06
N VAL A 58 20.71 -14.43 7.65
CA VAL A 58 20.37 -14.28 6.24
C VAL A 58 21.52 -13.59 5.50
N PRO A 59 22.04 -14.22 4.43
CA PRO A 59 23.15 -13.69 3.63
C PRO A 59 22.88 -12.29 3.11
N SER A 60 23.93 -11.48 2.99
CA SER A 60 23.80 -10.12 2.52
C SER A 60 23.39 -9.98 1.04
N ARG A 61 23.40 -11.08 0.30
CA ARG A 61 22.97 -11.00 -1.10
C ARG A 61 21.47 -10.76 -1.18
N PHE A 62 20.79 -10.85 -0.04
CA PHE A 62 19.35 -10.60 0.01
C PHE A 62 19.17 -9.13 0.44
N SER A 63 18.31 -8.40 -0.26
CA SER A 63 18.03 -7.01 0.09
C SER A 63 16.57 -6.71 -0.09
N GLY A 64 15.94 -6.20 0.96
CA GLY A 64 14.54 -5.82 0.86
C GLY A 64 14.49 -4.31 0.88
N SER A 65 13.54 -3.70 0.19
CA SER A 65 13.45 -2.24 0.17
C SER A 65 12.04 -1.74 -0.13
N GLY A 66 11.83 -0.45 0.09
CA GLY A 66 10.52 0.15 -0.18
C GLY A 66 9.80 0.62 1.07
N SER A 67 8.69 1.34 0.86
CA SER A 67 7.86 1.86 1.94
C SER A 67 6.56 2.38 1.33
N GLY A 68 5.47 2.34 2.10
CA GLY A 68 4.21 2.81 1.57
C GLY A 68 3.39 1.65 1.09
N THR A 69 3.43 1.36 -0.21
CA THR A 69 2.68 0.25 -0.77
C THR A 69 3.51 -0.67 -1.66
N ASP A 70 4.58 -0.13 -2.25
CA ASP A 70 5.43 -0.92 -3.14
C ASP A 70 6.74 -1.34 -2.46
N PHE A 71 6.98 -2.64 -2.39
CA PHE A 71 8.18 -3.17 -1.75
C PHE A 71 8.92 -4.12 -2.68
N THR A 72 10.22 -4.27 -2.45
CA THR A 72 11.02 -5.15 -3.30
C THR A 72 12.00 -6.04 -2.56
N LEU A 73 12.08 -7.29 -2.99
CA LEU A 73 13.03 -8.24 -2.43
C LEU A 73 13.96 -8.56 -3.58
N THR A 74 15.24 -8.32 -3.38
CA THR A 74 16.20 -8.59 -4.44
C THR A 74 17.16 -9.67 -3.97
N ILE A 75 17.42 -10.65 -4.81
CA ILE A 75 18.39 -11.66 -4.44
C ILE A 75 19.50 -11.53 -5.47
N ASN A 76 20.63 -11.00 -5.02
CA ASN A 76 21.77 -10.80 -5.91
C ASN A 76 22.63 -12.05 -5.93
N SER A 77 23.36 -12.26 -7.03
CA SER A 77 24.25 -13.44 -7.13
C SER A 77 23.60 -14.73 -6.64
N LEU A 78 22.45 -15.04 -7.22
CA LEU A 78 21.67 -16.20 -6.84
C LEU A 78 22.41 -17.52 -6.83
N GLU A 79 22.19 -18.29 -5.77
CA GLU A 79 22.78 -19.61 -5.63
C GLU A 79 21.65 -20.60 -5.76
N ALA A 80 21.97 -21.86 -6.01
CA ALA A 80 20.97 -22.90 -6.17
C ALA A 80 20.00 -23.03 -5.00
N GLU A 81 20.52 -22.91 -3.78
CA GLU A 81 19.68 -23.04 -2.58
C GLU A 81 18.65 -21.93 -2.44
N ASP A 82 18.71 -20.93 -3.32
CA ASP A 82 17.75 -19.83 -3.28
C ASP A 82 16.46 -20.15 -4.05
N ALA A 83 16.46 -21.24 -4.83
CA ALA A 83 15.25 -21.62 -5.55
C ALA A 83 14.20 -21.94 -4.48
N ALA A 84 13.10 -21.20 -4.48
CA ALA A 84 12.08 -21.38 -3.46
C ALA A 84 10.91 -20.45 -3.76
N ALA A 85 9.91 -20.48 -2.87
CA ALA A 85 8.76 -19.59 -3.01
C ALA A 85 9.04 -18.46 -2.03
N TYR A 86 8.65 -17.25 -2.39
CA TYR A 86 8.86 -16.09 -1.54
C TYR A 86 7.54 -15.42 -1.29
N TYR A 87 7.30 -15.03 -0.03
CA TYR A 87 6.05 -14.38 0.35
C TYR A 87 6.25 -13.09 1.15
N CYS A 88 5.40 -12.10 0.90
CA CYS A 88 5.43 -10.89 1.70
C CYS A 88 4.23 -10.96 2.65
N HIS A 89 4.32 -10.25 3.76
CA HIS A 89 3.29 -10.24 4.78
C HIS A 89 3.29 -8.87 5.46
N GLN A 90 2.13 -8.26 5.58
CA GLN A 90 2.02 -6.95 6.23
C GLN A 90 1.48 -7.08 7.66
N SER A 91 2.11 -6.38 8.60
CA SER A 91 1.69 -6.39 10.00
C SER A 91 1.26 -4.98 10.43
N SER A 92 0.84 -4.19 9.46
CA SER A 92 0.42 -2.82 9.73
C SER A 92 -0.95 -2.76 10.36
N SER A 93 -1.89 -3.50 9.79
CA SER A 93 -3.24 -3.51 10.34
C SER A 93 -3.87 -4.91 10.28
N LEU A 94 -4.70 -5.19 11.28
CA LEU A 94 -5.41 -6.45 11.38
C LEU A 94 -6.65 -6.36 10.49
N PRO A 95 -7.02 -7.46 9.82
CA PRO A 95 -6.34 -8.76 9.86
C PRO A 95 -5.04 -8.76 9.06
N PHE A 96 -4.03 -9.45 9.57
CA PHE A 96 -2.74 -9.54 8.89
C PHE A 96 -2.95 -10.34 7.61
N THR A 97 -2.18 -10.03 6.55
CA THR A 97 -2.32 -10.74 5.28
C THR A 97 -0.98 -10.97 4.59
N PHE A 98 -0.95 -11.98 3.72
CA PHE A 98 0.21 -12.36 2.92
C PHE A 98 -0.04 -12.15 1.44
N GLY A 99 1.04 -11.97 0.66
CA GLY A 99 0.90 -11.83 -0.77
C GLY A 99 0.67 -13.25 -1.31
N PRO A 100 0.35 -13.43 -2.60
CA PRO A 100 0.11 -14.78 -3.14
C PRO A 100 1.38 -15.61 -3.32
N GLY A 101 2.53 -14.98 -3.19
CA GLY A 101 3.79 -15.69 -3.34
C GLY A 101 4.40 -15.64 -4.73
N THR A 102 5.71 -15.83 -4.80
CA THR A 102 6.46 -15.85 -6.05
C THR A 102 7.41 -17.04 -6.04
N LYS A 103 7.36 -17.87 -7.08
CA LYS A 103 8.26 -19.01 -7.15
C LYS A 103 9.48 -18.70 -8.00
N VAL A 104 10.65 -18.93 -7.43
CA VAL A 104 11.88 -18.69 -8.15
C VAL A 104 12.53 -20.04 -8.43
N ASP A 105 12.83 -20.32 -9.70
CA ASP A 105 13.48 -21.58 -10.00
C ASP A 105 14.78 -21.31 -10.73
N ILE A 106 15.60 -22.34 -10.88
CA ILE A 106 16.89 -22.19 -11.53
C ILE A 106 16.75 -22.22 -13.06
N LYS A 107 17.29 -21.19 -13.72
CA LYS A 107 17.23 -21.12 -15.17
C LYS A 107 18.36 -21.90 -15.83
N ARG A 108 18.01 -22.66 -16.85
CA ARG A 108 18.97 -23.46 -17.61
C ARG A 108 18.56 -23.40 -19.07
N THR A 109 19.29 -24.10 -19.94
CA THR A 109 18.96 -24.09 -21.36
C THR A 109 17.68 -24.89 -21.58
N VAL A 110 16.89 -24.47 -22.56
CA VAL A 110 15.64 -25.16 -22.88
C VAL A 110 15.91 -26.64 -23.18
N ALA A 111 15.05 -27.51 -22.66
CA ALA A 111 15.18 -28.94 -22.86
C ALA A 111 13.80 -29.50 -23.22
N ALA A 112 13.66 -29.99 -24.45
CA ALA A 112 12.39 -30.53 -24.90
C ALA A 112 12.03 -31.79 -24.11
N PRO A 113 10.74 -31.98 -23.83
CA PRO A 113 10.38 -33.18 -23.08
C PRO A 113 10.42 -34.42 -23.98
N SER A 114 10.68 -35.58 -23.40
CA SER A 114 10.61 -36.82 -24.15
C SER A 114 9.19 -37.24 -23.78
N VAL A 115 8.34 -37.52 -24.77
CA VAL A 115 6.95 -37.88 -24.49
C VAL A 115 6.69 -39.37 -24.64
N PHE A 116 5.93 -39.94 -23.70
CA PHE A 116 5.61 -41.35 -23.71
C PHE A 116 4.12 -41.47 -23.40
N ILE A 117 3.45 -42.45 -24.01
CA ILE A 117 2.03 -42.63 -23.74
C ILE A 117 1.76 -44.07 -23.34
N PHE A 118 0.87 -44.24 -22.38
CA PHE A 118 0.51 -45.55 -21.86
C PHE A 118 -0.98 -45.84 -21.96
N PRO A 119 -1.36 -46.90 -22.69
CA PRO A 119 -2.78 -47.27 -22.83
C PRO A 119 -3.23 -47.87 -21.49
N PRO A 120 -4.55 -47.96 -21.25
CA PRO A 120 -4.94 -48.55 -19.97
C PRO A 120 -4.56 -50.03 -19.93
N SER A 121 -4.29 -50.54 -18.73
CA SER A 121 -3.93 -51.94 -18.56
C SER A 121 -5.20 -52.79 -18.63
N ASP A 122 -5.05 -54.05 -19.01
CA ASP A 122 -6.19 -54.96 -19.10
C ASP A 122 -6.83 -55.10 -17.73
N GLU A 123 -6.01 -55.05 -16.68
CA GLU A 123 -6.50 -55.15 -15.31
C GLU A 123 -7.50 -54.04 -15.01
N GLN A 124 -7.11 -52.79 -15.28
CA GLN A 124 -8.02 -51.68 -15.00
C GLN A 124 -9.27 -51.74 -15.87
N LEU A 125 -9.11 -52.03 -17.14
CA LEU A 125 -10.26 -52.11 -18.05
C LEU A 125 -11.30 -53.09 -17.52
N LYS A 126 -10.82 -54.20 -16.96
CA LYS A 126 -11.69 -55.23 -16.40
C LYS A 126 -12.48 -54.68 -15.21
N SER A 127 -11.88 -53.73 -14.50
CA SER A 127 -12.55 -53.14 -13.34
C SER A 127 -13.57 -52.09 -13.75
N GLY A 128 -13.69 -51.86 -15.06
CA GLY A 128 -14.66 -50.90 -15.56
C GLY A 128 -14.19 -49.50 -15.91
N THR A 129 -12.89 -49.25 -15.81
CA THR A 129 -12.37 -47.91 -16.11
C THR A 129 -11.12 -47.93 -16.98
N ALA A 130 -10.90 -46.87 -17.75
CA ALA A 130 -9.73 -46.77 -18.60
C ALA A 130 -9.02 -45.44 -18.35
N SER A 131 -7.79 -45.53 -17.86
CA SER A 131 -6.97 -44.33 -17.63
C SER A 131 -5.85 -44.37 -18.66
N VAL A 132 -5.70 -43.29 -19.42
CA VAL A 132 -4.61 -43.23 -20.40
C VAL A 132 -3.61 -42.22 -19.83
N VAL A 133 -2.34 -42.59 -19.80
CA VAL A 133 -1.33 -41.71 -19.23
C VAL A 133 -0.31 -41.21 -20.24
N CYS A 134 -0.02 -39.92 -20.17
CA CYS A 134 0.96 -39.28 -21.04
C CYS A 134 2.04 -38.71 -20.14
N LEU A 135 3.28 -39.08 -20.39
CA LEU A 135 4.41 -38.60 -19.60
C LEU A 135 5.31 -37.66 -20.41
N LEU A 136 5.59 -36.49 -19.86
CA LEU A 136 6.49 -35.52 -20.48
C LEU A 136 7.66 -35.56 -19.52
N ASN A 137 8.79 -36.10 -19.98
CA ASN A 137 9.94 -36.27 -19.12
C ASN A 137 11.13 -35.33 -19.30
N ASN A 138 11.61 -34.83 -18.16
CA ASN A 138 12.78 -33.96 -18.09
C ASN A 138 12.83 -32.81 -19.06
N PHE A 139 11.97 -31.82 -18.87
CA PHE A 139 11.95 -30.67 -19.75
C PHE A 139 12.18 -29.37 -18.98
N TYR A 140 12.42 -28.30 -19.73
CA TYR A 140 12.64 -26.97 -19.18
C TYR A 140 12.44 -25.99 -20.32
N PRO A 141 11.77 -24.86 -20.05
CA PRO A 141 11.21 -24.45 -18.77
C PRO A 141 9.98 -25.25 -18.31
N ARG A 142 9.47 -24.87 -17.14
CA ARG A 142 8.32 -25.52 -16.51
C ARG A 142 7.03 -25.50 -17.34
N GLU A 143 6.78 -24.41 -18.04
CA GLU A 143 5.55 -24.31 -18.82
C GLU A 143 5.48 -25.34 -19.93
N ALA A 144 4.42 -26.14 -19.93
CA ALA A 144 4.23 -27.17 -20.93
C ALA A 144 2.73 -27.29 -21.14
N LYS A 145 2.33 -27.67 -22.35
CA LYS A 145 0.92 -27.81 -22.66
C LYS A 145 0.61 -29.19 -23.22
N VAL A 146 -0.38 -29.86 -22.64
CA VAL A 146 -0.80 -31.19 -23.08
C VAL A 146 -2.28 -31.13 -23.46
N GLN A 147 -2.60 -31.62 -24.64
CA GLN A 147 -3.99 -31.65 -25.10
C GLN A 147 -4.33 -33.07 -25.51
N TRP A 148 -5.46 -33.59 -25.03
CA TRP A 148 -5.87 -34.93 -25.40
C TRP A 148 -6.84 -34.90 -26.58
N LYS A 149 -6.68 -35.84 -27.50
CA LYS A 149 -7.56 -35.94 -28.65
C LYS A 149 -7.96 -37.41 -28.82
N VAL A 150 -9.26 -37.65 -28.95
CA VAL A 150 -9.79 -39.00 -29.14
C VAL A 150 -10.43 -38.96 -30.52
N ASP A 151 -9.96 -39.82 -31.42
CA ASP A 151 -10.46 -39.84 -32.79
C ASP A 151 -10.43 -38.41 -33.31
N ASN A 152 -9.36 -37.70 -32.96
CA ASN A 152 -9.11 -36.32 -33.35
C ASN A 152 -10.00 -35.27 -32.68
N ALA A 153 -10.89 -35.69 -31.78
CA ALA A 153 -11.74 -34.71 -31.10
C ALA A 153 -11.03 -34.23 -29.83
N LEU A 154 -10.94 -32.91 -29.66
CA LEU A 154 -10.28 -32.34 -28.51
C LEU A 154 -11.08 -32.58 -27.23
N GLN A 155 -10.40 -33.10 -26.19
CA GLN A 155 -11.05 -33.41 -24.92
C GLN A 155 -10.89 -32.27 -23.91
N SER A 156 -11.85 -32.15 -23.00
CA SER A 156 -11.80 -31.15 -21.93
C SER A 156 -12.62 -31.63 -20.74
N GLY A 157 -12.11 -31.36 -19.54
CA GLY A 157 -12.81 -31.77 -18.33
C GLY A 157 -12.67 -33.22 -17.91
N ASN A 158 -11.91 -34.03 -18.66
CA ASN A 158 -11.76 -35.44 -18.29
C ASN A 158 -10.31 -35.88 -18.10
N SER A 159 -9.43 -34.95 -17.79
CA SER A 159 -8.04 -35.28 -17.55
C SER A 159 -7.52 -34.43 -16.40
N GLN A 160 -6.45 -34.89 -15.77
CA GLN A 160 -5.83 -34.13 -14.69
C GLN A 160 -4.33 -34.29 -14.90
N GLU A 161 -3.55 -33.33 -14.44
CA GLU A 161 -2.11 -33.43 -14.60
C GLU A 161 -1.40 -33.05 -13.32
N SER A 162 -0.17 -33.54 -13.18
CA SER A 162 0.66 -33.28 -12.02
C SER A 162 2.09 -33.02 -12.49
N VAL A 163 2.81 -32.14 -11.81
CA VAL A 163 4.20 -31.80 -12.19
C VAL A 163 5.16 -31.96 -11.00
N THR A 164 6.34 -32.51 -11.26
CA THR A 164 7.31 -32.68 -10.19
C THR A 164 7.98 -31.35 -9.86
N GLU A 165 8.81 -31.34 -8.81
CA GLU A 165 9.56 -30.15 -8.44
C GLU A 165 10.81 -30.18 -9.32
N GLN A 166 11.47 -29.04 -9.50
CA GLN A 166 12.65 -28.98 -10.34
C GLN A 166 13.74 -29.95 -9.85
N ASP A 167 14.31 -30.71 -10.77
CA ASP A 167 15.34 -31.67 -10.38
C ASP A 167 16.59 -30.96 -9.88
N SER A 168 17.17 -31.47 -8.81
CA SER A 168 18.35 -30.86 -8.22
C SER A 168 19.63 -31.11 -9.02
N LYS A 169 19.60 -32.05 -9.96
CA LYS A 169 20.79 -32.33 -10.76
C LYS A 169 20.77 -31.71 -12.15
N ASP A 170 19.68 -31.91 -12.89
CA ASP A 170 19.57 -31.39 -14.25
C ASP A 170 18.63 -30.20 -14.39
N SER A 171 18.05 -29.75 -13.29
CA SER A 171 17.17 -28.60 -13.30
C SER A 171 15.95 -28.72 -14.20
N THR A 172 15.51 -29.96 -14.47
CA THR A 172 14.34 -30.14 -15.32
C THR A 172 13.11 -30.51 -14.50
N TYR A 173 12.00 -30.59 -15.22
CA TYR A 173 10.70 -30.93 -14.65
C TYR A 173 10.13 -32.11 -15.44
N SER A 174 9.17 -32.79 -14.84
CA SER A 174 8.49 -33.90 -15.47
C SER A 174 7.02 -33.68 -15.16
N LEU A 175 6.17 -34.06 -16.10
CA LEU A 175 4.73 -33.88 -15.95
C LEU A 175 3.97 -35.11 -16.41
N SER A 176 2.93 -35.47 -15.67
CA SER A 176 2.11 -36.61 -16.03
C SER A 176 0.70 -36.09 -16.28
N SER A 177 0.05 -36.62 -17.31
CA SER A 177 -1.33 -36.23 -17.61
C SER A 177 -2.12 -37.52 -17.77
N THR A 178 -3.26 -37.59 -17.09
CA THR A 178 -4.11 -38.77 -17.12
C THR A 178 -5.51 -38.48 -17.65
N LEU A 179 -5.88 -39.19 -18.71
CA LEU A 179 -7.22 -39.08 -19.31
C LEU A 179 -8.01 -40.28 -18.79
N THR A 180 -9.16 -40.03 -18.18
CA THR A 180 -9.94 -41.12 -17.63
C THR A 180 -11.33 -41.23 -18.24
N LEU A 181 -11.65 -42.44 -18.72
CA LEU A 181 -12.93 -42.74 -19.35
C LEU A 181 -13.50 -44.04 -18.78
N SER A 182 -14.80 -44.23 -18.97
CA SER A 182 -15.46 -45.45 -18.50
C SER A 182 -15.00 -46.49 -19.51
N LYS A 183 -15.11 -47.77 -19.16
CA LYS A 183 -14.69 -48.80 -20.09
C LYS A 183 -15.52 -48.71 -21.37
N ALA A 184 -16.81 -48.49 -21.21
CA ALA A 184 -17.71 -48.40 -22.36
C ALA A 184 -17.30 -47.26 -23.29
N ASP A 185 -17.03 -46.09 -22.74
CA ASP A 185 -16.62 -44.95 -23.56
C ASP A 185 -15.30 -45.21 -24.27
N TYR A 186 -14.35 -45.80 -23.55
CA TYR A 186 -13.04 -46.09 -24.14
C TYR A 186 -13.20 -47.00 -25.37
N GLU A 187 -14.10 -47.96 -25.30
CA GLU A 187 -14.31 -48.90 -26.41
C GLU A 187 -15.09 -48.36 -27.61
N LYS A 188 -15.54 -47.11 -27.53
CA LYS A 188 -16.29 -46.48 -28.61
C LYS A 188 -15.38 -45.69 -29.55
N HIS A 189 -14.11 -45.57 -29.21
CA HIS A 189 -13.19 -44.79 -30.03
C HIS A 189 -11.99 -45.59 -30.45
N LYS A 190 -11.37 -45.16 -31.55
CA LYS A 190 -10.20 -45.84 -32.11
C LYS A 190 -8.85 -45.27 -31.72
N VAL A 191 -8.65 -43.99 -31.99
CA VAL A 191 -7.36 -43.35 -31.71
C VAL A 191 -7.30 -42.42 -30.51
N TYR A 192 -6.31 -42.66 -29.65
CA TYR A 192 -6.09 -41.84 -28.47
C TYR A 192 -4.74 -41.16 -28.63
N ALA A 193 -4.71 -39.83 -28.47
CA ALA A 193 -3.45 -39.09 -28.62
C ALA A 193 -3.29 -37.94 -27.65
N CYS A 194 -2.04 -37.68 -27.26
CA CYS A 194 -1.73 -36.53 -26.42
C CYS A 194 -0.80 -35.68 -27.25
N GLU A 195 -1.15 -34.41 -27.39
CA GLU A 195 -0.42 -33.45 -28.17
C GLU A 195 0.32 -32.53 -27.20
N VAL A 196 1.64 -32.51 -27.31
CA VAL A 196 2.48 -31.72 -26.42
C VAL A 196 3.09 -30.50 -27.11
N THR A 197 2.96 -29.36 -26.44
CA THR A 197 3.49 -28.08 -26.93
C THR A 197 4.45 -27.61 -25.86
N HIS A 198 5.64 -27.19 -26.28
CA HIS A 198 6.68 -26.73 -25.35
C HIS A 198 7.74 -25.94 -26.13
N GLN A 199 8.46 -25.05 -25.43
CA GLN A 199 9.49 -24.24 -26.07
C GLN A 199 10.58 -25.05 -26.76
N GLY A 200 10.90 -26.21 -26.20
CA GLY A 200 11.93 -27.06 -26.78
C GLY A 200 11.48 -27.81 -28.02
N LEU A 201 10.23 -27.62 -28.42
CA LEU A 201 9.65 -28.28 -29.59
C LEU A 201 9.20 -27.26 -30.64
N SER A 202 9.87 -27.25 -31.79
CA SER A 202 9.52 -26.29 -32.85
C SER A 202 8.09 -26.49 -33.31
N SER A 203 7.67 -27.75 -33.34
CA SER A 203 6.31 -28.12 -33.72
C SER A 203 5.81 -29.06 -32.64
N PRO A 204 4.49 -29.03 -32.37
CA PRO A 204 3.93 -29.90 -31.34
C PRO A 204 4.22 -31.38 -31.60
N VAL A 205 4.49 -32.12 -30.53
CA VAL A 205 4.74 -33.53 -30.67
C VAL A 205 3.50 -34.29 -30.22
N THR A 206 3.08 -35.26 -31.03
CA THR A 206 1.91 -36.06 -30.71
C THR A 206 2.26 -37.53 -30.59
N LYS A 207 1.87 -38.15 -29.48
CA LYS A 207 2.08 -39.59 -29.27
C LYS A 207 0.69 -40.17 -29.23
N SER A 208 0.48 -41.26 -29.96
CA SER A 208 -0.84 -41.86 -30.04
C SER A 208 -0.82 -43.37 -30.26
N PHE A 209 -1.99 -43.97 -30.17
CA PHE A 209 -2.15 -45.40 -30.37
C PHE A 209 -3.59 -45.74 -30.73
N ASN A 210 -3.76 -46.84 -31.43
CA ASN A 210 -5.07 -47.36 -31.81
C ASN A 210 -5.44 -48.20 -30.60
N ARG A 211 -6.69 -48.14 -30.16
CA ARG A 211 -7.11 -48.99 -29.04
C ARG A 211 -6.77 -50.44 -29.41
N GLY A 212 -6.09 -51.14 -28.50
CA GLY A 212 -5.72 -52.51 -28.77
C GLY A 212 -4.23 -52.65 -29.08
N GLU A 213 -3.57 -51.52 -29.32
CA GLU A 213 -2.15 -51.52 -29.62
C GLU A 213 -1.34 -50.90 -28.49
N CYS A 214 -0.03 -51.11 -28.53
CA CYS A 214 0.85 -50.56 -27.51
C CYS A 214 2.31 -50.65 -27.96
N PCA B 1 17.30 -23.83 21.81
CA PCA B 1 16.80 -23.21 20.59
CB PCA B 1 17.28 -24.18 19.51
CG PCA B 1 17.63 -25.45 20.27
CD PCA B 1 17.78 -25.03 21.68
OE PCA B 1 18.26 -25.69 22.62
C PCA B 1 15.28 -23.10 20.65
O PCA B 1 14.60 -23.82 21.37
N VAL B 2 14.74 -22.17 19.87
CA VAL B 2 13.31 -21.97 19.80
C VAL B 2 12.74 -23.16 19.04
N GLN B 3 11.68 -23.76 19.57
CA GLN B 3 11.05 -24.90 18.90
C GLN B 3 9.54 -24.80 19.06
N LEU B 4 8.83 -25.00 17.96
CA LEU B 4 7.38 -24.97 17.95
C LEU B 4 6.96 -26.28 17.32
N VAL B 5 6.03 -26.98 17.97
CA VAL B 5 5.59 -28.27 17.48
C VAL B 5 4.07 -28.39 17.49
N GLU B 6 3.47 -28.36 16.29
CA GLU B 6 2.03 -28.45 16.14
C GLU B 6 1.54 -29.88 16.14
N SER B 7 0.27 -30.07 16.51
CA SER B 7 -0.31 -31.40 16.52
C SER B 7 -1.83 -31.29 16.46
N GLY B 8 -2.47 -32.41 16.20
CA GLY B 8 -3.92 -32.44 16.15
C GLY B 8 -4.49 -32.62 14.76
N GLY B 9 -3.65 -32.47 13.73
CA GLY B 9 -4.12 -32.64 12.37
C GLY B 9 -4.67 -34.03 12.07
N GLY B 10 -5.48 -34.12 11.02
CA GLY B 10 -6.05 -35.40 10.65
C GLY B 10 -7.24 -35.21 9.73
N VAL B 11 -7.99 -36.28 9.50
CA VAL B 11 -9.17 -36.21 8.66
C VAL B 11 -10.37 -35.90 9.53
N VAL B 12 -11.20 -34.96 9.08
CA VAL B 12 -12.40 -34.58 9.80
C VAL B 12 -13.50 -34.32 8.78
N GLN B 13 -14.71 -34.75 9.09
CA GLN B 13 -15.82 -34.55 8.16
C GLN B 13 -16.29 -33.10 8.19
N PRO B 14 -16.84 -32.63 7.07
CA PRO B 14 -17.34 -31.25 6.95
C PRO B 14 -18.41 -30.98 8.02
N GLY B 15 -18.33 -29.82 8.66
CA GLY B 15 -19.29 -29.46 9.68
C GLY B 15 -18.87 -29.80 11.10
N ARG B 16 -17.88 -30.67 11.23
CA ARG B 16 -17.40 -31.07 12.55
C ARG B 16 -16.39 -30.10 13.14
N SER B 17 -15.93 -30.42 14.35
CA SER B 17 -14.96 -29.62 15.11
C SER B 17 -13.65 -30.37 15.25
N LEU B 18 -12.56 -29.61 15.39
CA LEU B 18 -11.24 -30.20 15.57
C LEU B 18 -10.35 -29.19 16.28
N ARG B 19 -9.55 -29.64 17.22
CA ARG B 19 -8.67 -28.70 17.92
C ARG B 19 -7.20 -28.97 17.63
N LEU B 20 -6.46 -27.92 17.27
CA LEU B 20 -5.04 -28.06 17.01
C LEU B 20 -4.29 -27.48 18.21
N SER B 21 -3.07 -27.97 18.44
CA SER B 21 -2.27 -27.45 19.52
C SER B 21 -0.83 -27.25 19.04
N CYS B 22 -0.07 -26.49 19.81
CA CYS B 22 1.33 -26.23 19.47
C CYS B 22 2.13 -26.12 20.75
N ALA B 23 3.12 -26.99 20.92
CA ALA B 23 3.96 -26.97 22.11
C ALA B 23 5.19 -26.09 21.84
N ALA B 24 5.39 -25.09 22.70
CA ALA B 24 6.51 -24.17 22.52
C ALA B 24 7.59 -24.41 23.56
N SER B 25 8.84 -24.17 23.17
CA SER B 25 9.95 -24.34 24.11
C SER B 25 11.14 -23.53 23.63
N GLY B 26 12.11 -23.33 24.53
CA GLY B 26 13.30 -22.58 24.16
C GLY B 26 13.20 -21.07 24.24
N PHE B 27 12.11 -20.55 24.83
CA PHE B 27 11.96 -19.10 24.97
C PHE B 27 10.89 -18.79 26.02
N THR B 28 10.81 -17.53 26.42
CA THR B 28 9.83 -17.11 27.42
C THR B 28 8.47 -16.95 26.71
N PHE B 29 7.73 -18.04 26.68
CA PHE B 29 6.43 -18.09 26.01
C PHE B 29 5.48 -16.95 26.34
N SER B 30 5.37 -16.62 27.63
CA SER B 30 4.45 -15.59 28.09
C SER B 30 4.72 -14.15 27.67
N VAL B 31 5.81 -13.91 26.95
CA VAL B 31 6.06 -12.54 26.50
C VAL B 31 6.01 -12.38 24.97
N TYR B 32 5.58 -13.42 24.26
CA TYR B 32 5.49 -13.36 22.81
C TYR B 32 4.09 -13.63 22.30
N GLY B 33 3.68 -12.89 21.27
CA GLY B 33 2.38 -13.13 20.67
C GLY B 33 2.56 -14.40 19.84
N MET B 34 1.48 -15.14 19.60
CA MET B 34 1.57 -16.38 18.83
C MET B 34 0.52 -16.34 17.73
N ASN B 35 0.83 -16.96 16.60
CA ASN B 35 -0.08 -16.97 15.45
C ASN B 35 -0.27 -18.36 14.87
N TRP B 36 -1.32 -18.47 14.06
CA TRP B 36 -1.62 -19.65 13.28
C TRP B 36 -1.68 -19.13 11.83
N VAL B 37 -1.02 -19.86 10.93
CA VAL B 37 -0.99 -19.54 9.51
C VAL B 37 -1.22 -20.88 8.82
N ARG B 38 -1.96 -20.88 7.72
CA ARG B 38 -2.23 -22.14 7.04
C ARG B 38 -1.89 -22.07 5.57
N GLN B 39 -1.83 -23.22 4.93
CA GLN B 39 -1.50 -23.27 3.52
C GLN B 39 -2.20 -24.43 2.85
N ALA B 40 -3.21 -24.11 2.04
CA ALA B 40 -3.96 -25.14 1.32
C ALA B 40 -3.03 -25.80 0.32
N PRO B 41 -3.25 -27.09 0.02
CA PRO B 41 -2.43 -27.86 -0.92
C PRO B 41 -2.12 -27.06 -2.18
N GLY B 42 -0.83 -26.92 -2.47
CA GLY B 42 -0.42 -26.19 -3.66
C GLY B 42 -0.71 -24.70 -3.69
N LYS B 43 -1.15 -24.14 -2.58
CA LYS B 43 -1.46 -22.71 -2.57
C LYS B 43 -0.53 -21.89 -1.65
N GLY B 44 -0.82 -20.61 -1.49
CA GLY B 44 0.04 -19.78 -0.65
C GLY B 44 -0.30 -19.74 0.84
N LEU B 45 0.49 -18.99 1.59
CA LEU B 45 0.30 -18.84 3.02
C LEU B 45 -0.90 -17.92 3.30
N GLU B 46 -1.70 -18.31 4.29
CA GLU B 46 -2.88 -17.54 4.68
C GLU B 46 -2.90 -17.39 6.19
N TRP B 47 -2.80 -16.15 6.65
CA TRP B 47 -2.80 -15.88 8.08
C TRP B 47 -4.17 -16.29 8.64
N VAL B 48 -4.16 -16.94 9.80
CA VAL B 48 -5.41 -17.41 10.39
C VAL B 48 -5.81 -16.64 11.63
N ALA B 49 -4.92 -16.55 12.60
CA ALA B 49 -5.28 -15.88 13.85
C ALA B 49 -4.06 -15.51 14.67
N ILE B 50 -4.28 -14.59 15.62
CA ILE B 50 -3.22 -14.17 16.54
C ILE B 50 -3.75 -14.04 17.97
N ILE B 51 -2.88 -14.33 18.94
CA ILE B 51 -3.26 -14.15 20.32
C ILE B 51 -2.12 -13.41 21.00
N TRP B 52 -2.46 -12.37 21.77
CA TRP B 52 -1.46 -11.57 22.48
C TRP B 52 -0.71 -12.40 23.51
N TYR B 53 0.48 -11.91 23.88
CA TYR B 53 1.32 -12.58 24.84
C TYR B 53 0.59 -13.06 26.10
N ASP B 54 -0.31 -12.24 26.65
CA ASP B 54 -1.01 -12.62 27.88
C ASP B 54 -2.35 -13.31 27.64
N GLY B 55 -2.69 -13.52 26.38
CA GLY B 55 -3.93 -14.17 26.00
C GLY B 55 -5.17 -13.31 26.14
N ASP B 56 -5.00 -12.04 26.49
CA ASP B 56 -6.15 -11.16 26.71
C ASP B 56 -6.78 -10.53 25.45
N ASN B 57 -6.17 -10.76 24.30
CA ASN B 57 -6.66 -10.23 23.03
C ASN B 57 -6.41 -11.27 21.95
N GLN B 58 -7.33 -11.38 21.02
CA GLN B 58 -7.22 -12.32 19.89
C GLN B 58 -7.85 -11.70 18.65
N TYR B 59 -7.29 -11.98 17.47
CA TYR B 59 -7.86 -11.49 16.21
C TYR B 59 -7.82 -12.61 15.18
N TYR B 60 -8.73 -12.56 14.21
CA TYR B 60 -8.87 -13.62 13.21
C TYR B 60 -8.99 -13.14 11.78
N ALA B 61 -8.67 -14.02 10.84
CA ALA B 61 -8.82 -13.70 9.41
C ALA B 61 -10.32 -13.71 9.18
N ASP B 62 -10.78 -12.89 8.23
CA ASP B 62 -12.22 -12.81 7.93
C ASP B 62 -12.85 -14.17 7.66
N SER B 63 -12.12 -15.03 6.94
CA SER B 63 -12.63 -16.37 6.60
C SER B 63 -12.88 -17.32 7.77
N VAL B 64 -12.26 -17.08 8.92
CA VAL B 64 -12.47 -17.98 10.06
C VAL B 64 -13.08 -17.31 11.29
N LYS B 65 -13.19 -15.99 11.29
CA LYS B 65 -13.74 -15.30 12.44
C LYS B 65 -15.14 -15.83 12.79
N GLY B 66 -15.35 -16.11 14.08
CA GLY B 66 -16.63 -16.63 14.52
C GLY B 66 -16.68 -18.15 14.56
N ARG B 67 -15.86 -18.80 13.74
CA ARG B 67 -15.83 -20.25 13.69
C ARG B 67 -14.64 -20.85 14.46
N PHE B 68 -13.56 -20.09 14.54
CA PHE B 68 -12.33 -20.54 15.21
C PHE B 68 -12.06 -19.73 16.47
N THR B 69 -11.41 -20.34 17.45
CA THR B 69 -11.01 -19.62 18.65
C THR B 69 -9.53 -19.94 18.92
N ILE B 70 -8.69 -18.92 19.05
CA ILE B 70 -7.28 -19.16 19.36
C ILE B 70 -7.14 -18.92 20.85
N SER B 71 -6.37 -19.77 21.55
CA SER B 71 -6.18 -19.62 22.98
C SER B 71 -4.79 -20.13 23.32
N ARG B 72 -4.35 -19.86 24.54
CA ARG B 72 -3.04 -20.31 24.97
C ARG B 72 -3.02 -20.61 26.46
N ASP B 73 -2.09 -21.45 26.86
CA ASP B 73 -1.91 -21.79 28.27
C ASP B 73 -0.45 -21.47 28.60
N ASN B 74 -0.23 -20.31 29.22
CA ASN B 74 1.10 -19.85 29.58
C ASN B 74 1.77 -20.60 30.74
N SER B 75 1.10 -21.63 31.28
CA SER B 75 1.73 -22.40 32.36
C SER B 75 2.20 -23.72 31.75
N LYS B 76 1.68 -24.03 30.56
CA LYS B 76 2.05 -25.26 29.85
C LYS B 76 2.76 -24.93 28.53
N ASN B 77 2.98 -23.64 28.27
CA ASN B 77 3.62 -23.22 27.03
C ASN B 77 3.00 -23.88 25.81
N THR B 78 1.67 -23.79 25.72
CA THR B 78 0.95 -24.39 24.60
C THR B 78 -0.01 -23.38 23.95
N LEU B 79 -0.14 -23.48 22.63
CA LEU B 79 -1.05 -22.62 21.86
C LEU B 79 -2.12 -23.56 21.30
N TYR B 80 -3.36 -23.08 21.18
CA TYR B 80 -4.45 -23.92 20.68
C TYR B 80 -5.23 -23.19 19.63
N LEU B 81 -5.87 -23.97 18.75
CA LEU B 81 -6.76 -23.40 17.74
C LEU B 81 -7.97 -24.33 17.72
N GLN B 82 -9.10 -23.86 18.23
CA GLN B 82 -10.32 -24.67 18.23
C GLN B 82 -11.06 -24.33 16.95
N MET B 83 -11.27 -25.33 16.09
CA MET B 83 -11.95 -25.06 14.83
C MET B 83 -13.32 -25.73 14.78
N ASN B 84 -14.38 -24.96 14.52
CA ASN B 84 -15.74 -25.51 14.43
C ASN B 84 -16.30 -25.26 13.03
N GLY B 85 -17.35 -26.01 12.67
CA GLY B 85 -17.98 -25.86 11.37
C GLY B 85 -16.98 -25.93 10.22
N LEU B 86 -16.10 -26.92 10.27
CA LEU B 86 -15.08 -27.07 9.25
C LEU B 86 -15.65 -27.25 7.85
N ARG B 87 -14.99 -26.59 6.89
CA ARG B 87 -15.37 -26.61 5.48
C ARG B 87 -14.24 -27.17 4.64
N ALA B 88 -14.58 -27.74 3.48
CA ALA B 88 -13.57 -28.31 2.60
C ALA B 88 -12.42 -27.34 2.39
N GLU B 89 -12.74 -26.06 2.29
CA GLU B 89 -11.72 -25.02 2.09
C GLU B 89 -10.85 -24.74 3.32
N ASP B 90 -11.06 -25.48 4.41
CA ASP B 90 -10.22 -25.28 5.59
C ASP B 90 -9.10 -26.31 5.52
N THR B 91 -9.15 -27.18 4.52
CA THR B 91 -8.14 -28.20 4.34
C THR B 91 -6.80 -27.51 4.08
N ALA B 92 -5.80 -27.81 4.91
CA ALA B 92 -4.51 -27.17 4.75
C ALA B 92 -3.54 -27.67 5.79
N VAL B 93 -2.29 -27.20 5.67
CA VAL B 93 -1.26 -27.51 6.63
C VAL B 93 -1.35 -26.26 7.53
N TYR B 94 -1.45 -26.46 8.83
CA TYR B 94 -1.55 -25.35 9.77
C TYR B 94 -0.23 -25.21 10.50
N TYR B 95 0.32 -24.00 10.45
CA TYR B 95 1.60 -23.70 11.10
C TYR B 95 1.39 -22.81 12.29
N CYS B 96 2.21 -23.06 13.30
CA CYS B 96 2.26 -22.31 14.54
C CYS B 96 3.40 -21.32 14.25
N ALA B 97 3.26 -20.04 14.63
CA ALA B 97 4.35 -19.09 14.39
C ALA B 97 4.45 -18.03 15.48
N ARG B 98 5.67 -17.74 15.92
CA ARG B 98 5.90 -16.75 16.95
C ARG B 98 6.03 -15.38 16.32
N ASP B 99 5.46 -14.36 16.92
CA ASP B 99 5.61 -13.03 16.35
C ASP B 99 6.46 -12.16 17.25
N LEU B 100 6.99 -11.09 16.67
CA LEU B 100 7.82 -10.14 17.39
C LEU B 100 6.99 -8.88 17.60
N ARG B 101 6.41 -8.71 18.78
CA ARG B 101 5.58 -7.54 19.06
C ARG B 101 4.56 -7.34 17.94
N THR B 102 3.82 -8.39 17.63
CA THR B 102 2.81 -8.41 16.58
C THR B 102 3.38 -7.98 15.23
N GLY B 103 4.69 -8.15 15.04
CA GLY B 103 5.33 -7.79 13.80
C GLY B 103 5.60 -9.01 12.93
N PRO B 104 6.87 -9.25 12.52
CA PRO B 104 7.24 -10.39 11.68
C PRO B 104 7.12 -11.71 12.43
N PHE B 105 6.93 -12.80 11.68
CA PHE B 105 6.84 -14.14 12.28
C PHE B 105 8.26 -14.72 12.20
N ASP B 106 9.02 -14.62 13.30
CA ASP B 106 10.39 -15.08 13.26
C ASP B 106 10.71 -16.56 13.39
N TYR B 107 9.81 -17.33 14.02
CA TYR B 107 10.00 -18.77 14.15
C TYR B 107 8.71 -19.48 13.80
N TRP B 108 8.83 -20.53 12.98
CA TRP B 108 7.66 -21.29 12.55
C TRP B 108 7.77 -22.75 12.96
N GLY B 109 6.62 -23.39 13.15
CA GLY B 109 6.62 -24.80 13.49
C GLY B 109 6.78 -25.63 12.23
N GLN B 110 6.63 -26.94 12.35
CA GLN B 110 6.76 -27.86 11.24
C GLN B 110 5.42 -28.07 10.52
N GLY B 111 4.33 -27.64 11.15
CA GLY B 111 3.01 -27.76 10.56
C GLY B 111 2.26 -29.08 10.81
N THR B 112 0.94 -29.01 10.82
CA THR B 112 0.11 -30.21 11.02
C THR B 112 -0.97 -30.19 9.93
N LEU B 113 -1.19 -31.33 9.28
CA LEU B 113 -2.15 -31.39 8.19
C LEU B 113 -3.61 -31.66 8.59
N VAL B 114 -4.51 -30.85 8.07
CA VAL B 114 -5.93 -31.00 8.35
C VAL B 114 -6.64 -31.23 7.04
N THR B 115 -7.33 -32.36 6.93
CA THR B 115 -8.05 -32.70 5.70
C THR B 115 -9.53 -32.80 6.01
N VAL B 116 -10.33 -31.90 5.44
CA VAL B 116 -11.77 -31.89 5.68
C VAL B 116 -12.45 -32.59 4.50
N SER B 117 -12.95 -33.79 4.74
CA SER B 117 -13.58 -34.58 3.70
C SER B 117 -14.52 -35.63 4.29
N SER B 118 -15.50 -36.06 3.48
CA SER B 118 -16.47 -37.06 3.89
C SER B 118 -16.03 -38.45 3.41
N ALA B 119 -14.93 -38.51 2.67
CA ALA B 119 -14.43 -39.78 2.15
C ALA B 119 -14.00 -40.77 3.24
N SER B 120 -14.12 -42.06 2.95
CA SER B 120 -13.73 -43.10 3.90
C SER B 120 -12.32 -43.62 3.56
N THR B 121 -11.58 -44.02 4.58
CA THR B 121 -10.24 -44.54 4.37
C THR B 121 -10.31 -45.68 3.38
N LYS B 122 -9.44 -45.65 2.38
CA LYS B 122 -9.45 -46.67 1.34
C LYS B 122 -8.05 -46.85 0.76
N GLY B 123 -7.65 -48.10 0.57
CA GLY B 123 -6.35 -48.39 -0.01
C GLY B 123 -6.43 -48.24 -1.53
N PRO B 124 -5.31 -47.98 -2.19
CA PRO B 124 -5.34 -47.82 -3.65
C PRO B 124 -5.33 -49.10 -4.46
N SER B 125 -5.73 -48.97 -5.72
CA SER B 125 -5.69 -50.06 -6.66
C SER B 125 -4.45 -49.64 -7.43
N VAL B 126 -3.55 -50.56 -7.70
CA VAL B 126 -2.34 -50.22 -8.42
C VAL B 126 -2.32 -50.89 -9.79
N PHE B 127 -2.17 -50.08 -10.84
CA PHE B 127 -2.15 -50.61 -12.19
C PHE B 127 -0.82 -50.34 -12.86
N PRO B 128 -0.37 -51.26 -13.71
CA PRO B 128 0.91 -51.06 -14.39
C PRO B 128 0.83 -50.12 -15.56
N LEU B 129 1.93 -49.41 -15.79
CA LEU B 129 2.09 -48.51 -16.93
C LEU B 129 3.23 -49.28 -17.61
N ALA B 130 2.85 -50.32 -18.36
CA ALA B 130 3.82 -51.18 -19.00
C ALA B 130 4.69 -50.57 -20.08
N PRO B 131 5.98 -50.92 -20.08
CA PRO B 131 6.89 -50.40 -21.09
C PRO B 131 6.57 -51.11 -22.39
N SER B 132 6.45 -50.35 -23.47
CA SER B 132 6.17 -50.93 -24.78
C SER B 132 6.70 -49.98 -25.84
N SER B 133 6.39 -50.27 -27.11
CA SER B 133 6.86 -49.41 -28.19
C SER B 133 6.45 -47.95 -27.99
N LYS B 134 5.21 -47.72 -27.55
CA LYS B 134 4.72 -46.35 -27.33
C LYS B 134 5.37 -45.65 -26.13
N SER B 135 6.19 -46.38 -25.38
CA SER B 135 6.87 -45.82 -24.22
C SER B 135 8.39 -46.09 -24.23
N THR B 136 8.94 -46.33 -25.42
CA THR B 136 10.36 -46.58 -25.54
C THR B 136 10.94 -45.70 -26.65
N SER B 137 11.80 -44.76 -26.27
CA SER B 137 12.43 -43.86 -27.24
C SER B 137 13.90 -44.21 -27.36
N GLY B 138 14.21 -45.07 -28.31
CA GLY B 138 15.59 -45.47 -28.52
C GLY B 138 16.00 -46.54 -27.54
N GLY B 139 17.11 -46.32 -26.86
CA GLY B 139 17.60 -47.30 -25.90
C GLY B 139 17.01 -47.14 -24.52
N THR B 140 16.12 -46.16 -24.36
CA THR B 140 15.48 -45.91 -23.07
C THR B 140 13.98 -46.20 -23.09
N ALA B 141 13.52 -46.95 -22.10
CA ALA B 141 12.11 -47.29 -21.98
C ALA B 141 11.52 -46.67 -20.73
N ALA B 142 10.27 -46.22 -20.81
CA ALA B 142 9.61 -45.64 -19.66
C ALA B 142 8.53 -46.62 -19.19
N LEU B 143 8.38 -46.75 -17.89
CA LEU B 143 7.38 -47.63 -17.31
C LEU B 143 6.98 -47.03 -15.96
N GLY B 144 5.95 -47.58 -15.35
CA GLY B 144 5.53 -47.03 -14.07
C GLY B 144 4.30 -47.73 -13.54
N CYS B 145 3.66 -47.10 -12.57
CA CYS B 145 2.45 -47.68 -12.05
C CYS B 145 1.50 -46.58 -11.61
N LEU B 146 0.22 -46.81 -11.87
CA LEU B 146 -0.84 -45.87 -11.53
C LEU B 146 -1.43 -46.31 -10.19
N VAL B 147 -1.32 -45.44 -9.18
CA VAL B 147 -1.82 -45.70 -7.84
C VAL B 147 -3.12 -44.92 -7.77
N LYS B 148 -4.22 -45.60 -8.03
CA LYS B 148 -5.51 -44.93 -8.09
C LYS B 148 -6.52 -45.19 -6.97
N ASP B 149 -7.34 -44.16 -6.72
CA ASP B 149 -8.42 -44.20 -5.74
C ASP B 149 -8.13 -44.57 -4.30
N TYR B 150 -7.30 -43.77 -3.64
CA TYR B 150 -7.01 -44.01 -2.25
C TYR B 150 -7.35 -42.77 -1.43
N PHE B 151 -7.49 -42.96 -0.13
CA PHE B 151 -7.81 -41.88 0.78
C PHE B 151 -7.48 -42.36 2.18
N PRO B 152 -6.84 -41.50 2.97
CA PRO B 152 -6.42 -40.16 2.58
C PRO B 152 -4.96 -40.23 2.14
N GLU B 153 -4.32 -39.09 1.96
CA GLU B 153 -2.90 -39.08 1.63
C GLU B 153 -2.23 -39.53 2.93
N PRO B 154 -0.98 -40.01 2.86
CA PRO B 154 -0.22 -40.14 1.62
C PRO B 154 0.03 -41.61 1.34
N VAL B 155 0.68 -41.87 0.21
CA VAL B 155 1.08 -43.22 -0.16
C VAL B 155 2.58 -43.07 -0.40
N THR B 156 3.32 -44.16 -0.28
CA THR B 156 4.74 -44.09 -0.54
C THR B 156 4.95 -45.07 -1.68
N VAL B 157 5.89 -44.74 -2.56
CA VAL B 157 6.17 -45.59 -3.69
C VAL B 157 7.67 -45.73 -3.86
N SER B 158 8.14 -46.97 -4.00
CA SER B 158 9.55 -47.22 -4.22
C SER B 158 9.59 -48.25 -5.34
N TRP B 159 10.76 -48.42 -5.94
CA TRP B 159 10.91 -49.39 -7.02
C TRP B 159 11.95 -50.45 -6.63
N ASN B 160 11.61 -51.71 -6.88
CA ASN B 160 12.52 -52.81 -6.56
C ASN B 160 13.05 -52.68 -5.13
N SER B 161 12.13 -52.50 -4.19
CA SER B 161 12.46 -52.38 -2.77
C SER B 161 13.49 -51.29 -2.46
N GLY B 162 13.55 -50.28 -3.32
CA GLY B 162 14.50 -49.19 -3.09
C GLY B 162 15.81 -49.33 -3.84
N ALA B 163 16.03 -50.45 -4.50
CA ALA B 163 17.28 -50.63 -5.24
C ALA B 163 17.32 -49.72 -6.47
N LEU B 164 16.15 -49.40 -7.01
CA LEU B 164 16.06 -48.54 -8.19
C LEU B 164 15.61 -47.13 -7.81
N THR B 165 16.47 -46.13 -8.01
CA THR B 165 16.15 -44.74 -7.65
C THR B 165 16.43 -43.74 -8.76
N SER B 166 17.41 -44.03 -9.61
CA SER B 166 17.76 -43.11 -10.70
C SER B 166 16.69 -43.12 -11.79
N GLY B 167 16.30 -41.93 -12.25
CA GLY B 167 15.30 -41.85 -13.30
C GLY B 167 13.87 -41.98 -12.81
N VAL B 168 13.69 -42.14 -11.51
CA VAL B 168 12.35 -42.27 -10.93
C VAL B 168 11.69 -40.90 -10.76
N HIS B 169 10.41 -40.83 -11.06
CA HIS B 169 9.64 -39.62 -10.90
C HIS B 169 8.29 -40.01 -10.33
N THR B 170 8.08 -39.68 -9.06
CA THR B 170 6.81 -39.99 -8.41
C THR B 170 6.11 -38.64 -8.30
N PHE B 171 5.03 -38.50 -9.06
CA PHE B 171 4.26 -37.26 -9.13
C PHE B 171 3.38 -36.94 -7.94
N PRO B 172 3.10 -35.66 -7.72
CA PRO B 172 2.25 -35.29 -6.59
C PRO B 172 0.87 -35.87 -6.88
N ALA B 173 0.16 -36.24 -5.82
CA ALA B 173 -1.18 -36.80 -5.97
C ALA B 173 -2.14 -35.72 -6.45
N VAL B 174 -3.22 -36.14 -7.09
CA VAL B 174 -4.25 -35.20 -7.54
C VAL B 174 -5.54 -35.68 -6.91
N LEU B 175 -6.37 -34.76 -6.43
CA LEU B 175 -7.64 -35.12 -5.82
C LEU B 175 -8.67 -35.23 -6.93
N GLN B 176 -9.35 -36.38 -6.99
CA GLN B 176 -10.36 -36.60 -8.02
C GLN B 176 -11.73 -36.11 -7.57
N SER B 177 -12.62 -35.88 -8.54
CA SER B 177 -13.97 -35.40 -8.24
C SER B 177 -14.71 -36.36 -7.29
N SER B 178 -14.23 -37.60 -7.24
CA SER B 178 -14.84 -38.60 -6.37
C SER B 178 -14.45 -38.40 -4.92
N GLY B 179 -13.46 -37.53 -4.67
CA GLY B 179 -13.00 -37.29 -3.31
C GLY B 179 -11.80 -38.18 -2.99
N LEU B 180 -11.39 -39.01 -3.95
CA LEU B 180 -10.25 -39.91 -3.75
C LEU B 180 -9.03 -39.41 -4.50
N TYR B 181 -7.84 -39.74 -3.99
CA TYR B 181 -6.60 -39.31 -4.62
C TYR B 181 -6.07 -40.32 -5.64
N SER B 182 -5.16 -39.84 -6.48
CA SER B 182 -4.55 -40.68 -7.49
C SER B 182 -3.17 -40.11 -7.82
N LEU B 183 -2.19 -40.97 -8.06
CA LEU B 183 -0.87 -40.51 -8.44
C LEU B 183 -0.20 -41.56 -9.27
N SER B 184 0.84 -41.14 -9.99
CA SER B 184 1.59 -42.07 -10.83
C SER B 184 3.07 -41.94 -10.49
N SER B 185 3.77 -43.05 -10.59
CA SER B 185 5.20 -43.05 -10.36
C SER B 185 5.74 -43.70 -11.63
N VAL B 186 6.76 -43.09 -12.22
CA VAL B 186 7.37 -43.65 -13.43
C VAL B 186 8.88 -43.67 -13.26
N VAL B 187 9.53 -44.42 -14.15
CA VAL B 187 10.97 -44.52 -14.13
C VAL B 187 11.43 -44.89 -15.54
N THR B 188 12.58 -44.37 -15.94
CA THR B 188 13.12 -44.70 -17.25
C THR B 188 14.31 -45.62 -17.02
N VAL B 189 14.41 -46.65 -17.85
CA VAL B 189 15.49 -47.62 -17.74
C VAL B 189 15.98 -48.03 -19.12
N PRO B 190 17.15 -48.66 -19.20
CA PRO B 190 17.60 -49.05 -20.54
C PRO B 190 16.70 -50.15 -21.09
N SER B 191 16.33 -50.02 -22.35
CA SER B 191 15.46 -51.01 -23.00
C SER B 191 16.12 -52.38 -22.99
N SER B 192 17.45 -52.39 -22.98
CA SER B 192 18.23 -53.63 -22.97
C SER B 192 18.05 -54.44 -21.69
N SER B 193 17.50 -53.82 -20.66
CA SER B 193 17.30 -54.51 -19.38
C SER B 193 15.94 -55.19 -19.25
N LEU B 194 14.99 -54.81 -20.10
CA LEU B 194 13.64 -55.36 -20.02
C LEU B 194 13.51 -56.88 -20.01
N GLY B 195 14.41 -57.58 -20.68
CA GLY B 195 14.31 -59.02 -20.73
C GLY B 195 14.92 -59.78 -19.57
N THR B 196 15.79 -59.13 -18.81
CA THR B 196 16.46 -59.82 -17.70
C THR B 196 16.28 -59.23 -16.30
N GLN B 197 15.33 -58.33 -16.14
CA GLN B 197 15.08 -57.73 -14.84
C GLN B 197 13.58 -57.49 -14.64
N THR B 198 13.09 -57.83 -13.46
CA THR B 198 11.67 -57.64 -13.16
C THR B 198 11.55 -56.31 -12.44
N TYR B 199 10.65 -55.45 -12.90
CA TYR B 199 10.45 -54.15 -12.27
C TYR B 199 9.19 -54.20 -11.43
N ILE B 200 9.34 -53.87 -10.15
CA ILE B 200 8.22 -53.89 -9.21
C ILE B 200 8.09 -52.55 -8.51
N CYS B 201 6.89 -51.99 -8.51
CA CYS B 201 6.71 -50.74 -7.82
C CYS B 201 6.07 -51.12 -6.48
N ASN B 202 6.72 -50.76 -5.39
CA ASN B 202 6.23 -51.07 -4.05
C ASN B 202 5.40 -49.92 -3.53
N VAL B 203 4.12 -50.18 -3.27
CA VAL B 203 3.23 -49.14 -2.81
C VAL B 203 2.76 -49.40 -1.39
N ASN B 204 2.84 -48.37 -0.55
CA ASN B 204 2.41 -48.48 0.83
C ASN B 204 1.41 -47.38 1.17
N HIS B 205 0.30 -47.76 1.82
CA HIS B 205 -0.71 -46.80 2.24
C HIS B 205 -1.03 -47.11 3.69
N LYS B 206 -0.29 -46.48 4.60
CA LYS B 206 -0.45 -46.70 6.03
C LYS B 206 -1.85 -46.51 6.58
N PRO B 207 -2.55 -45.43 6.17
CA PRO B 207 -3.90 -45.21 6.69
C PRO B 207 -4.83 -46.40 6.59
N SER B 208 -4.62 -47.25 5.58
CA SER B 208 -5.47 -48.42 5.41
C SER B 208 -4.67 -49.71 5.59
N ASN B 209 -3.42 -49.58 6.02
CA ASN B 209 -2.55 -50.74 6.21
C ASN B 209 -2.44 -51.55 4.92
N THR B 210 -2.39 -50.84 3.80
CA THR B 210 -2.29 -51.50 2.51
C THR B 210 -0.86 -51.53 1.98
N LYS B 211 -0.47 -52.69 1.44
CA LYS B 211 0.85 -52.86 0.87
C LYS B 211 0.67 -53.65 -0.41
N VAL B 212 1.14 -53.10 -1.52
CA VAL B 212 1.03 -53.75 -2.82
C VAL B 212 2.34 -53.69 -3.59
N ASP B 213 2.73 -54.82 -4.16
CA ASP B 213 3.96 -54.90 -4.93
C ASP B 213 3.59 -55.36 -6.33
N LYS B 214 3.29 -54.40 -7.20
CA LYS B 214 2.90 -54.69 -8.57
C LYS B 214 4.06 -54.83 -9.53
N ARG B 215 4.12 -55.98 -10.19
CA ARG B 215 5.16 -56.21 -11.17
C ARG B 215 4.70 -55.46 -12.42
N VAL B 216 5.63 -54.80 -13.11
CA VAL B 216 5.29 -54.07 -14.31
C VAL B 216 6.02 -54.76 -15.46
N GLU B 217 5.34 -55.72 -16.08
CA GLU B 217 5.96 -56.47 -17.15
C GLU B 217 5.75 -55.87 -18.53
N PRO B 218 6.77 -55.98 -19.40
CA PRO B 218 6.75 -55.48 -20.76
C PRO B 218 5.55 -56.05 -21.48
N LYS B 219 5.03 -55.30 -22.45
CA LYS B 219 3.87 -55.76 -23.19
C LYS B 219 4.03 -55.44 -24.68
N SER B 220 3.58 -56.37 -25.52
CA SER B 220 3.67 -56.18 -26.96
C SER B 220 2.28 -56.31 -27.58
N CYS B 221 1.92 -55.35 -28.43
CA CYS B 221 0.62 -55.34 -29.09
C CYS B 221 0.83 -55.18 -30.59
N ASP B 222 1.78 -55.95 -31.11
CA ASP B 222 2.10 -55.91 -32.53
C ASP B 222 1.52 -57.12 -33.23
N LYS B 223 1.22 -56.98 -34.52
CA LYS B 223 0.68 -58.10 -35.28
C LYS B 223 1.82 -58.79 -36.03
N THR B 224 3.04 -58.43 -35.65
CA THR B 224 4.24 -59.01 -36.26
C THR B 224 4.84 -60.06 -35.33
N GLU C 1 47.29 -10.04 0.94
CA GLU C 1 46.98 -8.75 0.27
C GLU C 1 48.23 -7.89 0.16
N ILE C 2 48.25 -7.02 -0.85
CA ILE C 2 49.40 -6.15 -1.05
C ILE C 2 49.29 -4.97 -0.10
N VAL C 3 50.34 -4.77 0.68
CA VAL C 3 50.39 -3.69 1.65
C VAL C 3 51.15 -2.50 1.08
N LEU C 4 50.56 -1.31 1.19
CA LEU C 4 51.19 -0.09 0.72
C LEU C 4 51.57 0.77 1.90
N THR C 5 52.85 1.13 2.00
CA THR C 5 53.30 1.97 3.10
C THR C 5 53.66 3.31 2.51
N GLN C 6 53.18 4.37 3.14
CA GLN C 6 53.42 5.71 2.63
C GLN C 6 54.34 6.52 3.55
N SER C 7 55.19 7.33 2.94
CA SER C 7 56.12 8.14 3.72
C SER C 7 56.36 9.48 3.03
N PRO C 8 56.39 10.57 3.81
CA PRO C 8 56.21 10.53 5.25
C PRO C 8 54.71 10.57 5.56
N ASP C 9 54.36 10.67 6.84
CA ASP C 9 52.94 10.72 7.20
C ASP C 9 52.49 12.18 7.20
N PHE C 10 53.46 13.08 7.29
CA PHE C 10 53.21 14.51 7.34
C PHE C 10 54.41 15.20 6.74
N GLN C 11 54.18 16.25 5.97
CA GLN C 11 55.30 16.99 5.38
C GLN C 11 54.95 18.46 5.26
N SER C 12 55.82 19.30 5.79
CA SER C 12 55.64 20.74 5.76
C SER C 12 56.66 21.31 4.78
N VAL C 13 56.17 22.00 3.75
CA VAL C 13 57.00 22.59 2.71
C VAL C 13 56.55 24.01 2.40
N THR C 14 57.51 24.91 2.23
CA THR C 14 57.19 26.30 1.93
C THR C 14 56.76 26.47 0.49
N PRO C 15 55.84 27.42 0.24
CA PRO C 15 55.32 27.72 -1.10
C PRO C 15 56.40 27.81 -2.17
N LYS C 16 56.02 27.42 -3.39
CA LYS C 16 56.93 27.42 -4.53
C LYS C 16 57.98 26.32 -4.47
N GLU C 17 58.12 25.66 -3.34
CA GLU C 17 59.10 24.61 -3.23
C GLU C 17 58.53 23.24 -3.64
N LYS C 18 59.22 22.18 -3.27
CA LYS C 18 58.83 20.82 -3.65
C LYS C 18 58.48 19.85 -2.53
N VAL C 19 57.44 19.05 -2.75
CA VAL C 19 57.06 18.03 -1.77
C VAL C 19 57.30 16.67 -2.44
N THR C 20 57.74 15.70 -1.66
CA THR C 20 58.01 14.37 -2.19
C THR C 20 57.38 13.33 -1.29
N ILE C 21 56.46 12.56 -1.84
CA ILE C 21 55.76 11.52 -1.09
C ILE C 21 56.09 10.17 -1.70
N THR C 22 56.44 9.22 -0.84
CA THR C 22 56.80 7.88 -1.28
C THR C 22 55.74 6.83 -0.92
N CYS C 23 55.60 5.82 -1.77
CA CYS C 23 54.66 4.74 -1.54
C CYS C 23 55.40 3.45 -1.91
N ARG C 24 55.44 2.50 -0.99
CA ARG C 24 56.13 1.23 -1.25
C ARG C 24 55.16 0.06 -1.12
N ALA C 25 55.24 -0.85 -2.07
CA ALA C 25 54.37 -2.04 -2.11
C ALA C 25 55.11 -3.26 -1.62
N SER C 26 54.41 -4.09 -0.84
CA SER C 26 54.97 -5.31 -0.27
C SER C 26 55.40 -6.33 -1.33
N GLN C 27 54.84 -6.21 -2.54
CA GLN C 27 55.21 -7.08 -3.66
C GLN C 27 55.01 -6.24 -4.91
N SER C 28 55.57 -6.68 -6.03
CA SER C 28 55.46 -5.92 -7.27
C SER C 28 54.04 -5.70 -7.76
N ILE C 29 53.77 -4.45 -8.17
CA ILE C 29 52.46 -4.12 -8.71
C ILE C 29 52.61 -3.49 -10.09
N GLY C 30 53.79 -3.64 -10.68
CA GLY C 30 54.04 -3.09 -12.01
C GLY C 30 53.90 -1.57 -12.01
N SER C 31 52.99 -1.07 -12.85
CA SER C 31 52.76 0.38 -12.91
C SER C 31 51.34 0.70 -12.45
N SER C 32 50.69 -0.27 -11.83
CA SER C 32 49.32 -0.06 -11.37
C SER C 32 49.21 0.58 -9.99
N LEU C 33 49.75 1.80 -9.90
CA LEU C 33 49.71 2.57 -8.67
C LEU C 33 49.18 3.94 -9.04
N HIS C 34 48.20 4.42 -8.29
CA HIS C 34 47.57 5.70 -8.59
C HIS C 34 47.59 6.63 -7.39
N TRP C 35 47.56 7.93 -7.65
CA TRP C 35 47.60 8.93 -6.57
C TRP C 35 46.36 9.80 -6.55
N TYR C 36 45.86 10.06 -5.34
CA TYR C 36 44.68 10.89 -5.18
C TYR C 36 44.95 12.02 -4.20
N GLN C 37 44.24 13.12 -4.39
CA GLN C 37 44.36 14.28 -3.55
C GLN C 37 43.00 14.50 -2.87
N GLN C 38 43.01 14.69 -1.56
CA GLN C 38 41.78 14.96 -0.85
C GLN C 38 41.92 16.21 -0.01
N LYS C 39 41.28 17.28 -0.46
CA LYS C 39 41.32 18.55 0.25
C LYS C 39 40.30 18.50 1.38
N PRO C 40 40.46 19.37 2.39
CA PRO C 40 39.53 19.39 3.52
C PRO C 40 38.07 19.47 3.10
N ASP C 41 37.23 18.68 3.77
CA ASP C 41 35.79 18.65 3.52
C ASP C 41 35.44 18.35 2.06
N GLN C 42 36.21 17.50 1.42
CA GLN C 42 35.97 17.12 0.04
C GLN C 42 36.23 15.65 -0.21
N SER C 43 35.71 15.14 -1.32
CA SER C 43 35.92 13.76 -1.67
C SER C 43 37.23 13.74 -2.47
N PRO C 44 37.91 12.59 -2.51
CA PRO C 44 39.17 12.44 -3.23
C PRO C 44 39.06 12.71 -4.74
N LYS C 45 40.18 13.08 -5.34
CA LYS C 45 40.25 13.34 -6.76
C LYS C 45 41.50 12.70 -7.32
N LEU C 46 41.38 12.07 -8.49
CA LEU C 46 42.50 11.41 -9.13
C LEU C 46 43.55 12.41 -9.63
N LEU C 47 44.80 12.17 -9.29
CA LEU C 47 45.90 13.06 -9.68
C LEU C 47 46.79 12.43 -10.75
N ILE C 48 47.32 11.24 -10.42
CA ILE C 48 48.21 10.51 -11.31
C ILE C 48 47.70 9.08 -11.46
N LYS C 49 47.71 8.57 -12.69
CA LYS C 49 47.27 7.20 -12.92
C LYS C 49 48.43 6.38 -13.46
N TYR C 50 48.39 5.07 -13.19
CA TYR C 50 49.44 4.17 -13.63
C TYR C 50 50.85 4.71 -13.40
N ALA C 51 51.08 5.06 -12.15
CA ALA C 51 52.36 5.54 -11.64
C ALA C 51 52.95 6.85 -12.12
N SER C 52 52.89 7.10 -13.42
CA SER C 52 53.53 8.28 -13.98
C SER C 52 52.72 9.05 -15.01
N GLN C 53 51.48 8.65 -15.26
CA GLN C 53 50.67 9.32 -16.25
C GLN C 53 49.73 10.37 -15.66
N SER C 54 49.87 11.61 -16.11
CA SER C 54 49.04 12.70 -15.61
C SER C 54 47.58 12.46 -16.00
N PHE C 55 46.67 12.87 -15.13
CA PHE C 55 45.24 12.72 -15.37
C PHE C 55 44.69 14.04 -15.90
N SER C 56 43.66 13.97 -16.73
CA SER C 56 43.06 15.17 -17.32
C SER C 56 42.81 16.29 -16.32
N GLY C 57 43.31 17.48 -16.64
CA GLY C 57 43.10 18.62 -15.77
C GLY C 57 44.15 18.80 -14.68
N VAL C 58 45.24 18.02 -14.76
CA VAL C 58 46.31 18.11 -13.77
C VAL C 58 47.62 18.58 -14.42
N PRO C 59 48.14 19.74 -13.95
CA PRO C 59 49.38 20.43 -14.37
C PRO C 59 50.65 19.58 -14.40
N SER C 60 51.56 19.87 -15.33
CA SER C 60 52.80 19.10 -15.44
C SER C 60 53.76 19.29 -14.26
N ARG C 61 53.36 20.10 -13.29
CA ARG C 61 54.18 20.35 -12.09
C ARG C 61 54.06 19.13 -11.17
N PHE C 62 53.04 18.32 -11.42
CA PHE C 62 52.81 17.10 -10.65
C PHE C 62 53.51 15.96 -11.39
N SER C 63 54.39 15.27 -10.69
CA SER C 63 55.11 14.16 -11.31
C SER C 63 54.95 12.87 -10.51
N GLY C 64 54.50 11.82 -11.16
CA GLY C 64 54.40 10.55 -10.49
C GLY C 64 55.51 9.70 -11.09
N SER C 65 56.23 8.92 -10.31
CA SER C 65 57.28 8.09 -10.89
C SER C 65 57.47 6.76 -10.16
N GLY C 66 58.14 5.82 -10.83
CA GLY C 66 58.39 4.52 -10.24
C GLY C 66 57.71 3.36 -10.92
N SER C 67 58.14 2.16 -10.59
CA SER C 67 57.57 0.95 -11.15
C SER C 67 57.98 -0.23 -10.27
N GLY C 68 57.15 -1.26 -10.22
CA GLY C 68 57.49 -2.41 -9.41
C GLY C 68 57.06 -2.27 -7.96
N THR C 69 57.97 -1.81 -7.10
CA THR C 69 57.66 -1.68 -5.69
C THR C 69 57.88 -0.31 -5.06
N ASP C 70 58.59 0.59 -5.74
CA ASP C 70 58.85 1.93 -5.19
C ASP C 70 58.29 3.03 -6.06
N PHE C 71 57.42 3.85 -5.47
CA PHE C 71 56.79 4.93 -6.20
C PHE C 71 56.92 6.26 -5.50
N THR C 72 56.89 7.34 -6.28
CA THR C 72 57.02 8.68 -5.73
C THR C 72 56.07 9.70 -6.38
N LEU C 73 55.46 10.53 -5.56
CA LEU C 73 54.59 11.59 -6.06
C LEU C 73 55.35 12.87 -5.73
N THR C 74 55.61 13.68 -6.74
CA THR C 74 56.33 14.93 -6.53
C THR C 74 55.44 16.10 -6.96
N ILE C 75 55.46 17.16 -6.17
CA ILE C 75 54.69 18.36 -6.46
C ILE C 75 55.68 19.52 -6.47
N ASN C 76 55.95 20.05 -7.66
CA ASN C 76 56.86 21.18 -7.80
C ASN C 76 56.06 22.47 -7.72
N SER C 77 56.73 23.55 -7.33
CA SER C 77 56.11 24.86 -7.21
C SER C 77 54.82 24.79 -6.38
N LEU C 78 54.95 24.22 -5.19
CA LEU C 78 53.81 24.04 -4.29
C LEU C 78 53.01 25.31 -4.04
N GLU C 79 51.69 25.20 -4.14
CA GLU C 79 50.78 26.32 -3.90
C GLU C 79 50.00 26.04 -2.61
N ALA C 80 49.54 27.10 -1.95
CA ALA C 80 48.79 26.96 -0.70
C ALA C 80 47.57 26.04 -0.80
N GLU C 81 46.92 26.03 -1.96
CA GLU C 81 45.75 25.18 -2.13
C GLU C 81 46.10 23.70 -2.25
N ASP C 82 47.38 23.37 -2.35
CA ASP C 82 47.78 21.98 -2.44
C ASP C 82 47.72 21.35 -1.06
N ALA C 83 47.39 22.16 -0.06
CA ALA C 83 47.27 21.67 1.30
C ALA C 83 46.19 20.60 1.27
N ALA C 84 46.59 19.35 1.48
CA ALA C 84 45.63 18.26 1.46
C ALA C 84 46.27 16.96 1.87
N ALA C 85 45.46 15.91 1.87
CA ALA C 85 45.92 14.57 2.19
C ALA C 85 46.13 13.92 0.82
N TYR C 86 47.20 13.15 0.69
CA TYR C 86 47.52 12.47 -0.57
C TYR C 86 47.57 10.97 -0.31
N TYR C 87 46.93 10.20 -1.19
CA TYR C 87 46.88 8.76 -1.03
C TYR C 87 47.32 7.98 -2.26
N CYS C 88 47.97 6.82 -2.06
CA CYS C 88 48.32 5.96 -3.20
C CYS C 88 47.34 4.79 -3.12
N HIS C 89 47.09 4.14 -4.25
CA HIS C 89 46.15 3.03 -4.33
C HIS C 89 46.66 2.07 -5.42
N GLN C 90 46.72 0.77 -5.10
CA GLN C 90 47.17 -0.22 -6.08
C GLN C 90 45.99 -1.01 -6.67
N SER C 91 46.01 -1.18 -7.99
CA SER C 91 44.95 -1.93 -8.66
C SER C 91 45.56 -3.14 -9.38
N SER C 92 46.68 -3.61 -8.85
CA SER C 92 47.36 -4.75 -9.45
C SER C 92 46.75 -6.07 -9.01
N SER C 93 46.45 -6.17 -7.72
CA SER C 93 45.89 -7.41 -7.18
C SER C 93 44.73 -7.20 -6.23
N LEU C 94 43.73 -8.07 -6.32
CA LEU C 94 42.58 -8.01 -5.44
C LEU C 94 42.94 -8.75 -4.16
N PRO C 95 42.51 -8.23 -3.00
CA PRO C 95 41.73 -7.00 -2.81
C PRO C 95 42.57 -5.73 -3.01
N PHE C 96 41.96 -4.71 -3.60
CA PHE C 96 42.66 -3.45 -3.84
C PHE C 96 42.95 -2.79 -2.50
N THR C 97 43.99 -1.99 -2.43
CA THR C 97 44.38 -1.37 -1.17
C THR C 97 44.90 0.06 -1.33
N PHE C 98 44.75 0.85 -0.27
CA PHE C 98 45.24 2.23 -0.25
C PHE C 98 46.38 2.35 0.74
N GLY C 99 47.24 3.34 0.51
CA GLY C 99 48.32 3.60 1.45
C GLY C 99 47.65 4.38 2.58
N PRO C 100 48.29 4.53 3.74
CA PRO C 100 47.73 5.26 4.89
C PRO C 100 47.54 6.74 4.68
N GLY C 101 48.21 7.30 3.68
CA GLY C 101 48.07 8.71 3.40
C GLY C 101 49.19 9.58 3.95
N THR C 102 49.33 10.75 3.36
CA THR C 102 50.35 11.72 3.75
C THR C 102 49.68 13.09 3.74
N LYS C 103 49.78 13.83 4.83
CA LYS C 103 49.19 15.16 4.87
C LYS C 103 50.25 16.18 4.50
N VAL C 104 49.91 17.09 3.60
CA VAL C 104 50.85 18.12 3.19
C VAL C 104 50.45 19.44 3.82
N ASP C 105 51.39 20.03 4.55
CA ASP C 105 51.20 21.30 5.24
C ASP C 105 52.00 22.40 4.56
N ILE C 106 51.35 23.55 4.33
CA ILE C 106 51.98 24.71 3.70
C ILE C 106 52.74 25.52 4.75
N LYS C 107 54.06 25.55 4.60
CA LYS C 107 54.98 26.23 5.52
C LYS C 107 55.09 27.75 5.39
N ARG C 108 54.16 28.47 6.01
CA ARG C 108 54.17 29.93 5.98
C ARG C 108 55.02 30.49 7.14
N THR C 109 55.05 31.81 7.27
CA THR C 109 55.82 32.44 8.33
C THR C 109 55.16 32.08 9.66
N VAL C 110 55.91 32.20 10.75
CA VAL C 110 55.36 31.89 12.06
C VAL C 110 54.26 32.87 12.42
N ALA C 111 53.20 32.39 13.06
CA ALA C 111 52.09 33.25 13.48
C ALA C 111 51.67 32.82 14.88
N ALA C 112 51.78 33.75 15.82
CA ALA C 112 51.42 33.47 17.20
C ALA C 112 49.93 33.32 17.37
N PRO C 113 49.52 32.39 18.23
CA PRO C 113 48.08 32.26 18.41
C PRO C 113 47.60 33.38 19.32
N SER C 114 46.36 33.80 19.12
CA SER C 114 45.75 34.79 20.00
C SER C 114 45.05 33.83 20.98
N VAL C 115 45.36 33.93 22.26
CA VAL C 115 44.76 33.03 23.25
C VAL C 115 43.60 33.67 24.00
N PHE C 116 42.54 32.88 24.19
CA PHE C 116 41.33 33.35 24.86
C PHE C 116 40.82 32.26 25.78
N ILE C 117 40.31 32.62 26.95
CA ILE C 117 39.78 31.62 27.85
C ILE C 117 38.34 31.98 28.18
N PHE C 118 37.48 30.95 28.26
CA PHE C 118 36.07 31.15 28.52
C PHE C 118 35.63 30.35 29.73
N PRO C 119 35.15 31.04 30.78
CA PRO C 119 34.69 30.32 31.97
C PRO C 119 33.35 29.69 31.60
N PRO C 120 32.88 28.69 32.37
CA PRO C 120 31.59 28.09 32.01
C PRO C 120 30.47 29.13 32.17
N SER C 121 29.36 28.94 31.45
CA SER C 121 28.24 29.87 31.54
C SER C 121 27.34 29.51 32.72
N ASP C 122 26.53 30.48 33.17
CA ASP C 122 25.62 30.25 34.28
C ASP C 122 24.64 29.16 33.87
N GLU C 123 24.18 29.21 32.63
CA GLU C 123 23.25 28.21 32.11
C GLU C 123 23.75 26.80 32.31
N GLN C 124 24.99 26.54 31.89
CA GLN C 124 25.56 25.19 32.03
C GLN C 124 25.81 24.84 33.49
N LEU C 125 26.24 25.82 34.28
CA LEU C 125 26.48 25.56 35.68
C LEU C 125 25.21 25.05 36.34
N LYS C 126 24.09 25.75 36.13
CA LYS C 126 22.85 25.32 36.75
C LYS C 126 22.39 23.95 36.27
N SER C 127 22.99 23.44 35.19
CA SER C 127 22.63 22.12 34.68
C SER C 127 23.53 21.07 35.38
N GLY C 128 24.46 21.54 36.21
CA GLY C 128 25.32 20.63 36.94
C GLY C 128 26.70 20.33 36.37
N THR C 129 27.08 21.02 35.30
CA THR C 129 28.38 20.77 34.66
C THR C 129 29.08 22.09 34.35
N ALA C 130 30.40 22.05 34.27
CA ALA C 130 31.20 23.24 33.97
C ALA C 130 32.26 22.93 32.92
N SER C 131 32.17 23.61 31.78
CA SER C 131 33.15 23.42 30.73
C SER C 131 33.98 24.69 30.60
N VAL C 132 35.30 24.55 30.69
CA VAL C 132 36.19 25.70 30.55
C VAL C 132 36.85 25.50 29.18
N VAL C 133 36.76 26.52 28.34
CA VAL C 133 37.33 26.45 26.99
C VAL C 133 38.48 27.44 26.78
N CYS C 134 39.58 26.93 26.25
CA CYS C 134 40.77 27.73 25.94
C CYS C 134 40.87 27.69 24.40
N LEU C 135 40.97 28.86 23.78
CA LEU C 135 41.06 28.96 22.33
C LEU C 135 42.39 29.57 21.85
N LEU C 136 43.04 28.87 20.91
CA LEU C 136 44.29 29.34 20.29
C LEU C 136 43.85 29.67 18.87
N ASN C 137 43.84 30.95 18.51
CA ASN C 137 43.37 31.35 17.20
C ASN C 137 44.43 31.77 16.17
N ASN C 138 44.27 31.23 14.96
CA ASN C 138 45.13 31.53 13.82
C ASN C 138 46.64 31.50 14.04
N PHE C 139 47.17 30.33 14.35
CA PHE C 139 48.60 30.17 14.59
C PHE C 139 49.27 29.24 13.58
N TYR C 140 50.58 29.39 13.46
CA TYR C 140 51.40 28.56 12.59
C TYR C 140 52.82 28.57 13.16
N PRO C 141 53.49 27.41 13.21
CA PRO C 141 53.05 26.08 12.77
C PRO C 141 52.04 25.38 13.70
N ARG C 142 51.65 24.18 13.30
CA ARG C 142 50.68 23.37 14.03
C ARG C 142 51.11 23.02 15.44
N GLU C 143 52.39 22.68 15.60
CA GLU C 143 52.90 22.29 16.91
C GLU C 143 52.66 23.35 17.99
N ALA C 144 51.85 23.01 18.97
CA ALA C 144 51.54 23.91 20.08
C ALA C 144 51.22 23.12 21.34
N LYS C 145 51.75 23.57 22.46
CA LYS C 145 51.51 22.89 23.74
C LYS C 145 50.51 23.68 24.58
N VAL C 146 49.43 23.02 24.99
CA VAL C 146 48.41 23.66 25.81
C VAL C 146 48.33 22.91 27.13
N GLN C 147 48.61 23.60 28.22
CA GLN C 147 48.59 22.96 29.54
C GLN C 147 47.58 23.61 30.47
N TRP C 148 46.79 22.77 31.13
CA TRP C 148 45.78 23.23 32.08
C TRP C 148 46.31 23.20 33.49
N LYS C 149 46.02 24.26 34.24
CA LYS C 149 46.42 24.34 35.64
C LYS C 149 45.23 24.84 36.42
N VAL C 150 44.84 24.08 37.45
CA VAL C 150 43.73 24.42 38.32
C VAL C 150 44.36 24.64 39.68
N ASP C 151 44.27 25.87 40.17
CA ASP C 151 44.88 26.25 41.43
C ASP C 151 46.37 25.90 41.38
N ASN C 152 46.95 26.12 40.21
CA ASN C 152 48.36 25.88 39.94
C ASN C 152 48.73 24.40 39.86
N ALA C 153 47.73 23.52 39.85
CA ALA C 153 48.00 22.09 39.75
C ALA C 153 47.90 21.69 38.28
N LEU C 154 48.95 21.10 37.76
CA LEU C 154 48.97 20.68 36.36
C LEU C 154 47.99 19.55 36.10
N GLN C 155 47.16 19.71 35.08
CA GLN C 155 46.19 18.69 34.73
C GLN C 155 46.78 17.86 33.61
N SER C 156 46.33 16.61 33.50
CA SER C 156 46.82 15.74 32.45
C SER C 156 45.80 14.66 32.15
N GLY C 157 45.49 14.49 30.87
CA GLY C 157 44.55 13.49 30.44
C GLY C 157 43.07 13.76 30.67
N ASN C 158 42.72 14.92 31.23
CA ASN C 158 41.31 15.21 31.48
C ASN C 158 40.68 16.31 30.61
N SER C 159 41.34 16.70 29.53
CA SER C 159 40.83 17.72 28.63
C SER C 159 40.75 17.22 27.19
N GLN C 160 39.94 17.86 26.34
CA GLN C 160 39.84 17.44 24.95
C GLN C 160 40.34 18.54 24.02
N GLU C 161 41.17 18.17 23.07
CA GLU C 161 41.69 19.12 22.10
C GLU C 161 41.12 18.85 20.71
N SER C 162 40.72 19.92 20.03
CA SER C 162 40.19 19.83 18.68
C SER C 162 40.90 20.90 17.84
N VAL C 163 41.39 20.52 16.66
CA VAL C 163 42.10 21.44 15.76
C VAL C 163 41.48 21.51 14.37
N THR C 164 41.40 22.72 13.82
CA THR C 164 40.84 22.91 12.49
C THR C 164 41.87 22.52 11.42
N GLU C 165 41.41 22.46 10.17
CA GLU C 165 42.29 22.14 9.05
C GLU C 165 43.06 23.42 8.75
N GLN C 166 44.21 23.31 8.11
CA GLN C 166 44.98 24.50 7.78
C GLN C 166 44.08 25.42 6.95
N ASP C 167 43.98 26.68 7.35
CA ASP C 167 43.13 27.64 6.66
C ASP C 167 43.59 27.85 5.22
N SER C 168 42.69 28.39 4.40
CA SER C 168 43.00 28.62 2.99
C SER C 168 43.34 30.09 2.69
N LYS C 169 42.85 30.98 3.54
CA LYS C 169 43.11 32.41 3.36
C LYS C 169 44.43 32.86 3.98
N ASP C 170 44.89 32.14 5.01
CA ASP C 170 46.14 32.51 5.67
C ASP C 170 47.00 31.32 6.09
N SER C 171 46.59 30.12 5.70
CA SER C 171 47.34 28.91 6.03
C SER C 171 47.60 28.72 7.53
N THR C 172 46.71 29.23 8.37
CA THR C 172 46.88 29.06 9.80
C THR C 172 45.98 27.96 10.34
N TYR C 173 46.20 27.61 11.60
CA TYR C 173 45.43 26.60 12.30
C TYR C 173 44.78 27.27 13.51
N SER C 174 43.74 26.64 14.05
CA SER C 174 43.06 27.13 15.23
C SER C 174 42.84 25.90 16.09
N LEU C 175 42.90 26.06 17.41
CA LEU C 175 42.74 24.93 18.29
C LEU C 175 41.94 25.25 19.54
N SER C 176 41.15 24.27 19.96
CA SER C 176 40.32 24.41 21.14
C SER C 176 40.74 23.35 22.14
N SER C 177 40.76 23.72 23.42
CA SER C 177 41.08 22.77 24.47
C SER C 177 39.98 22.97 25.51
N THR C 178 39.26 21.89 25.80
CA THR C 178 38.15 21.95 26.74
C THR C 178 38.36 21.07 27.96
N LEU C 179 38.13 21.65 29.12
CA LEU C 179 38.25 20.96 30.39
C LEU C 179 36.84 20.97 30.97
N THR C 180 36.27 19.80 31.20
CA THR C 180 34.92 19.73 31.72
C THR C 180 34.88 19.06 33.10
N LEU C 181 34.20 19.70 34.04
CA LEU C 181 34.11 19.17 35.39
C LEU C 181 32.67 19.23 35.90
N SER C 182 32.40 18.54 36.99
CA SER C 182 31.08 18.59 37.58
C SER C 182 31.04 19.97 38.25
N LYS C 183 29.85 20.52 38.42
CA LYS C 183 29.72 21.82 39.09
C LYS C 183 30.41 21.75 40.46
N ALA C 184 30.21 20.65 41.17
CA ALA C 184 30.81 20.48 42.50
C ALA C 184 32.33 20.56 42.46
N ASP C 185 32.96 19.80 41.57
CA ASP C 185 34.42 19.82 41.45
C ASP C 185 34.90 21.21 41.03
N TYR C 186 34.18 21.82 40.11
CA TYR C 186 34.52 23.16 39.62
C TYR C 186 34.57 24.16 40.76
N GLU C 187 33.56 24.09 41.63
CA GLU C 187 33.45 25.00 42.76
C GLU C 187 34.43 24.73 43.90
N LYS C 188 35.23 23.68 43.76
CA LYS C 188 36.23 23.35 44.77
C LYS C 188 37.54 24.10 44.50
N HIS C 189 37.62 24.75 43.35
CA HIS C 189 38.84 25.46 42.98
C HIS C 189 38.65 26.93 42.67
N LYS C 190 39.71 27.71 42.85
CA LYS C 190 39.65 29.15 42.61
C LYS C 190 40.10 29.62 41.24
N VAL C 191 41.31 29.25 40.84
CA VAL C 191 41.85 29.70 39.57
C VAL C 191 41.97 28.64 38.48
N TYR C 192 41.52 28.98 37.28
CA TYR C 192 41.63 28.07 36.14
C TYR C 192 42.51 28.73 35.09
N ALA C 193 43.49 28.00 34.59
CA ALA C 193 44.40 28.59 33.61
C ALA C 193 44.89 27.62 32.54
N CYS C 194 45.18 28.16 31.35
CA CYS C 194 45.74 27.36 30.27
C CYS C 194 46.98 28.10 29.78
N GLU C 195 48.11 27.44 29.88
CA GLU C 195 49.37 28.02 29.46
C GLU C 195 49.68 27.51 28.05
N VAL C 196 49.96 28.44 27.15
CA VAL C 196 50.25 28.10 25.76
C VAL C 196 51.70 28.37 25.36
N THR C 197 52.33 27.35 24.82
CA THR C 197 53.72 27.42 24.36
C THR C 197 53.69 27.26 22.84
N HIS C 198 54.27 28.22 22.13
CA HIS C 198 54.29 28.20 20.68
C HIS C 198 55.50 28.98 20.14
N GLN C 199 55.90 28.69 18.91
CA GLN C 199 57.04 29.35 18.27
C GLN C 199 56.85 30.86 18.08
N GLY C 200 55.61 31.29 17.91
CA GLY C 200 55.34 32.70 17.72
C GLY C 200 55.24 33.47 19.02
N LEU C 201 55.51 32.78 20.12
CA LEU C 201 55.45 33.38 21.45
C LEU C 201 56.83 33.28 22.09
N SER C 202 57.50 34.41 22.25
CA SER C 202 58.84 34.41 22.84
C SER C 202 58.77 33.85 24.24
N SER C 203 57.59 33.94 24.83
CA SER C 203 57.36 33.44 26.18
C SER C 203 55.94 32.87 26.26
N PRO C 204 55.77 31.75 26.97
CA PRO C 204 54.45 31.10 27.12
C PRO C 204 53.38 32.07 27.59
N VAL C 205 52.24 32.08 26.91
CA VAL C 205 51.14 32.96 27.28
C VAL C 205 50.11 32.24 28.14
N THR C 206 49.77 32.84 29.27
CA THR C 206 48.80 32.25 30.17
C THR C 206 47.55 33.10 30.26
N LYS C 207 46.42 32.47 30.04
CA LYS C 207 45.14 33.13 30.13
C LYS C 207 44.42 32.39 31.26
N SER C 208 44.00 33.13 32.28
CA SER C 208 43.36 32.50 33.43
C SER C 208 42.27 33.38 34.04
N PHE C 209 41.58 32.83 35.03
CA PHE C 209 40.54 33.58 35.70
C PHE C 209 40.20 33.02 37.06
N ASN C 210 39.59 33.87 37.88
CA ASN C 210 39.12 33.49 39.22
C ASN C 210 37.70 33.05 39.00
N ARG C 211 37.34 31.89 39.55
CA ARG C 211 35.98 31.41 39.40
C ARG C 211 35.02 32.55 39.80
N GLY C 212 34.16 32.95 38.86
CA GLY C 212 33.23 34.04 39.15
C GLY C 212 33.52 35.32 38.37
N GLU C 213 34.72 35.43 37.81
CA GLU C 213 35.09 36.60 37.04
C GLU C 213 35.21 36.25 35.56
N CYS C 214 35.50 37.27 34.75
CA CYS C 214 35.66 37.11 33.31
C CYS C 214 36.08 38.45 32.69
N PCA D 1 27.72 16.41 -17.30
CA PCA D 1 28.85 16.13 -16.45
CB PCA D 1 28.93 17.36 -15.53
CG PCA D 1 27.66 18.14 -15.81
CD PCA D 1 27.04 17.49 -17.01
OE PCA D 1 26.05 17.89 -17.64
C PCA D 1 28.62 14.83 -15.68
O PCA D 1 27.48 14.45 -15.36
N VAL D 2 29.71 14.13 -15.38
CA VAL D 2 29.63 12.89 -14.63
C VAL D 2 29.24 13.21 -13.19
N GLN D 3 28.20 12.55 -12.70
CA GLN D 3 27.77 12.78 -11.33
C GLN D 3 27.52 11.46 -10.60
N LEU D 4 27.82 11.45 -9.31
CA LEU D 4 27.62 10.27 -8.47
C LEU D 4 27.05 10.79 -7.16
N VAL D 5 25.86 10.30 -6.78
CA VAL D 5 25.24 10.79 -5.55
C VAL D 5 24.85 9.64 -4.63
N GLU D 6 25.57 9.53 -3.51
CA GLU D 6 25.32 8.49 -2.52
C GLU D 6 24.21 8.90 -1.57
N SER D 7 23.47 7.92 -1.08
CA SER D 7 22.40 8.15 -0.13
C SER D 7 22.19 6.89 0.73
N GLY D 8 21.39 7.02 1.77
CA GLY D 8 21.12 5.88 2.64
C GLY D 8 21.85 5.96 3.96
N GLY D 9 22.79 6.90 4.07
CA GLY D 9 23.56 7.05 5.30
C GLY D 9 22.70 7.37 6.52
N GLY D 10 23.13 6.93 7.69
CA GLY D 10 22.39 7.18 8.91
C GLY D 10 22.91 6.37 10.08
N VAL D 11 22.12 6.33 11.15
CA VAL D 11 22.49 5.59 12.35
C VAL D 11 21.98 4.17 12.32
N VAL D 12 22.85 3.23 12.67
CA VAL D 12 22.51 1.82 12.71
C VAL D 12 23.03 1.27 14.02
N GLN D 13 22.20 0.50 14.71
CA GLN D 13 22.62 -0.11 15.96
C GLN D 13 23.50 -1.31 15.65
N PRO D 14 24.49 -1.58 16.51
CA PRO D 14 25.40 -2.71 16.32
C PRO D 14 24.62 -4.00 16.05
N GLY D 15 25.02 -4.73 15.01
CA GLY D 15 24.35 -5.96 14.68
C GLY D 15 23.28 -5.85 13.61
N ARG D 16 22.79 -4.64 13.38
CA ARG D 16 21.75 -4.43 12.38
C ARG D 16 22.31 -4.24 10.97
N SER D 17 21.42 -3.92 10.03
CA SER D 17 21.86 -3.76 8.65
C SER D 17 21.43 -2.45 8.01
N LEU D 18 22.11 -2.11 6.90
CA LEU D 18 21.83 -0.89 6.18
C LEU D 18 22.25 -1.05 4.73
N ARG D 19 21.46 -0.48 3.83
CA ARG D 19 21.80 -0.54 2.41
C ARG D 19 22.07 0.88 1.92
N LEU D 20 23.19 1.07 1.25
CA LEU D 20 23.55 2.36 0.68
C LEU D 20 23.24 2.34 -0.81
N SER D 21 22.99 3.51 -1.38
CA SER D 21 22.71 3.63 -2.80
C SER D 21 23.56 4.76 -3.39
N CYS D 22 23.82 4.64 -4.68
CA CYS D 22 24.58 5.65 -5.39
C CYS D 22 23.97 5.80 -6.77
N ALA D 23 23.42 6.98 -7.05
CA ALA D 23 22.80 7.25 -8.34
C ALA D 23 23.83 7.93 -9.24
N ALA D 24 24.00 7.36 -10.43
CA ALA D 24 24.96 7.90 -11.39
C ALA D 24 24.25 8.54 -12.56
N SER D 25 24.90 9.52 -13.17
CA SER D 25 24.35 10.17 -14.35
C SER D 25 25.51 10.86 -15.06
N GLY D 26 25.32 11.22 -16.32
CA GLY D 26 26.39 11.89 -17.06
C GLY D 26 27.39 10.99 -17.75
N PHE D 27 27.16 9.67 -17.72
CA PHE D 27 28.05 8.73 -18.39
C PHE D 27 27.33 7.41 -18.60
N THR D 28 27.89 6.55 -19.43
CA THR D 28 27.26 5.26 -19.69
C THR D 28 27.57 4.29 -18.54
N PHE D 29 26.71 4.32 -17.53
CA PHE D 29 26.86 3.50 -16.34
C PHE D 29 27.18 2.03 -16.58
N SER D 30 26.47 1.40 -17.51
CA SER D 30 26.64 -0.02 -17.77
C SER D 30 28.00 -0.49 -18.28
N VAL D 31 28.91 0.43 -18.63
CA VAL D 31 30.21 -0.02 -19.10
C VAL D 31 31.36 0.32 -18.16
N TYR D 32 31.06 0.69 -16.93
CA TYR D 32 32.10 1.04 -15.98
C TYR D 32 31.99 0.21 -14.71
N GLY D 33 33.14 -0.22 -14.20
CA GLY D 33 33.13 -0.95 -12.95
C GLY D 33 32.87 0.11 -11.90
N MET D 34 32.35 -0.29 -10.74
CA MET D 34 32.05 0.66 -9.66
C MET D 34 32.60 0.14 -8.33
N ASN D 35 33.00 1.06 -7.45
CA ASN D 35 33.56 0.71 -6.16
C ASN D 35 32.97 1.48 -4.97
N TRP D 36 33.15 0.93 -3.78
CA TRP D 36 32.77 1.61 -2.55
C TRP D 36 34.10 1.74 -1.81
N VAL D 37 34.33 2.91 -1.23
CA VAL D 37 35.55 3.19 -0.48
C VAL D 37 35.04 3.96 0.72
N ARG D 38 35.54 3.66 1.92
CA ARG D 38 35.06 4.38 3.09
C ARG D 38 36.17 5.06 3.83
N GLN D 39 35.79 5.92 4.77
CA GLN D 39 36.78 6.67 5.53
C GLN D 39 36.26 7.04 6.91
N ALA D 40 36.84 6.41 7.93
CA ALA D 40 36.46 6.69 9.31
C ALA D 40 36.91 8.11 9.65
N PRO D 41 36.16 8.80 10.52
CA PRO D 41 36.45 10.17 10.94
C PRO D 41 37.93 10.39 11.26
N GLY D 42 38.55 11.32 10.55
CA GLY D 42 39.95 11.62 10.77
C GLY D 42 40.93 10.54 10.35
N LYS D 43 40.48 9.52 9.64
CA LYS D 43 41.36 8.43 9.20
C LYS D 43 41.55 8.40 7.69
N GLY D 44 42.22 7.34 7.22
CA GLY D 44 42.48 7.19 5.80
C GLY D 44 41.42 6.48 4.97
N LEU D 45 41.63 6.43 3.66
CA LEU D 45 40.70 5.76 2.76
C LEU D 45 40.90 4.26 2.84
N GLU D 46 39.79 3.53 2.86
CA GLU D 46 39.81 2.07 2.92
C GLU D 46 38.89 1.52 1.84
N TRP D 47 39.46 0.79 0.89
CA TRP D 47 38.67 0.20 -0.18
C TRP D 47 37.72 -0.81 0.43
N VAL D 48 36.48 -0.84 -0.03
CA VAL D 48 35.48 -1.75 0.51
C VAL D 48 35.11 -2.87 -0.47
N ALA D 49 34.72 -2.49 -1.68
CA ALA D 49 34.31 -3.49 -2.64
C ALA D 49 34.25 -2.94 -4.05
N ILE D 50 34.21 -3.87 -5.01
CA ILE D 50 34.13 -3.53 -6.42
C ILE D 50 33.18 -4.49 -7.12
N ILE D 51 32.49 -3.98 -8.14
CA ILE D 51 31.59 -4.79 -8.95
C ILE D 51 31.83 -4.47 -10.43
N TRP D 52 31.96 -5.50 -11.25
CA TRP D 52 32.19 -5.31 -12.68
C TRP D 52 31.04 -4.62 -13.38
N TYR D 53 31.33 -4.02 -14.53
CA TYR D 53 30.34 -3.28 -15.31
C TYR D 53 28.99 -3.98 -15.48
N ASP D 54 29.01 -5.28 -15.77
CA ASP D 54 27.78 -6.04 -15.99
C ASP D 54 27.23 -6.68 -14.73
N GLY D 55 27.87 -6.37 -13.59
CA GLY D 55 27.45 -6.89 -12.31
C GLY D 55 27.65 -8.38 -12.10
N ASP D 56 28.32 -9.05 -13.04
CA ASP D 56 28.50 -10.49 -12.93
C ASP D 56 29.61 -10.96 -11.99
N ASN D 57 30.48 -10.04 -11.58
CA ASN D 57 31.57 -10.38 -10.66
C ASN D 57 31.73 -9.29 -9.62
N GLN D 58 32.12 -9.69 -8.39
CA GLN D 58 32.32 -8.76 -7.28
C GLN D 58 33.49 -9.23 -6.43
N TYR D 59 34.12 -8.29 -5.73
CA TYR D 59 35.24 -8.63 -4.83
C TYR D 59 35.17 -7.70 -3.61
N TYR D 60 35.64 -8.19 -2.46
CA TYR D 60 35.55 -7.46 -1.20
C TYR D 60 36.83 -7.41 -0.41
N ALA D 61 36.96 -6.40 0.44
CA ALA D 61 38.11 -6.28 1.30
C ALA D 61 37.88 -7.32 2.39
N ASP D 62 38.96 -7.80 3.01
CA ASP D 62 38.83 -8.82 4.05
C ASP D 62 37.97 -8.38 5.23
N SER D 63 38.06 -7.10 5.60
CA SER D 63 37.29 -6.59 6.74
C SER D 63 35.77 -6.58 6.58
N VAL D 64 35.26 -6.84 5.38
CA VAL D 64 33.80 -6.83 5.19
C VAL D 64 33.29 -8.09 4.51
N LYS D 65 34.21 -8.97 4.11
CA LYS D 65 33.83 -10.19 3.44
C LYS D 65 32.82 -11.00 4.27
N GLY D 66 31.78 -11.50 3.61
CA GLY D 66 30.78 -12.28 4.30
C GLY D 66 29.71 -11.47 4.99
N ARG D 67 29.89 -10.14 5.04
CA ARG D 67 28.91 -9.27 5.70
C ARG D 67 28.25 -8.29 4.72
N PHE D 68 29.01 -7.88 3.70
CA PHE D 68 28.51 -6.91 2.70
C PHE D 68 28.37 -7.53 1.31
N THR D 69 27.47 -6.97 0.52
CA THR D 69 27.28 -7.41 -0.85
C THR D 69 27.14 -6.16 -1.71
N ILE D 70 27.96 -6.06 -2.76
CA ILE D 70 27.84 -4.91 -3.66
C ILE D 70 27.03 -5.40 -4.86
N SER D 71 26.11 -4.56 -5.34
CA SER D 71 25.27 -4.91 -6.48
C SER D 71 24.92 -3.64 -7.26
N ARG D 72 24.32 -3.81 -8.43
CA ARG D 72 23.96 -2.67 -9.27
C ARG D 72 22.72 -2.96 -10.12
N ASP D 73 22.01 -1.89 -10.47
CA ASP D 73 20.85 -2.00 -11.34
C ASP D 73 21.20 -1.11 -12.53
N ASN D 74 21.66 -1.72 -13.61
CA ASN D 74 22.06 -0.93 -14.76
C ASN D 74 20.92 -0.21 -15.46
N SER D 75 19.70 -0.67 -15.24
CA SER D 75 18.55 -0.04 -15.88
C SER D 75 18.20 1.26 -15.16
N LYS D 76 18.62 1.36 -13.90
CA LYS D 76 18.35 2.57 -13.13
C LYS D 76 19.61 3.37 -12.82
N ASN D 77 20.73 2.98 -13.41
CA ASN D 77 21.99 3.67 -13.16
C ASN D 77 22.24 3.81 -11.66
N THR D 78 22.10 2.72 -10.91
CA THR D 78 22.31 2.76 -9.47
C THR D 78 23.22 1.66 -8.94
N LEU D 79 24.06 2.02 -7.99
CA LEU D 79 24.98 1.09 -7.33
C LEU D 79 24.47 0.91 -5.90
N TYR D 80 24.63 -0.28 -5.34
CA TYR D 80 24.16 -0.52 -3.97
C TYR D 80 25.23 -1.23 -3.14
N LEU D 81 25.10 -1.10 -1.82
CA LEU D 81 25.97 -1.80 -0.89
C LEU D 81 25.04 -2.23 0.25
N GLN D 82 24.86 -3.53 0.38
CA GLN D 82 24.01 -4.06 1.45
C GLN D 82 24.96 -4.47 2.56
N MET D 83 24.85 -3.81 3.70
CA MET D 83 25.75 -4.09 4.82
C MET D 83 24.99 -4.72 6.00
N ASN D 84 25.36 -5.94 6.37
CA ASN D 84 24.73 -6.67 7.47
C ASN D 84 25.71 -6.82 8.64
N GLY D 85 25.19 -7.08 9.83
CA GLY D 85 26.03 -7.26 11.00
C GLY D 85 27.01 -6.14 11.22
N LEU D 86 26.52 -4.90 11.08
CA LEU D 86 27.37 -3.73 11.24
C LEU D 86 27.95 -3.58 12.66
N ARG D 87 29.15 -3.04 12.72
CA ARG D 87 29.83 -2.84 14.00
C ARG D 87 30.34 -1.43 14.09
N ALA D 88 30.65 -0.98 15.30
CA ALA D 88 31.13 0.38 15.50
C ALA D 88 32.26 0.75 14.56
N GLU D 89 33.19 -0.17 14.35
CA GLU D 89 34.32 0.10 13.47
C GLU D 89 33.93 0.31 12.01
N ASP D 90 32.66 0.06 11.68
CA ASP D 90 32.18 0.27 10.31
C ASP D 90 31.69 1.72 10.15
N THR D 91 31.77 2.50 11.22
CA THR D 91 31.37 3.92 11.18
C THR D 91 32.33 4.65 10.25
N ALA D 92 31.79 5.44 9.30
CA ALA D 92 32.63 6.15 8.36
C ALA D 92 31.78 6.81 7.26
N VAL D 93 32.44 7.61 6.44
CA VAL D 93 31.78 8.24 5.30
C VAL D 93 32.02 7.21 4.18
N TYR D 94 30.97 6.83 3.47
CA TYR D 94 31.11 5.84 2.40
C TYR D 94 31.02 6.54 1.05
N TYR D 95 32.04 6.32 0.20
CA TYR D 95 32.09 6.94 -1.11
C TYR D 95 31.86 5.95 -2.23
N CYS D 96 31.19 6.44 -3.27
CA CYS D 96 30.89 5.70 -4.48
C CYS D 96 32.03 6.14 -5.43
N ALA D 97 32.70 5.22 -6.12
CA ALA D 97 33.77 5.61 -7.05
C ALA D 97 33.78 4.80 -8.34
N ARG D 98 33.89 5.48 -9.47
CA ARG D 98 33.90 4.86 -10.78
C ARG D 98 35.32 4.45 -11.12
N ASP D 99 35.50 3.30 -11.75
CA ASP D 99 36.86 2.94 -12.13
C ASP D 99 36.98 2.76 -13.64
N LEU D 100 38.21 2.70 -14.12
CA LEU D 100 38.48 2.54 -15.54
C LEU D 100 39.13 1.17 -15.71
N ARG D 101 38.41 0.25 -16.34
CA ARG D 101 38.90 -1.11 -16.56
C ARG D 101 39.65 -1.60 -15.32
N THR D 102 38.93 -1.62 -14.21
CA THR D 102 39.42 -2.06 -12.89
C THR D 102 40.70 -1.36 -12.41
N GLY D 103 41.02 -0.22 -13.01
CA GLY D 103 42.23 0.51 -12.63
C GLY D 103 41.96 1.61 -11.60
N PRO D 104 42.35 2.86 -11.90
CA PRO D 104 42.15 3.99 -10.99
C PRO D 104 40.68 4.41 -10.85
N PHE D 105 40.37 5.10 -9.76
CA PHE D 105 39.00 5.58 -9.54
C PHE D 105 39.00 7.03 -10.00
N ASP D 106 38.49 7.28 -11.21
CA ASP D 106 38.51 8.62 -11.76
C ASP D 106 37.43 9.60 -11.30
N TYR D 107 36.31 9.10 -10.81
CA TYR D 107 35.26 10.00 -10.32
C TYR D 107 34.71 9.48 -9.00
N TRP D 108 34.55 10.36 -8.01
CA TRP D 108 34.04 9.98 -6.69
C TRP D 108 32.81 10.81 -6.31
N GLY D 109 31.88 10.22 -5.57
CA GLY D 109 30.71 10.96 -5.13
C GLY D 109 31.06 11.80 -3.92
N GLN D 110 30.07 12.47 -3.32
CA GLN D 110 30.33 13.31 -2.16
C GLN D 110 30.41 12.52 -0.85
N GLY D 111 29.83 11.32 -0.84
CA GLY D 111 29.89 10.48 0.34
C GLY D 111 28.63 10.52 1.20
N THR D 112 28.38 9.45 1.96
CA THR D 112 27.22 9.41 2.85
C THR D 112 27.71 8.86 4.19
N LEU D 113 27.34 9.52 5.28
CA LEU D 113 27.77 9.10 6.60
C LEU D 113 26.96 8.00 7.25
N VAL D 114 27.67 6.96 7.70
CA VAL D 114 27.06 5.82 8.39
C VAL D 114 27.61 5.78 9.80
N THR D 115 26.72 5.86 10.79
CA THR D 115 27.14 5.84 12.19
C THR D 115 26.59 4.61 12.87
N VAL D 116 27.48 3.71 13.30
CA VAL D 116 27.06 2.49 13.97
C VAL D 116 27.26 2.74 15.46
N SER D 117 26.14 2.81 16.18
CA SER D 117 26.19 3.12 17.62
C SER D 117 24.87 2.80 18.33
N SER D 118 24.96 2.56 19.64
CA SER D 118 23.78 2.27 20.45
C SER D 118 23.23 3.54 21.09
N ALA D 119 23.89 4.67 20.87
CA ALA D 119 23.45 5.94 21.45
C ALA D 119 22.07 6.38 20.96
N SER D 120 21.30 7.04 21.85
CA SER D 120 19.97 7.53 21.51
C SER D 120 20.11 8.89 20.85
N THR D 121 19.25 9.18 19.87
CA THR D 121 19.30 10.47 19.21
C THR D 121 19.13 11.54 20.27
N LYS D 122 19.94 12.60 20.20
CA LYS D 122 19.86 13.67 21.20
C LYS D 122 20.33 15.00 20.62
N GLY D 123 19.49 16.03 20.73
CA GLY D 123 19.86 17.35 20.24
C GLY D 123 20.88 17.97 21.17
N PRO D 124 21.70 18.90 20.69
CA PRO D 124 22.71 19.52 21.54
C PRO D 124 22.22 20.60 22.50
N SER D 125 22.95 20.76 23.60
CA SER D 125 22.68 21.82 24.57
C SER D 125 23.64 22.91 24.07
N VAL D 126 23.13 24.12 23.88
CA VAL D 126 23.97 25.19 23.38
C VAL D 126 24.25 26.23 24.48
N PHE D 127 25.52 26.44 24.76
CA PHE D 127 25.93 27.38 25.80
C PHE D 127 26.77 28.50 25.20
N PRO D 128 26.64 29.71 25.73
CA PRO D 128 27.42 30.81 25.18
C PRO D 128 28.85 30.86 25.69
N LEU D 129 29.76 31.27 24.81
CA LEU D 129 31.16 31.44 25.16
C LEU D 129 31.28 32.96 25.02
N ALA D 130 30.76 33.66 26.01
CA ALA D 130 30.70 35.12 26.06
C ALA D 130 32.00 35.91 25.91
N PRO D 131 31.93 37.02 25.15
CA PRO D 131 33.10 37.86 24.94
C PRO D 131 33.21 38.75 26.18
N SER D 132 34.27 38.54 26.95
CA SER D 132 34.49 39.33 28.15
C SER D 132 35.88 39.91 28.10
N SER D 133 36.40 40.35 29.24
CA SER D 133 37.75 40.90 29.25
C SER D 133 38.76 39.76 29.08
N LYS D 134 38.32 38.53 29.35
CA LYS D 134 39.15 37.33 29.21
C LYS D 134 39.03 36.78 27.79
N SER D 135 38.09 37.34 27.03
CA SER D 135 37.84 36.95 25.64
C SER D 135 38.28 38.08 24.72
N THR D 136 38.83 39.14 25.31
CA THR D 136 39.31 40.28 24.55
C THR D 136 40.83 40.33 24.56
N SER D 137 41.41 40.55 23.38
CA SER D 137 42.86 40.61 23.22
C SER D 137 43.22 41.85 22.40
N GLY D 138 43.17 43.02 23.03
CA GLY D 138 43.47 44.25 22.34
C GLY D 138 42.22 44.77 21.66
N GLY D 139 42.29 44.97 20.34
CA GLY D 139 41.15 45.46 19.62
C GLY D 139 40.29 44.32 19.10
N THR D 140 40.74 43.09 19.32
CA THR D 140 40.02 41.92 18.86
C THR D 140 39.39 41.12 20.01
N ALA D 141 38.11 40.81 19.88
CA ALA D 141 37.41 40.04 20.91
C ALA D 141 37.00 38.69 20.33
N ALA D 142 36.97 37.66 21.17
CA ALA D 142 36.57 36.34 20.73
C ALA D 142 35.32 35.91 21.47
N LEU D 143 34.42 35.25 20.75
CA LEU D 143 33.17 34.76 21.33
C LEU D 143 32.78 33.50 20.58
N GLY D 144 31.79 32.80 21.09
CA GLY D 144 31.38 31.58 20.42
C GLY D 144 30.25 30.84 21.13
N CYS D 145 30.06 29.60 20.71
CA CYS D 145 29.02 28.74 21.28
C CYS D 145 29.55 27.33 21.49
N LEU D 146 29.24 26.77 22.65
CA LEU D 146 29.63 25.40 22.97
C LEU D 146 28.42 24.55 22.62
N VAL D 147 28.58 23.63 21.67
CA VAL D 147 27.48 22.76 21.26
C VAL D 147 27.76 21.44 21.95
N LYS D 148 27.07 21.21 23.06
CA LYS D 148 27.33 20.04 23.86
C LYS D 148 26.38 18.85 23.86
N ASP D 149 27.00 17.67 23.95
CA ASP D 149 26.31 16.39 24.05
C ASP D 149 25.20 16.07 23.05
N TYR D 150 25.55 15.85 21.80
CA TYR D 150 24.51 15.51 20.82
C TYR D 150 24.86 14.21 20.12
N PHE D 151 23.88 13.66 19.42
CA PHE D 151 24.09 12.42 18.67
C PHE D 151 22.95 12.30 17.68
N PRO D 152 23.25 11.98 16.42
CA PRO D 152 24.60 11.73 15.90
C PRO D 152 25.11 12.98 15.18
N GLU D 153 26.22 12.82 14.47
CA GLU D 153 26.76 13.90 13.67
C GLU D 153 25.78 13.95 12.49
N PRO D 154 25.66 15.09 11.80
CA PRO D 154 26.39 16.32 12.09
C PRO D 154 25.46 17.40 12.61
N VAL D 155 26.05 18.53 12.98
CA VAL D 155 25.30 19.71 13.39
C VAL D 155 25.84 20.77 12.45
N THR D 156 25.09 21.84 12.23
CA THR D 156 25.59 22.92 11.41
C THR D 156 25.48 24.15 12.30
N VAL D 157 26.46 25.04 12.20
CA VAL D 157 26.47 26.26 13.00
C VAL D 157 26.74 27.47 12.11
N SER D 158 25.88 28.46 12.20
CA SER D 158 26.08 29.69 11.43
C SER D 158 26.03 30.83 12.44
N TRP D 159 26.39 32.02 12.02
CA TRP D 159 26.35 33.18 12.90
C TRP D 159 25.51 34.28 12.29
N ASN D 160 24.63 34.86 13.11
CA ASN D 160 23.74 35.93 12.65
C ASN D 160 23.03 35.49 11.38
N SER D 161 22.58 34.25 11.37
CA SER D 161 21.88 33.68 10.23
C SER D 161 22.73 33.66 8.96
N GLY D 162 24.03 33.48 9.13
CA GLY D 162 24.91 33.42 7.98
C GLY D 162 25.46 34.74 7.49
N ALA D 163 25.05 35.85 8.10
CA ALA D 163 25.54 37.17 7.69
C ALA D 163 26.99 37.36 8.12
N LEU D 164 27.41 36.62 9.14
CA LEU D 164 28.77 36.69 9.66
C LEU D 164 29.50 35.39 9.34
N THR D 165 30.57 35.48 8.55
CA THR D 165 31.32 34.30 8.17
C THR D 165 32.83 34.42 8.37
N SER D 166 33.38 35.60 8.09
CA SER D 166 34.82 35.77 8.26
C SER D 166 35.21 35.68 9.73
N GLY D 167 36.34 35.02 10.01
CA GLY D 167 36.79 34.89 11.37
C GLY D 167 36.12 33.74 12.12
N VAL D 168 35.17 33.07 11.47
CA VAL D 168 34.45 31.95 12.08
C VAL D 168 35.24 30.66 11.99
N HIS D 169 35.31 29.95 13.11
CA HIS D 169 36.01 28.67 13.18
C HIS D 169 35.14 27.67 13.97
N THR D 170 34.68 26.62 13.29
CA THR D 170 33.86 25.60 13.93
C THR D 170 34.71 24.35 14.00
N PHE D 171 35.00 23.91 15.22
CA PHE D 171 35.86 22.76 15.43
C PHE D 171 35.25 21.39 15.17
N PRO D 172 36.10 20.43 14.76
CA PRO D 172 35.63 19.07 14.50
C PRO D 172 35.13 18.54 15.84
N ALA D 173 33.99 17.86 15.82
CA ALA D 173 33.43 17.31 17.04
C ALA D 173 34.31 16.21 17.59
N VAL D 174 34.21 16.00 18.90
CA VAL D 174 34.94 14.94 19.57
C VAL D 174 33.87 14.01 20.13
N LEU D 175 34.04 12.71 19.93
CA LEU D 175 33.09 11.71 20.44
C LEU D 175 33.58 11.32 21.83
N GLN D 176 32.68 11.31 22.81
CA GLN D 176 33.06 10.96 24.18
C GLN D 176 32.70 9.53 24.55
N SER D 177 33.19 9.08 25.71
CA SER D 177 32.92 7.73 26.19
C SER D 177 31.45 7.61 26.58
N SER D 178 30.75 8.73 26.51
CA SER D 178 29.32 8.75 26.80
C SER D 178 28.59 8.36 25.51
N GLY D 179 29.32 8.39 24.40
CA GLY D 179 28.73 8.07 23.10
C GLY D 179 28.20 9.31 22.40
N LEU D 180 28.32 10.46 23.08
CA LEU D 180 27.83 11.72 22.54
C LEU D 180 28.98 12.59 22.00
N TYR D 181 28.64 13.51 21.10
CA TYR D 181 29.59 14.42 20.46
C TYR D 181 29.47 15.82 21.06
N SER D 182 30.54 16.59 20.94
CA SER D 182 30.58 17.96 21.42
C SER D 182 31.55 18.72 20.54
N LEU D 183 31.28 20.00 20.34
CA LEU D 183 32.15 20.86 19.56
C LEU D 183 31.89 22.29 19.99
N SER D 184 32.76 23.18 19.56
CA SER D 184 32.60 24.58 19.85
C SER D 184 32.75 25.33 18.55
N SER D 185 32.05 26.45 18.44
CA SER D 185 32.15 27.30 17.27
C SER D 185 32.51 28.66 17.83
N VAL D 186 33.51 29.31 17.25
CA VAL D 186 33.94 30.62 17.72
C VAL D 186 34.16 31.59 16.57
N VAL D 187 34.29 32.86 16.91
CA VAL D 187 34.51 33.89 15.93
C VAL D 187 35.21 35.05 16.64
N THR D 188 36.13 35.70 15.93
CA THR D 188 36.84 36.84 16.50
C THR D 188 36.30 38.07 15.79
N VAL D 189 35.97 39.09 16.57
CA VAL D 189 35.43 40.32 16.01
C VAL D 189 36.07 41.52 16.70
N PRO D 190 35.89 42.72 16.14
CA PRO D 190 36.49 43.88 16.82
C PRO D 190 35.80 44.14 18.15
N SER D 191 36.60 44.33 19.20
CA SER D 191 36.10 44.59 20.55
C SER D 191 35.12 45.74 20.59
N SER D 192 35.39 46.77 19.79
CA SER D 192 34.54 47.95 19.75
C SER D 192 33.12 47.67 19.28
N SER D 193 32.89 46.51 18.68
CA SER D 193 31.57 46.17 18.19
C SER D 193 30.73 45.43 19.24
N LEU D 194 31.38 44.92 20.28
CA LEU D 194 30.70 44.17 21.32
C LEU D 194 29.50 44.88 21.94
N GLY D 195 29.53 46.21 21.94
CA GLY D 195 28.42 46.94 22.52
C GLY D 195 27.43 47.41 21.47
N THR D 196 27.82 47.33 20.21
CA THR D 196 26.97 47.78 19.11
C THR D 196 26.23 46.68 18.36
N GLN D 197 26.95 45.65 17.92
CA GLN D 197 26.32 44.58 17.16
C GLN D 197 25.96 43.32 17.95
N THR D 198 24.81 42.75 17.61
CA THR D 198 24.31 41.55 18.26
C THR D 198 24.89 40.32 17.57
N TYR D 199 25.32 39.34 18.36
CA TYR D 199 25.88 38.11 17.84
C TYR D 199 25.05 36.91 18.31
N ILE D 200 24.61 36.09 17.36
CA ILE D 200 23.82 34.91 17.67
C ILE D 200 24.28 33.72 16.84
N CYS D 201 24.54 32.59 17.48
CA CYS D 201 24.95 31.40 16.74
C CYS D 201 23.71 30.59 16.48
N ASN D 202 23.58 30.09 15.25
CA ASN D 202 22.42 29.29 14.88
C ASN D 202 22.85 27.84 14.73
N VAL D 203 22.41 27.02 15.67
CA VAL D 203 22.76 25.60 15.68
C VAL D 203 21.61 24.74 15.18
N ASN D 204 21.87 23.97 14.12
CA ASN D 204 20.86 23.11 13.54
C ASN D 204 21.30 21.65 13.62
N HIS D 205 20.46 20.81 14.21
CA HIS D 205 20.77 19.38 14.31
C HIS D 205 19.62 18.62 13.65
N LYS D 206 19.71 18.44 12.35
CA LYS D 206 18.68 17.75 11.59
C LYS D 206 18.23 16.41 12.17
N PRO D 207 19.18 15.53 12.55
CA PRO D 207 18.81 14.22 13.09
C PRO D 207 17.74 14.26 14.18
N SER D 208 17.73 15.32 14.98
CA SER D 208 16.74 15.44 16.05
C SER D 208 15.75 16.56 15.75
N ASN D 209 15.83 17.13 14.55
CA ASN D 209 14.95 18.23 14.18
C ASN D 209 15.01 19.32 15.24
N THR D 210 16.21 19.59 15.71
CA THR D 210 16.47 20.60 16.73
C THR D 210 17.17 21.80 16.11
N LYS D 211 16.69 22.98 16.45
CA LYS D 211 17.29 24.22 15.97
C LYS D 211 17.33 25.21 17.12
N VAL D 212 18.51 25.72 17.42
CA VAL D 212 18.68 26.65 18.52
C VAL D 212 19.49 27.88 18.10
N ASP D 213 18.94 29.06 18.37
CA ASP D 213 19.64 30.30 18.04
C ASP D 213 19.94 30.95 19.37
N LYS D 214 21.20 30.86 19.80
CA LYS D 214 21.62 31.43 21.08
C LYS D 214 22.29 32.79 20.96
N ARG D 215 21.67 33.81 21.54
CA ARG D 215 22.26 35.13 21.51
C ARG D 215 23.45 35.10 22.47
N VAL D 216 24.60 35.53 21.97
CA VAL D 216 25.82 35.56 22.76
C VAL D 216 26.13 37.01 23.12
N GLU D 217 25.91 37.36 24.38
CA GLU D 217 26.16 38.73 24.82
C GLU D 217 27.35 38.87 25.74
N PRO D 218 27.99 40.05 25.71
CA PRO D 218 29.16 40.30 26.56
C PRO D 218 28.74 40.25 28.02
N LYS D 219 29.61 39.73 28.87
CA LYS D 219 29.32 39.64 30.29
C LYS D 219 30.38 40.47 31.00
N SER D 220 30.00 41.12 32.09
CA SER D 220 30.96 41.95 32.82
C SER D 220 31.05 41.55 34.29
N CYS D 221 32.28 41.32 34.75
CA CYS D 221 32.54 40.94 36.14
C CYS D 221 33.58 41.86 36.76
N ASP D 222 33.28 43.17 36.79
CA ASP D 222 34.21 44.14 37.37
C ASP D 222 34.12 44.14 38.90
N GLU E 1 -14.77 27.84 -18.91
CA GLU E 1 -13.42 27.35 -18.57
C GLU E 1 -12.41 27.78 -19.63
N ILE E 2 -11.14 27.78 -19.27
CA ILE E 2 -10.09 28.18 -20.20
C ILE E 2 -9.76 26.99 -21.09
N VAL E 3 -9.85 27.18 -22.39
CA VAL E 3 -9.55 26.10 -23.32
C VAL E 3 -8.12 26.22 -23.82
N LEU E 4 -7.41 25.10 -23.85
CA LEU E 4 -6.04 25.07 -24.34
C LEU E 4 -6.04 24.27 -25.63
N THR E 5 -5.27 24.74 -26.60
CA THR E 5 -5.12 24.05 -27.89
C THR E 5 -3.64 23.89 -28.11
N GLN E 6 -3.26 22.85 -28.82
CA GLN E 6 -1.85 22.61 -29.10
C GLN E 6 -1.65 22.29 -30.56
N SER E 7 -0.48 22.63 -31.08
CA SER E 7 -0.14 22.34 -32.47
C SER E 7 1.36 22.05 -32.53
N PRO E 8 1.78 21.13 -33.40
CA PRO E 8 0.92 20.35 -34.30
C PRO E 8 0.37 19.16 -33.54
N ASP E 9 -0.36 18.26 -34.20
CA ASP E 9 -0.89 17.08 -33.53
C ASP E 9 0.19 16.01 -33.41
N PHE E 10 1.02 15.91 -34.44
CA PHE E 10 2.11 14.94 -34.49
C PHE E 10 3.33 15.63 -35.08
N GLN E 11 4.51 15.20 -34.65
CA GLN E 11 5.76 15.75 -35.17
C GLN E 11 6.84 14.69 -35.07
N SER E 12 7.60 14.52 -36.15
CA SER E 12 8.70 13.55 -36.19
C SER E 12 10.00 14.32 -36.22
N VAL E 13 10.98 13.87 -35.43
CA VAL E 13 12.25 14.56 -35.35
C VAL E 13 13.44 13.59 -35.41
N THR E 14 14.47 13.99 -36.13
CA THR E 14 15.69 13.18 -36.24
C THR E 14 16.48 13.43 -34.97
N PRO E 15 17.04 12.36 -34.37
CA PRO E 15 17.81 12.58 -33.15
C PRO E 15 18.84 13.69 -33.36
N LYS E 16 19.10 14.44 -32.29
CA LYS E 16 20.06 15.53 -32.30
C LYS E 16 19.50 16.80 -32.94
N GLU E 17 18.31 16.70 -33.53
CA GLU E 17 17.69 17.87 -34.14
C GLU E 17 16.77 18.55 -33.13
N LYS E 18 16.09 19.60 -33.59
CA LYS E 18 15.20 20.39 -32.73
C LYS E 18 13.73 20.20 -33.04
N VAL E 19 12.92 20.30 -32.01
CA VAL E 19 11.48 20.19 -32.18
C VAL E 19 10.83 21.34 -31.41
N THR E 20 9.80 21.93 -32.00
CA THR E 20 9.11 23.04 -31.38
C THR E 20 7.60 22.83 -31.44
N ILE E 21 6.94 22.80 -30.30
CA ILE E 21 5.50 22.62 -30.26
C ILE E 21 4.87 23.79 -29.50
N THR E 22 3.59 24.06 -29.78
CA THR E 22 2.94 25.20 -29.15
C THR E 22 1.63 24.91 -28.45
N CYS E 23 1.24 25.81 -27.56
CA CYS E 23 0.02 25.69 -26.78
C CYS E 23 -0.63 27.07 -26.76
N ARG E 24 -1.95 27.13 -26.92
CA ARG E 24 -2.66 28.41 -26.89
C ARG E 24 -3.85 28.39 -25.94
N ALA E 25 -3.90 29.37 -25.04
CA ALA E 25 -5.00 29.46 -24.09
C ALA E 25 -6.06 30.41 -24.67
N SER E 26 -7.32 30.16 -24.35
CA SER E 26 -8.41 30.98 -24.85
C SER E 26 -8.42 32.37 -24.21
N GLN E 27 -7.80 32.50 -23.05
CA GLN E 27 -7.70 33.79 -22.38
C GLN E 27 -6.36 33.82 -21.69
N SER E 28 -5.92 35.00 -21.23
CA SER E 28 -4.62 35.10 -20.59
C SER E 28 -4.52 34.26 -19.34
N ILE E 29 -3.39 33.60 -19.17
CA ILE E 29 -3.14 32.79 -17.99
C ILE E 29 -1.79 33.20 -17.41
N GLY E 30 -1.35 34.41 -17.79
CA GLY E 30 -0.07 34.90 -17.30
C GLY E 30 1.04 33.91 -17.63
N SER E 31 1.72 33.41 -16.59
CA SER E 31 2.80 32.43 -16.80
C SER E 31 2.43 31.08 -16.18
N SER E 32 1.16 30.92 -15.82
CA SER E 32 0.69 29.69 -15.18
C SER E 32 0.39 28.58 -16.18
N LEU E 33 1.43 28.18 -16.90
CA LEU E 33 1.33 27.15 -17.91
C LEU E 33 2.45 26.16 -17.68
N HIS E 34 2.10 24.89 -17.55
CA HIS E 34 3.11 23.86 -17.28
C HIS E 34 3.08 22.78 -18.36
N TRP E 35 4.22 22.14 -18.57
CA TRP E 35 4.35 21.11 -19.60
C TRP E 35 4.70 19.75 -19.03
N TYR E 36 4.07 18.71 -19.57
CA TYR E 36 4.31 17.35 -19.13
C TYR E 36 4.69 16.44 -20.28
N GLN E 37 5.43 15.39 -19.96
CA GLN E 37 5.86 14.42 -20.94
C GLN E 37 5.23 13.09 -20.52
N GLN E 38 4.59 12.41 -21.47
CA GLN E 38 3.98 11.13 -21.17
C GLN E 38 4.30 10.08 -22.22
N LYS E 39 4.86 8.98 -21.75
CA LYS E 39 5.19 7.86 -22.63
C LYS E 39 4.08 6.82 -22.53
N PRO E 40 3.92 5.99 -23.58
CA PRO E 40 2.88 4.95 -23.60
C PRO E 40 2.92 4.06 -22.37
N ASP E 41 1.75 3.86 -21.76
CA ASP E 41 1.64 3.02 -20.57
C ASP E 41 2.37 3.57 -19.35
N GLN E 42 2.79 4.83 -19.42
CA GLN E 42 3.50 5.43 -18.31
C GLN E 42 2.79 6.63 -17.71
N SER E 43 3.26 7.05 -16.55
CA SER E 43 2.67 8.18 -15.86
C SER E 43 3.32 9.46 -16.41
N PRO E 44 2.53 10.53 -16.51
CA PRO E 44 3.05 11.80 -17.01
C PRO E 44 4.14 12.29 -16.07
N LYS E 45 5.05 13.08 -16.61
CA LYS E 45 6.14 13.67 -15.84
C LYS E 45 6.22 15.16 -16.13
N LEU E 46 6.43 15.93 -15.07
CA LEU E 46 6.56 17.38 -15.19
C LEU E 46 7.89 17.73 -15.85
N LEU E 47 7.85 18.62 -16.84
CA LEU E 47 9.04 19.06 -17.55
C LEU E 47 9.35 20.52 -17.31
N ILE E 48 8.36 21.37 -17.54
CA ILE E 48 8.52 22.81 -17.37
C ILE E 48 7.37 23.36 -16.52
N LYS E 49 7.69 24.19 -15.54
CA LYS E 49 6.65 24.79 -14.72
C LYS E 49 6.68 26.30 -14.90
N TYR E 50 5.52 26.92 -14.74
CA TYR E 50 5.38 28.35 -14.89
C TYR E 50 6.00 28.89 -16.18
N ALA E 51 5.62 28.26 -17.29
CA ALA E 51 6.04 28.62 -18.63
C ALA E 51 7.49 28.45 -19.03
N SER E 52 8.41 28.84 -18.17
CA SER E 52 9.82 28.80 -18.54
C SER E 52 10.77 28.22 -17.52
N GLN E 53 10.25 27.72 -16.40
CA GLN E 53 11.12 27.18 -15.37
C GLN E 53 11.34 25.67 -15.43
N SER E 54 12.58 25.29 -15.71
CA SER E 54 12.92 23.89 -15.80
C SER E 54 12.67 23.21 -14.45
N PHE E 55 12.09 22.01 -14.49
CA PHE E 55 11.81 21.24 -13.30
C PHE E 55 13.08 20.45 -12.99
N SER E 56 13.30 20.13 -11.72
CA SER E 56 14.50 19.40 -11.31
C SER E 56 14.77 18.18 -12.18
N GLY E 57 16.01 18.04 -12.64
CA GLY E 57 16.37 16.90 -13.47
C GLY E 57 16.22 17.07 -14.97
N VAL E 58 15.58 18.16 -15.40
CA VAL E 58 15.38 18.40 -16.82
C VAL E 58 16.53 19.23 -17.39
N PRO E 59 17.27 18.67 -18.37
CA PRO E 59 18.41 19.36 -19.01
C PRO E 59 18.07 20.70 -19.66
N SER E 60 19.04 21.60 -19.72
CA SER E 60 18.82 22.93 -20.30
C SER E 60 18.48 22.92 -21.79
N ARG E 61 18.57 21.75 -22.44
CA ARG E 61 18.25 21.68 -23.87
C ARG E 61 16.75 21.83 -24.09
N PHE E 62 15.99 21.74 -22.99
CA PHE E 62 14.54 21.92 -23.02
C PHE E 62 14.31 23.39 -22.74
N SER E 63 13.33 23.99 -23.40
CA SER E 63 13.06 25.40 -23.19
C SER E 63 11.60 25.73 -23.31
N GLY E 64 10.99 26.16 -22.21
CA GLY E 64 9.60 26.56 -22.27
C GLY E 64 9.60 28.07 -22.33
N SER E 65 8.71 28.67 -23.12
CA SER E 65 8.67 30.13 -23.18
C SER E 65 7.27 30.61 -23.49
N GLY E 66 7.02 31.89 -23.23
CA GLY E 66 5.72 32.45 -23.51
C GLY E 66 5.04 33.05 -22.30
N SER E 67 3.94 33.75 -22.56
CA SER E 67 3.15 34.39 -21.51
C SER E 67 1.84 34.85 -22.17
N GLY E 68 0.80 35.02 -21.36
CA GLY E 68 -0.47 35.44 -21.91
C GLY E 68 -1.24 34.24 -22.43
N THR E 69 -1.29 34.08 -23.75
CA THR E 69 -2.01 32.96 -24.36
C THR E 69 -1.14 32.07 -25.23
N ASP E 70 0.00 32.58 -25.69
CA ASP E 70 0.88 31.82 -26.56
C ASP E 70 2.14 31.28 -25.89
N PHE E 71 2.26 29.95 -25.84
CA PHE E 71 3.41 29.32 -25.21
C PHE E 71 4.08 28.32 -26.15
N THR E 72 5.37 28.09 -25.92
CA THR E 72 6.11 27.18 -26.76
C THR E 72 7.03 26.28 -25.94
N LEU E 73 7.15 25.03 -26.35
CA LEU E 73 8.07 24.10 -25.69
C LEU E 73 9.05 23.71 -26.78
N THR E 74 10.34 23.92 -26.52
CA THR E 74 11.35 23.57 -27.51
C THR E 74 12.30 22.53 -26.93
N ILE E 75 12.57 21.50 -27.72
CA ILE E 75 13.51 20.46 -27.31
C ILE E 75 14.69 20.53 -28.28
N ASN E 76 15.85 20.92 -27.78
CA ASN E 76 17.02 21.01 -28.63
C ASN E 76 17.78 19.68 -28.55
N SER E 77 18.52 19.35 -29.60
CA SER E 77 19.28 18.10 -29.62
C SER E 77 18.45 16.92 -29.09
N LEU E 78 17.34 16.64 -29.76
CA LEU E 78 16.44 15.56 -29.35
C LEU E 78 17.12 14.21 -29.23
N GLU E 79 16.74 13.45 -28.20
CA GLU E 79 17.28 12.11 -27.99
C GLU E 79 16.14 11.11 -28.13
N ALA E 80 16.47 9.86 -28.41
CA ALA E 80 15.46 8.82 -28.56
C ALA E 80 14.44 8.81 -27.43
N GLU E 81 14.92 8.96 -26.19
CA GLU E 81 14.05 8.94 -25.02
C GLU E 81 13.02 10.07 -24.96
N ASP E 82 13.13 11.04 -25.86
CA ASP E 82 12.19 12.15 -25.87
C ASP E 82 10.89 11.84 -26.61
N ALA E 83 10.83 10.71 -27.32
CA ALA E 83 9.62 10.35 -28.04
C ALA E 83 8.52 10.15 -27.00
N ALA E 84 7.44 10.93 -27.13
CA ALA E 84 6.36 10.85 -26.17
C ALA E 84 5.26 11.83 -26.58
N ALA E 85 4.19 11.86 -25.79
CA ALA E 85 3.11 12.81 -26.00
C ALA E 85 3.47 13.93 -25.03
N TYR E 86 3.24 15.17 -25.43
CA TYR E 86 3.55 16.35 -24.59
C TYR E 86 2.26 17.13 -24.38
N TYR E 87 1.98 17.46 -23.11
CA TYR E 87 0.76 18.18 -22.77
C TYR E 87 1.00 19.47 -22.02
N CYS E 88 0.16 20.48 -22.25
CA CYS E 88 0.24 21.72 -21.48
C CYS E 88 -0.96 21.73 -20.53
N HIS E 89 -0.82 22.49 -19.45
CA HIS E 89 -1.82 22.57 -18.41
C HIS E 89 -1.76 23.96 -17.78
N GLN E 90 -2.91 24.62 -17.66
CA GLN E 90 -2.98 25.94 -17.05
C GLN E 90 -3.51 25.87 -15.62
N SER E 91 -2.86 26.60 -14.72
CA SER E 91 -3.29 26.62 -13.32
C SER E 91 -3.67 28.04 -12.93
N SER E 92 -3.97 28.86 -13.93
CA SER E 92 -4.34 30.25 -13.70
C SER E 92 -5.70 30.36 -13.01
N SER E 93 -6.68 29.57 -13.45
CA SER E 93 -7.97 29.64 -12.80
C SER E 93 -8.70 28.30 -12.83
N LEU E 94 -9.53 28.08 -11.84
CA LEU E 94 -10.31 26.84 -11.77
C LEU E 94 -11.51 26.97 -12.71
N PRO E 95 -11.92 25.87 -13.36
CA PRO E 95 -11.31 24.53 -13.25
C PRO E 95 -10.05 24.42 -14.11
N PHE E 96 -9.02 23.76 -13.59
CA PHE E 96 -7.79 23.58 -14.32
C PHE E 96 -8.06 22.77 -15.58
N THR E 97 -7.26 22.98 -16.62
CA THR E 97 -7.46 22.27 -17.87
C THR E 97 -6.15 21.94 -18.57
N PHE E 98 -6.19 20.96 -19.47
CA PHE E 98 -5.03 20.50 -20.23
C PHE E 98 -5.24 20.68 -21.73
N GLY E 99 -4.14 20.76 -22.47
CA GLY E 99 -4.22 20.86 -23.92
C GLY E 99 -4.47 19.45 -24.43
N PRO E 100 -4.82 19.29 -25.72
CA PRO E 100 -5.09 17.98 -26.34
C PRO E 100 -3.84 17.12 -26.52
N GLY E 101 -2.68 17.75 -26.39
CA GLY E 101 -1.42 17.04 -26.54
C GLY E 101 -0.83 16.99 -27.95
N THR E 102 0.47 16.79 -28.02
CA THR E 102 1.20 16.69 -29.28
C THR E 102 2.08 15.45 -29.15
N LYS E 103 2.06 14.58 -30.16
CA LYS E 103 2.89 13.40 -30.12
C LYS E 103 4.16 13.61 -30.93
N VAL E 104 5.29 13.31 -30.32
CA VAL E 104 6.58 13.48 -30.98
C VAL E 104 7.20 12.08 -31.12
N ASP E 105 7.64 11.71 -32.32
CA ASP E 105 8.25 10.40 -32.47
C ASP E 105 9.60 10.53 -33.14
N ILE E 106 10.37 9.44 -33.15
CA ILE E 106 11.70 9.44 -33.73
C ILE E 106 11.65 9.26 -35.24
N LYS E 107 12.23 10.21 -35.97
CA LYS E 107 12.25 10.11 -37.42
C LYS E 107 13.37 9.19 -37.91
N ARG E 108 13.01 8.18 -38.73
CA ARG E 108 13.99 7.27 -39.31
C ARG E 108 13.79 7.34 -40.82
N THR E 109 14.60 6.61 -41.58
CA THR E 109 14.45 6.67 -43.04
C THR E 109 13.08 6.10 -43.42
N VAL E 110 12.49 6.64 -44.48
CA VAL E 110 11.18 6.18 -44.92
C VAL E 110 11.20 4.67 -45.19
N ALA E 111 10.15 3.99 -44.75
CA ALA E 111 10.04 2.55 -44.95
C ALA E 111 8.60 2.25 -45.36
N ALA E 112 8.42 1.74 -46.58
CA ALA E 112 7.08 1.42 -47.06
C ALA E 112 6.48 0.22 -46.31
N PRO E 113 5.16 0.22 -46.14
CA PRO E 113 4.60 -0.94 -45.45
C PRO E 113 4.49 -2.13 -46.40
N SER E 114 4.52 -3.33 -45.83
CA SER E 114 4.31 -4.54 -46.61
C SER E 114 2.82 -4.71 -46.33
N VAL E 115 2.02 -4.80 -47.38
CA VAL E 115 0.58 -4.92 -47.25
C VAL E 115 0.08 -6.35 -47.47
N PHE E 116 -0.88 -6.76 -46.66
CA PHE E 116 -1.48 -8.09 -46.75
C PHE E 116 -2.99 -7.96 -46.52
N ILE E 117 -3.77 -8.72 -47.26
CA ILE E 117 -5.22 -8.70 -47.07
C ILE E 117 -5.68 -10.11 -46.67
N PHE E 118 -6.62 -10.19 -45.73
CA PHE E 118 -7.12 -11.46 -45.24
C PHE E 118 -8.64 -11.59 -45.35
N PRO E 119 -9.11 -12.61 -46.07
CA PRO E 119 -10.55 -12.81 -46.22
C PRO E 119 -11.16 -13.39 -44.94
N PRO E 120 -12.50 -13.32 -44.81
CA PRO E 120 -13.14 -13.86 -43.61
C PRO E 120 -12.86 -15.37 -43.56
N SER E 121 -12.83 -15.95 -42.38
CA SER E 121 -12.59 -17.39 -42.28
C SER E 121 -13.94 -18.08 -42.48
N ASP E 122 -13.95 -19.35 -42.92
CA ASP E 122 -15.22 -20.03 -43.10
C ASP E 122 -15.88 -20.15 -41.74
N GLU E 123 -15.06 -20.33 -40.71
CA GLU E 123 -15.56 -20.44 -39.34
C GLU E 123 -16.47 -19.28 -39.01
N GLN E 124 -15.97 -18.05 -39.17
CA GLN E 124 -16.75 -16.87 -38.86
C GLN E 124 -17.95 -16.70 -39.77
N LEU E 125 -17.79 -16.99 -41.05
CA LEU E 125 -18.88 -16.85 -42.00
C LEU E 125 -20.10 -17.68 -41.62
N LYS E 126 -19.85 -18.92 -41.20
CA LYS E 126 -20.95 -19.79 -40.82
C LYS E 126 -21.59 -19.31 -39.53
N SER E 127 -21.02 -18.27 -38.92
CA SER E 127 -21.58 -17.73 -37.70
C SER E 127 -22.37 -16.48 -38.05
N GLY E 128 -22.35 -16.10 -39.34
CA GLY E 128 -23.13 -14.95 -39.78
C GLY E 128 -22.45 -13.62 -40.03
N THR E 129 -21.18 -13.50 -39.67
CA THR E 129 -20.47 -12.22 -39.87
C THR E 129 -19.22 -12.39 -40.72
N ALA E 130 -18.83 -11.33 -41.42
CA ALA E 130 -17.63 -11.37 -42.26
C ALA E 130 -16.66 -10.25 -41.90
N SER E 131 -15.46 -10.62 -41.46
CA SER E 131 -14.46 -9.63 -41.11
C SER E 131 -13.32 -9.75 -42.12
N VAL E 132 -13.05 -8.67 -42.85
CA VAL E 132 -11.95 -8.67 -43.81
C VAL E 132 -10.87 -7.77 -43.20
N VAL E 133 -9.64 -8.27 -43.14
CA VAL E 133 -8.55 -7.52 -42.53
C VAL E 133 -7.42 -7.15 -43.47
N CYS E 134 -6.95 -5.91 -43.34
CA CYS E 134 -5.84 -5.43 -44.17
C CYS E 134 -4.72 -5.07 -43.19
N LEU E 135 -3.53 -5.61 -43.43
CA LEU E 135 -2.38 -5.33 -42.58
C LEU E 135 -1.30 -4.53 -43.31
N LEU E 136 -0.82 -3.47 -42.65
CA LEU E 136 0.28 -2.64 -43.15
C LEU E 136 1.38 -2.87 -42.13
N ASN E 137 2.42 -3.59 -42.55
CA ASN E 137 3.49 -3.95 -41.63
C ASN E 137 4.82 -3.21 -41.69
N ASN E 138 5.32 -2.82 -40.51
CA ASN E 138 6.60 -2.14 -40.32
C ASN E 138 6.90 -1.00 -41.27
N PHE E 139 6.17 0.10 -41.13
CA PHE E 139 6.38 1.25 -41.99
C PHE E 139 6.73 2.51 -41.21
N TYR E 140 7.24 3.50 -41.92
CA TYR E 140 7.55 4.80 -41.32
C TYR E 140 7.55 5.78 -42.47
N PRO E 141 6.98 6.99 -42.29
CA PRO E 141 6.35 7.55 -41.09
C PRO E 141 5.02 6.92 -40.71
N ARG E 142 4.46 7.41 -39.62
CA ARG E 142 3.21 6.92 -39.07
C ARG E 142 1.99 7.15 -39.95
N GLU E 143 1.98 8.26 -40.67
CA GLU E 143 0.84 8.60 -41.53
C GLU E 143 0.66 7.59 -42.67
N ALA E 144 -0.52 6.99 -42.75
CA ALA E 144 -0.84 6.03 -43.80
C ALA E 144 -2.33 6.10 -44.06
N LYS E 145 -2.71 6.02 -45.33
CA LYS E 145 -4.12 6.09 -45.69
C LYS E 145 -4.55 4.75 -46.26
N VAL E 146 -5.59 4.17 -45.69
CA VAL E 146 -6.09 2.89 -46.17
C VAL E 146 -7.54 3.06 -46.62
N GLN E 147 -7.84 2.64 -47.85
CA GLN E 147 -9.20 2.75 -48.37
C GLN E 147 -9.67 1.38 -48.84
N TRP E 148 -10.88 1.03 -48.43
CA TRP E 148 -11.47 -0.25 -48.83
C TRP E 148 -12.31 -0.09 -50.08
N LYS E 149 -12.25 -1.09 -50.95
CA LYS E 149 -13.06 -1.08 -52.17
C LYS E 149 -13.68 -2.46 -52.31
N VAL E 150 -14.96 -2.49 -52.70
CA VAL E 150 -15.68 -3.75 -52.90
C VAL E 150 -16.22 -3.71 -54.32
N ASP E 151 -15.71 -4.57 -55.20
CA ASP E 151 -16.12 -4.58 -56.60
C ASP E 151 -15.87 -3.18 -57.15
N ASN E 152 -14.70 -2.65 -56.78
CA ASN E 152 -14.24 -1.33 -57.19
C ASN E 152 -14.98 -0.12 -56.56
N ALA E 153 -15.94 -0.38 -55.69
CA ALA E 153 -16.67 0.73 -55.06
C ALA E 153 -16.05 1.09 -53.71
N LEU E 154 -15.78 2.38 -53.52
CA LEU E 154 -15.17 2.88 -52.29
C LEU E 154 -16.11 2.67 -51.10
N GLN E 155 -15.53 2.30 -49.96
CA GLN E 155 -16.30 2.06 -48.74
C GLN E 155 -16.04 3.10 -47.68
N SER E 156 -16.98 3.23 -46.75
CA SER E 156 -16.85 4.17 -45.65
C SER E 156 -17.87 3.89 -44.56
N GLY E 157 -17.46 4.05 -43.31
CA GLY E 157 -18.36 3.83 -42.18
C GLY E 157 -18.41 2.40 -41.68
N ASN E 158 -17.78 1.47 -42.39
CA ASN E 158 -17.81 0.08 -41.97
C ASN E 158 -16.43 -0.51 -41.66
N SER E 159 -15.47 0.35 -41.33
CA SER E 159 -14.14 -0.13 -40.99
C SER E 159 -13.53 0.59 -39.80
N GLN E 160 -12.66 -0.10 -39.09
CA GLN E 160 -11.97 0.45 -37.92
C GLN E 160 -10.50 0.08 -38.03
N GLU E 161 -9.65 0.99 -37.57
CA GLU E 161 -8.22 0.74 -37.61
C GLU E 161 -7.58 0.83 -36.23
N SER E 162 -6.45 0.16 -36.10
CA SER E 162 -5.67 0.12 -34.86
C SER E 162 -4.20 0.20 -35.28
N VAL E 163 -3.41 1.02 -34.58
CA VAL E 163 -1.99 1.18 -34.89
C VAL E 163 -1.13 0.86 -33.67
N THR E 164 0.04 0.29 -33.92
CA THR E 164 0.94 -0.04 -32.83
C THR E 164 1.74 1.19 -32.43
N GLU E 165 2.47 1.10 -31.33
CA GLU E 165 3.30 2.22 -30.92
C GLU E 165 4.58 2.05 -31.72
N GLN E 166 5.41 3.08 -31.81
CA GLN E 166 6.65 2.98 -32.57
C GLN E 166 7.55 1.91 -31.96
N ASP E 167 7.96 0.96 -32.78
CA ASP E 167 8.83 -0.14 -32.34
C ASP E 167 10.12 0.38 -31.74
N SER E 168 10.49 -0.13 -30.56
CA SER E 168 11.71 0.29 -29.87
C SER E 168 12.99 -0.13 -30.59
N LYS E 169 12.88 -1.11 -31.48
CA LYS E 169 14.05 -1.59 -32.20
C LYS E 169 14.26 -1.04 -33.61
N ASP E 170 13.22 -1.01 -34.44
CA ASP E 170 13.36 -0.51 -35.80
C ASP E 170 12.65 0.82 -36.09
N SER E 171 12.05 1.41 -35.07
CA SER E 171 11.34 2.68 -35.20
C SER E 171 10.19 2.70 -36.20
N THR E 172 9.58 1.55 -36.45
CA THR E 172 8.46 1.48 -37.39
C THR E 172 7.13 1.25 -36.67
N TYR E 173 6.05 1.37 -37.44
CA TYR E 173 4.68 1.19 -36.97
C TYR E 173 4.05 0.10 -37.80
N SER E 174 2.97 -0.49 -37.28
CA SER E 174 2.21 -1.49 -38.01
C SER E 174 0.76 -1.09 -37.79
N LEU E 175 -0.08 -1.33 -38.80
CA LEU E 175 -1.47 -0.93 -38.69
C LEU E 175 -2.38 -1.98 -39.31
N SER E 176 -3.55 -2.14 -38.73
CA SER E 176 -4.52 -3.07 -39.26
C SER E 176 -5.82 -2.32 -39.44
N SER E 177 -6.53 -2.65 -40.52
CA SER E 177 -7.81 -2.04 -40.82
C SER E 177 -8.78 -3.21 -41.00
N THR E 178 -9.94 -3.14 -40.35
CA THR E 178 -10.91 -4.23 -40.43
C THR E 178 -12.26 -3.78 -41.00
N LEU E 179 -12.69 -4.47 -42.06
CA LEU E 179 -13.96 -4.20 -42.71
C LEU E 179 -14.94 -5.27 -42.22
N THR E 180 -16.07 -4.84 -41.67
CA THR E 180 -17.05 -5.79 -41.15
C THR E 180 -18.37 -5.73 -41.92
N LEU E 181 -18.82 -6.88 -42.38
CA LEU E 181 -20.06 -6.99 -43.12
C LEU E 181 -20.84 -8.21 -42.66
N SER E 182 -22.13 -8.24 -42.98
CA SER E 182 -22.95 -9.40 -42.62
C SER E 182 -22.58 -10.43 -43.67
N LYS E 183 -22.84 -11.71 -43.38
CA LYS E 183 -22.53 -12.76 -44.32
C LYS E 183 -23.31 -12.54 -45.62
N ALA E 184 -24.53 -12.04 -45.49
CA ALA E 184 -25.39 -11.78 -46.64
C ALA E 184 -24.75 -10.77 -47.58
N ASP E 185 -24.33 -9.64 -47.03
CA ASP E 185 -23.69 -8.59 -47.83
C ASP E 185 -22.38 -9.08 -48.44
N TYR E 186 -21.58 -9.78 -47.64
CA TYR E 186 -20.30 -10.31 -48.10
C TYR E 186 -20.46 -11.21 -49.31
N GLU E 187 -21.54 -11.99 -49.35
CA GLU E 187 -21.78 -12.91 -50.44
C GLU E 187 -22.41 -12.27 -51.67
N LYS E 188 -22.78 -11.00 -51.57
CA LYS E 188 -23.36 -10.29 -52.69
C LYS E 188 -22.33 -9.56 -53.54
N HIS E 189 -21.06 -9.64 -53.16
CA HIS E 189 -19.99 -8.97 -53.90
C HIS E 189 -18.86 -9.95 -54.20
N LYS E 190 -17.97 -9.57 -55.11
CA LYS E 190 -16.88 -10.47 -55.50
C LYS E 190 -15.46 -10.12 -55.07
N VAL E 191 -14.97 -8.96 -55.48
CA VAL E 191 -13.60 -8.56 -55.13
C VAL E 191 -13.53 -7.60 -53.95
N TYR E 192 -12.70 -7.94 -52.97
CA TYR E 192 -12.49 -7.09 -51.79
C TYR E 192 -11.06 -6.60 -51.82
N ALA E 193 -10.86 -5.30 -51.72
CA ALA E 193 -9.51 -4.76 -51.82
C ALA E 193 -9.23 -3.60 -50.89
N CYS E 194 -7.97 -3.49 -50.47
CA CYS E 194 -7.57 -2.35 -49.66
C CYS E 194 -6.43 -1.66 -50.37
N GLU E 195 -6.61 -0.36 -50.58
CA GLU E 195 -5.64 0.46 -51.27
C GLU E 195 -4.90 1.27 -50.22
N VAL E 196 -3.58 1.18 -50.25
CA VAL E 196 -2.73 1.86 -49.28
C VAL E 196 -1.92 2.99 -49.92
N THR E 197 -1.95 4.15 -49.30
CA THR E 197 -1.19 5.31 -49.76
C THR E 197 -0.19 5.63 -48.64
N HIS E 198 1.07 5.85 -48.99
CA HIS E 198 2.09 6.11 -47.97
C HIS E 198 3.33 6.69 -48.64
N GLN E 199 4.10 7.49 -47.92
CA GLN E 199 5.29 8.12 -48.48
C GLN E 199 6.30 7.14 -49.08
N GLY E 200 6.32 5.91 -48.56
CA GLY E 200 7.25 4.91 -49.06
C GLY E 200 6.80 4.20 -50.33
N LEU E 201 5.62 4.57 -50.82
CA LEU E 201 5.05 3.97 -52.03
C LEU E 201 4.92 5.04 -53.10
N SER E 202 5.63 4.88 -54.22
CA SER E 202 5.59 5.87 -55.28
C SER E 202 4.18 5.97 -55.88
N SER E 203 3.46 4.85 -55.86
CA SER E 203 2.08 4.76 -56.34
C SER E 203 1.31 3.96 -55.28
N PRO E 204 0.03 4.27 -55.06
CA PRO E 204 -0.71 3.50 -54.05
C PRO E 204 -0.69 1.99 -54.32
N VAL E 205 -0.59 1.18 -53.28
CA VAL E 205 -0.56 -0.27 -53.43
C VAL E 205 -1.90 -0.89 -53.06
N THR E 206 -2.40 -1.78 -53.92
CA THR E 206 -3.67 -2.47 -53.67
C THR E 206 -3.47 -3.98 -53.54
N LYS E 207 -4.06 -4.54 -52.49
CA LYS E 207 -4.01 -5.99 -52.28
C LYS E 207 -5.48 -6.38 -52.23
N SER E 208 -5.84 -7.45 -52.94
CA SER E 208 -7.22 -7.86 -52.97
C SER E 208 -7.37 -9.36 -53.13
N PHE E 209 -8.60 -9.82 -53.02
CA PHE E 209 -8.91 -11.22 -53.22
C PHE E 209 -10.32 -11.28 -53.79
N ASN E 210 -10.63 -12.37 -54.46
CA ASN E 210 -11.95 -12.57 -55.04
C ASN E 210 -12.65 -13.58 -54.15
N ARG E 211 -13.86 -13.25 -53.70
CA ARG E 211 -14.60 -14.15 -52.80
C ARG E 211 -14.86 -15.54 -53.36
N GLY E 212 -14.61 -16.55 -52.53
CA GLY E 212 -14.81 -17.92 -52.93
C GLY E 212 -13.89 -18.34 -54.06
N GLU E 213 -12.70 -17.75 -54.07
CA GLU E 213 -11.71 -18.04 -55.10
C GLU E 213 -10.32 -17.80 -54.52
N CYS E 214 -9.43 -18.79 -54.68
CA CYS E 214 -8.07 -18.65 -54.18
C CYS E 214 -7.08 -19.51 -54.96
N PCA F 1 12.08 8.59 -2.01
CA PCA F 1 11.58 9.28 -3.17
CB PCA F 1 12.16 8.46 -4.33
CG PCA F 1 12.56 7.14 -3.68
CD PCA F 1 12.62 7.43 -2.23
OE PCA F 1 13.10 6.69 -1.34
C PCA F 1 10.05 9.32 -3.16
O PCA F 1 9.40 8.45 -2.60
N VAL F 2 9.50 10.34 -3.79
CA VAL F 2 8.05 10.51 -3.85
C VAL F 2 7.41 9.40 -4.63
N GLN F 3 6.38 8.80 -4.05
CA GLN F 3 5.66 7.74 -4.75
C GLN F 3 4.16 7.85 -4.54
N LEU F 4 3.42 7.56 -5.59
CA LEU F 4 1.96 7.62 -5.57
C LEU F 4 1.47 6.37 -6.28
N VAL F 5 0.59 5.61 -5.63
CA VAL F 5 0.05 4.39 -6.22
C VAL F 5 -1.47 4.39 -6.15
N GLU F 6 -2.11 4.44 -7.31
CA GLU F 6 -3.58 4.43 -7.38
C GLU F 6 -4.10 2.99 -7.45
N SER F 7 -5.32 2.79 -6.97
CA SER F 7 -5.95 1.48 -6.99
C SER F 7 -7.46 1.64 -6.85
N GLY F 8 -8.18 0.53 -6.98
CA GLY F 8 -9.63 0.58 -6.86
C GLY F 8 -10.36 0.57 -8.20
N GLY F 9 -9.62 0.70 -9.29
CA GLY F 9 -10.24 0.73 -10.60
C GLY F 9 -10.89 -0.60 -10.95
N GLY F 10 -11.78 -0.58 -11.94
CA GLY F 10 -12.43 -1.81 -12.35
C GLY F 10 -13.51 -1.58 -13.37
N VAL F 11 -14.24 -2.64 -13.71
CA VAL F 11 -15.33 -2.52 -14.68
C VAL F 11 -16.62 -2.41 -13.90
N VAL F 12 -17.45 -1.43 -14.24
CA VAL F 12 -18.70 -1.24 -13.52
C VAL F 12 -19.80 -0.80 -14.47
N GLN F 13 -21.05 -1.11 -14.12
CA GLN F 13 -22.17 -0.75 -14.96
C GLN F 13 -22.55 0.70 -14.73
N PRO F 14 -23.15 1.33 -15.75
CA PRO F 14 -23.59 2.72 -15.69
C PRO F 14 -24.53 2.92 -14.50
N GLY F 15 -24.41 4.06 -13.85
CA GLY F 15 -25.26 4.35 -12.71
C GLY F 15 -24.73 3.84 -11.39
N ARG F 16 -23.70 3.00 -11.41
CA ARG F 16 -23.14 2.47 -10.17
C ARG F 16 -22.04 3.32 -9.55
N SER F 17 -21.58 2.92 -8.36
CA SER F 17 -20.55 3.64 -7.61
C SER F 17 -19.20 2.93 -7.60
N LEU F 18 -18.13 3.69 -7.46
CA LEU F 18 -16.79 3.13 -7.38
C LEU F 18 -15.90 4.13 -6.65
N ARG F 19 -15.09 3.64 -5.72
CA ARG F 19 -14.19 4.51 -5.01
C ARG F 19 -12.73 4.18 -5.36
N LEU F 20 -11.98 5.20 -5.75
CA LEU F 20 -10.57 5.02 -6.06
C LEU F 20 -9.73 5.48 -4.87
N SER F 21 -8.54 4.91 -4.73
CA SER F 21 -7.63 5.25 -3.66
C SER F 21 -6.25 5.56 -4.24
N CYS F 22 -5.50 6.40 -3.53
CA CYS F 22 -4.15 6.76 -3.94
C CYS F 22 -3.32 6.76 -2.67
N ALA F 23 -2.34 5.87 -2.59
CA ALA F 23 -1.49 5.80 -1.41
C ALA F 23 -0.20 6.55 -1.71
N ALA F 24 0.15 7.47 -0.83
CA ALA F 24 1.34 8.29 -1.02
C ALA F 24 2.45 7.94 -0.04
N SER F 25 3.69 8.13 -0.46
CA SER F 25 4.82 7.87 0.41
C SER F 25 6.03 8.65 -0.09
N GLY F 26 6.99 8.88 0.80
CA GLY F 26 8.18 9.58 0.39
C GLY F 26 8.12 11.08 0.58
N PHE F 27 7.04 11.59 1.19
CA PHE F 27 6.92 13.02 1.45
C PHE F 27 5.88 13.28 2.53
N THR F 28 5.80 14.52 3.00
CA THR F 28 4.84 14.89 4.03
C THR F 28 3.51 15.19 3.35
N PHE F 29 2.69 14.14 3.25
CA PHE F 29 1.39 14.20 2.59
C PHE F 29 0.50 15.36 3.02
N SER F 30 0.46 15.63 4.32
CA SER F 30 -0.40 16.66 4.88
C SER F 30 -0.09 18.11 4.54
N VAL F 31 1.01 18.38 3.82
CA VAL F 31 1.29 19.77 3.47
C VAL F 31 1.16 20.03 1.96
N TYR F 32 0.66 19.04 1.22
CA TYR F 32 0.49 19.18 -0.22
C TYR F 32 -0.94 19.00 -0.72
N GLY F 33 -1.32 19.81 -1.69
CA GLY F 33 -2.63 19.65 -2.28
C GLY F 33 -2.52 18.43 -3.18
N MET F 34 -3.62 17.75 -3.43
CA MET F 34 -3.61 16.56 -4.26
C MET F 34 -4.69 16.67 -5.33
N ASN F 35 -4.47 16.02 -6.46
CA ASN F 35 -5.41 16.07 -7.58
C ASN F 35 -5.70 14.72 -8.21
N TRP F 36 -6.84 14.66 -8.90
CA TRP F 36 -7.20 13.48 -9.70
C TRP F 36 -7.28 14.03 -11.13
N VAL F 37 -6.69 13.29 -12.07
CA VAL F 37 -6.70 13.66 -13.48
C VAL F 37 -7.01 12.35 -14.20
N ARG F 38 -7.77 12.39 -15.28
CA ARG F 38 -8.07 11.15 -15.99
C ARG F 38 -7.77 11.25 -17.49
N GLN F 39 -7.69 10.10 -18.14
CA GLN F 39 -7.39 10.07 -19.57
C GLN F 39 -8.16 8.93 -20.24
N ALA F 40 -9.15 9.30 -21.04
CA ALA F 40 -9.96 8.31 -21.75
C ALA F 40 -9.09 7.62 -22.79
N PRO F 41 -9.45 6.38 -23.16
CA PRO F 41 -8.68 5.62 -24.15
C PRO F 41 -8.35 6.44 -25.41
N GLY F 42 -7.06 6.53 -25.70
CA GLY F 42 -6.61 7.27 -26.89
C GLY F 42 -6.88 8.76 -26.88
N LYS F 43 -7.22 9.30 -25.72
CA LYS F 43 -7.48 10.73 -25.62
C LYS F 43 -6.45 11.40 -24.73
N GLY F 44 -6.64 12.70 -24.48
CA GLY F 44 -5.70 13.43 -23.65
C GLY F 44 -6.09 13.46 -22.17
N LEU F 45 -5.32 14.22 -21.40
CA LEU F 45 -5.58 14.37 -19.98
C LEU F 45 -6.73 15.33 -19.71
N GLU F 46 -7.50 15.04 -18.67
CA GLU F 46 -8.62 15.89 -18.26
C GLU F 46 -8.57 15.96 -16.74
N TRP F 47 -8.43 17.17 -16.20
CA TRP F 47 -8.38 17.38 -14.76
C TRP F 47 -9.77 17.05 -14.20
N VAL F 48 -9.79 16.40 -13.05
CA VAL F 48 -11.04 15.99 -12.41
C VAL F 48 -11.35 16.74 -11.13
N ALA F 49 -10.39 16.77 -10.20
CA ALA F 49 -10.66 17.42 -8.92
C ALA F 49 -9.39 17.70 -8.14
N ILE F 50 -9.52 18.63 -7.18
CA ILE F 50 -8.43 19.01 -6.31
C ILE F 50 -8.92 19.10 -4.88
N ILE F 51 -8.04 18.76 -3.94
CA ILE F 51 -8.36 18.89 -2.54
C ILE F 51 -7.15 19.53 -1.90
N TRP F 52 -7.38 20.56 -1.09
CA TRP F 52 -6.28 21.24 -0.44
C TRP F 52 -5.64 20.39 0.64
N TYR F 53 -4.42 20.78 1.03
CA TYR F 53 -3.62 20.04 2.01
C TYR F 53 -4.33 19.52 3.26
N ASP F 54 -5.19 20.33 3.87
CA ASP F 54 -5.88 19.91 5.08
C ASP F 54 -7.26 19.29 4.85
N GLY F 55 -7.62 19.13 3.58
CA GLY F 55 -8.91 18.54 3.25
C GLY F 55 -10.13 19.41 3.45
N ASP F 56 -9.95 20.64 3.90
CA ASP F 56 -11.08 21.55 4.15
C ASP F 56 -11.78 22.09 2.92
N ASN F 57 -11.06 22.18 1.81
CA ASN F 57 -11.60 22.70 0.58
C ASN F 57 -11.33 21.79 -0.61
N GLN F 58 -12.28 21.75 -1.55
CA GLN F 58 -12.18 20.93 -2.75
C GLN F 58 -12.75 21.67 -3.95
N TYR F 59 -12.33 21.27 -5.14
CA TYR F 59 -12.88 21.83 -6.36
C TYR F 59 -12.99 20.73 -7.40
N TYR F 60 -13.97 20.86 -8.30
CA TYR F 60 -14.24 19.84 -9.30
C TYR F 60 -14.42 20.37 -10.71
N ALA F 61 -14.19 19.50 -11.68
CA ALA F 61 -14.41 19.85 -13.07
C ALA F 61 -15.93 19.91 -13.18
N ASP F 62 -16.44 20.77 -14.04
CA ASP F 62 -17.89 20.91 -14.19
C ASP F 62 -18.66 19.62 -14.45
N SER F 63 -18.07 18.73 -15.26
CA SER F 63 -18.73 17.48 -15.59
C SER F 63 -18.83 16.46 -14.46
N VAL F 64 -18.13 16.67 -13.35
CA VAL F 64 -18.21 15.71 -12.24
C VAL F 64 -18.68 16.29 -10.93
N LYS F 65 -18.76 17.61 -10.83
CA LYS F 65 -19.21 18.22 -9.58
C LYS F 65 -20.57 17.63 -9.20
N GLY F 66 -20.75 17.35 -7.93
CA GLY F 66 -22.01 16.77 -7.48
C GLY F 66 -22.07 15.25 -7.61
N ARG F 67 -21.30 14.67 -8.53
CA ARG F 67 -21.30 13.21 -8.70
C ARG F 67 -20.09 12.55 -8.04
N PHE F 68 -18.98 13.27 -8.01
CA PHE F 68 -17.72 12.76 -7.44
C PHE F 68 -17.35 13.56 -6.21
N THR F 69 -16.72 12.91 -5.25
CA THR F 69 -16.24 13.62 -4.08
C THR F 69 -14.80 13.19 -3.85
N ILE F 70 -13.91 14.17 -3.74
CA ILE F 70 -12.51 13.88 -3.49
C ILE F 70 -12.32 14.11 -1.99
N SER F 71 -11.55 13.25 -1.34
CA SER F 71 -11.33 13.39 0.09
C SER F 71 -9.97 12.81 0.40
N ARG F 72 -9.51 12.98 1.62
CA ARG F 72 -8.20 12.46 1.97
C ARG F 72 -8.14 12.09 3.45
N ASP F 73 -7.20 11.22 3.79
CA ASP F 73 -6.99 10.81 5.17
C ASP F 73 -5.51 11.09 5.45
N ASN F 74 -5.21 12.23 6.06
CA ASN F 74 -3.82 12.60 6.33
C ASN F 74 -3.09 11.77 7.38
N SER F 75 -3.78 10.84 8.04
CA SER F 75 -3.11 10.01 9.03
C SER F 75 -2.70 8.71 8.35
N LYS F 76 -3.25 8.48 7.16
CA LYS F 76 -2.93 7.27 6.42
C LYS F 76 -2.28 7.57 5.08
N ASN F 77 -2.01 8.84 4.83
CA ASN F 77 -1.39 9.28 3.59
C ASN F 77 -2.15 8.75 2.38
N THR F 78 -3.47 8.85 2.42
CA THR F 78 -4.28 8.34 1.32
C THR F 78 -5.25 9.39 0.78
N LEU F 79 -5.42 9.38 -0.54
CA LEU F 79 -6.34 10.27 -1.24
C LEU F 79 -7.44 9.37 -1.80
N TYR F 80 -8.68 9.87 -1.84
CA TYR F 80 -9.80 9.08 -2.35
C TYR F 80 -10.61 9.85 -3.38
N LEU F 81 -11.29 9.11 -4.25
CA LEU F 81 -12.21 9.72 -5.19
C LEU F 81 -13.44 8.83 -5.18
N GLN F 82 -14.54 9.32 -4.59
CA GLN F 82 -15.79 8.54 -4.57
C GLN F 82 -16.58 8.97 -5.81
N MET F 83 -16.84 8.03 -6.70
CA MET F 83 -17.57 8.33 -7.92
C MET F 83 -18.95 7.64 -7.90
N ASN F 84 -20.00 8.43 -8.01
CA ASN F 84 -21.37 7.91 -8.03
C ASN F 84 -21.97 8.17 -9.41
N GLY F 85 -23.06 7.46 -9.73
CA GLY F 85 -23.73 7.64 -11.00
C GLY F 85 -22.79 7.64 -12.19
N LEU F 86 -21.91 6.66 -12.22
CA LEU F 86 -20.94 6.55 -13.31
C LEU F 86 -21.59 6.44 -14.68
N ARG F 87 -20.95 7.07 -15.66
CA ARG F 87 -21.42 7.09 -17.04
C ARG F 87 -20.33 6.52 -17.96
N ALA F 88 -20.72 6.11 -19.17
CA ALA F 88 -19.77 5.55 -20.13
C ALA F 88 -18.58 6.49 -20.33
N GLU F 89 -18.87 7.78 -20.45
CA GLU F 89 -17.86 8.82 -20.64
C GLU F 89 -16.88 9.00 -19.47
N ASP F 90 -17.10 8.24 -18.39
CA ASP F 90 -16.22 8.31 -17.24
C ASP F 90 -15.12 7.27 -17.39
N THR F 91 -15.24 6.46 -18.44
CA THR F 91 -14.27 5.42 -18.71
C THR F 91 -12.91 6.08 -18.98
N ALA F 92 -11.88 5.65 -18.27
CA ALA F 92 -10.55 6.23 -18.43
C ALA F 92 -9.57 5.70 -17.41
N VAL F 93 -8.31 6.07 -17.58
CA VAL F 93 -7.28 5.71 -16.62
C VAL F 93 -7.30 6.93 -15.69
N TYR F 94 -7.37 6.70 -14.39
CA TYR F 94 -7.39 7.78 -13.42
C TYR F 94 -6.05 7.93 -12.72
N TYR F 95 -5.49 9.14 -12.77
CA TYR F 95 -4.21 9.44 -12.14
C TYR F 95 -4.33 10.30 -10.91
N CYS F 96 -3.47 10.00 -9.94
CA CYS F 96 -3.33 10.73 -8.70
C CYS F 96 -2.15 11.66 -8.98
N ALA F 97 -2.24 12.94 -8.61
CA ALA F 97 -1.13 13.87 -8.86
C ALA F 97 -0.94 14.90 -7.75
N ARG F 98 0.29 15.05 -7.31
CA ARG F 98 0.61 16.01 -6.26
C ARG F 98 0.83 17.38 -6.88
N ASP F 99 0.28 18.43 -6.28
CA ASP F 99 0.53 19.74 -6.87
C ASP F 99 1.46 20.57 -6.00
N LEU F 100 2.10 21.57 -6.61
CA LEU F 100 3.00 22.47 -5.91
C LEU F 100 2.31 23.83 -5.83
N ARG F 101 1.89 24.22 -4.62
CA ARG F 101 1.20 25.49 -4.42
C ARG F 101 0.09 25.70 -5.44
N THR F 102 -0.69 24.64 -5.67
CA THR F 102 -1.81 24.66 -6.60
C THR F 102 -1.40 25.04 -8.03
N GLY F 103 -0.13 24.79 -8.36
CA GLY F 103 0.36 25.10 -9.69
C GLY F 103 0.61 23.84 -10.50
N PRO F 104 1.87 23.53 -10.85
CA PRO F 104 2.16 22.33 -11.62
C PRO F 104 1.95 21.06 -10.80
N PHE F 105 1.69 19.94 -11.47
CA PHE F 105 1.52 18.66 -10.80
C PHE F 105 2.89 18.02 -10.93
N ASP F 106 3.70 18.09 -9.87
CA ASP F 106 5.06 17.59 -9.94
C ASP F 106 5.32 16.08 -9.84
N TYR F 107 4.36 15.32 -9.35
CA TYR F 107 4.52 13.86 -9.30
C TYR F 107 3.17 13.20 -9.54
N TRP F 108 3.16 12.17 -10.38
CA TRP F 108 1.94 11.44 -10.73
C TRP F 108 2.08 9.95 -10.43
N GLY F 109 0.95 9.29 -10.18
CA GLY F 109 1.01 7.85 -9.96
C GLY F 109 0.96 7.16 -11.32
N GLN F 110 0.94 5.83 -11.32
CA GLN F 110 0.88 5.04 -12.55
C GLN F 110 -0.53 4.96 -13.14
N GLY F 111 -1.54 5.25 -12.31
CA GLY F 111 -2.91 5.24 -12.77
C GLY F 111 -3.65 3.93 -12.52
N THR F 112 -4.98 4.01 -12.45
CA THR F 112 -5.83 2.85 -12.24
C THR F 112 -6.94 2.92 -13.29
N LEU F 113 -7.21 1.81 -13.94
CA LEU F 113 -8.21 1.77 -15.01
C LEU F 113 -9.65 1.56 -14.59
N VAL F 114 -10.52 2.42 -15.08
CA VAL F 114 -11.95 2.34 -14.78
C VAL F 114 -12.73 2.23 -16.08
N THR F 115 -13.54 1.19 -16.19
CA THR F 115 -14.35 0.99 -17.39
C THR F 115 -15.83 0.96 -17.03
N VAL F 116 -16.60 1.86 -17.62
CA VAL F 116 -18.02 1.92 -17.35
C VAL F 116 -18.78 1.49 -18.61
N SER F 117 -19.46 0.35 -18.51
CA SER F 117 -20.20 -0.19 -19.63
C SER F 117 -21.34 -1.09 -19.17
N SER F 118 -22.39 -1.15 -19.99
CA SER F 118 -23.55 -1.98 -19.67
C SER F 118 -23.40 -3.32 -20.39
N ALA F 119 -22.18 -3.61 -20.85
CA ALA F 119 -21.90 -4.85 -21.55
C ALA F 119 -21.66 -5.98 -20.56
N SER F 120 -22.02 -7.20 -20.97
CA SER F 120 -21.84 -8.38 -20.13
C SER F 120 -20.51 -9.05 -20.44
N THR F 121 -19.91 -9.66 -19.43
CA THR F 121 -18.65 -10.35 -19.63
C THR F 121 -18.86 -11.38 -20.72
N LYS F 122 -17.88 -11.54 -21.59
CA LYS F 122 -17.97 -12.48 -22.68
C LYS F 122 -16.59 -12.86 -23.21
N GLY F 123 -16.38 -14.16 -23.39
CA GLY F 123 -15.11 -14.64 -23.91
C GLY F 123 -15.04 -14.34 -25.40
N PRO F 124 -13.84 -14.20 -25.96
CA PRO F 124 -13.67 -13.89 -27.38
C PRO F 124 -13.84 -15.08 -28.34
N SER F 125 -14.22 -14.77 -29.57
CA SER F 125 -14.33 -15.77 -30.62
C SER F 125 -13.03 -15.55 -31.39
N VAL F 126 -12.30 -16.63 -31.64
CA VAL F 126 -11.02 -16.51 -32.34
C VAL F 126 -11.07 -17.10 -33.74
N PHE F 127 -10.72 -16.29 -34.73
CA PHE F 127 -10.73 -16.73 -36.12
C PHE F 127 -9.36 -16.58 -36.73
N PRO F 128 -9.02 -17.47 -37.67
CA PRO F 128 -7.72 -17.43 -38.33
C PRO F 128 -7.63 -16.40 -39.44
N LEU F 129 -6.42 -15.87 -39.61
CA LEU F 129 -6.14 -14.91 -40.67
C LEU F 129 -5.13 -15.73 -41.50
N ALA F 130 -5.69 -16.60 -42.35
CA ALA F 130 -4.91 -17.49 -43.20
C ALA F 130 -4.03 -16.78 -44.22
N PRO F 131 -2.77 -17.22 -44.35
CA PRO F 131 -1.79 -16.65 -45.28
C PRO F 131 -2.30 -16.80 -46.72
N GLY F 139 9.08 -15.10 -50.28
CA GLY F 139 9.84 -14.27 -49.36
C GLY F 139 9.26 -14.28 -47.95
N THR F 140 8.48 -13.26 -47.62
CA THR F 140 7.86 -13.17 -46.31
C THR F 140 6.34 -13.22 -46.41
N ALA F 141 5.72 -14.00 -45.54
CA ALA F 141 4.27 -14.11 -45.54
C ALA F 141 3.74 -13.62 -44.21
N ALA F 142 2.43 -13.35 -44.16
CA ALA F 142 1.84 -12.89 -42.92
C ALA F 142 0.60 -13.71 -42.59
N LEU F 143 0.41 -13.97 -41.30
CA LEU F 143 -0.75 -14.72 -40.85
C LEU F 143 -1.09 -14.21 -39.45
N GLY F 144 -2.27 -14.58 -38.97
CA GLY F 144 -2.65 -14.12 -37.65
C GLY F 144 -3.96 -14.69 -37.15
N CYS F 145 -4.46 -14.05 -36.10
CA CYS F 145 -5.72 -14.41 -35.48
C CYS F 145 -6.54 -13.19 -35.16
N LEU F 146 -7.82 -13.25 -35.48
CA LEU F 146 -8.73 -12.17 -35.18
C LEU F 146 -9.40 -12.58 -33.87
N VAL F 147 -9.25 -11.77 -32.84
CA VAL F 147 -9.85 -12.03 -31.53
C VAL F 147 -11.04 -11.07 -31.45
N LYS F 148 -12.22 -11.59 -31.77
CA LYS F 148 -13.41 -10.75 -31.81
C LYS F 148 -14.49 -10.95 -30.77
N ASP F 149 -15.20 -9.86 -30.50
CA ASP F 149 -16.32 -9.82 -29.57
C ASP F 149 -16.07 -10.30 -28.16
N TYR F 150 -15.28 -9.55 -27.40
CA TYR F 150 -15.05 -9.94 -26.02
C TYR F 150 -15.21 -8.72 -25.12
N PHE F 151 -15.38 -8.97 -23.83
CA PHE F 151 -15.55 -7.92 -22.84
C PHE F 151 -15.38 -8.51 -21.46
N PRO F 152 -14.63 -7.82 -20.60
CA PRO F 152 -13.97 -6.56 -20.95
C PRO F 152 -12.51 -6.79 -21.27
N GLU F 153 -11.76 -5.71 -21.38
CA GLU F 153 -10.34 -5.79 -21.61
C GLU F 153 -9.77 -6.42 -20.34
N PRO F 154 -8.62 -7.10 -20.44
CA PRO F 154 -7.86 -7.29 -21.67
C PRO F 154 -7.71 -8.78 -21.98
N VAL F 155 -7.13 -9.09 -23.14
CA VAL F 155 -6.86 -10.45 -23.53
C VAL F 155 -5.37 -10.50 -23.77
N THR F 156 -4.77 -11.68 -23.62
CA THR F 156 -3.36 -11.82 -23.88
C THR F 156 -3.27 -12.81 -25.02
N VAL F 157 -2.39 -12.54 -25.98
CA VAL F 157 -2.22 -13.44 -27.10
C VAL F 157 -0.78 -13.82 -27.25
N SER F 158 -0.54 -15.12 -27.46
CA SER F 158 0.81 -15.61 -27.64
C SER F 158 0.77 -16.52 -28.86
N TRP F 159 1.93 -16.84 -29.41
CA TRP F 159 2.00 -17.72 -30.55
C TRP F 159 2.87 -18.92 -30.23
N ASN F 160 2.35 -20.11 -30.54
CA ASN F 160 3.05 -21.35 -30.27
C ASN F 160 3.50 -21.41 -28.79
N SER F 161 2.59 -21.01 -27.92
CA SER F 161 2.82 -20.99 -26.48
C SER F 161 4.04 -20.17 -26.03
N GLY F 162 4.25 -19.03 -26.69
CA GLY F 162 5.35 -18.16 -26.33
C GLY F 162 6.67 -18.43 -27.03
N ALA F 163 6.72 -19.47 -27.84
CA ALA F 163 7.92 -19.84 -28.58
C ALA F 163 8.21 -18.87 -29.74
N LEU F 164 7.15 -18.35 -30.35
CA LEU F 164 7.27 -17.42 -31.47
C LEU F 164 6.94 -15.99 -31.05
N THR F 165 7.96 -15.13 -31.03
CA THR F 165 7.75 -13.74 -30.66
C THR F 165 8.28 -12.78 -31.72
N SER F 166 9.22 -13.26 -32.53
CA SER F 166 9.82 -12.44 -33.59
C SER F 166 8.83 -12.18 -34.70
N GLY F 167 8.65 -10.89 -35.04
CA GLY F 167 7.74 -10.53 -36.11
C GLY F 167 6.29 -10.48 -35.69
N VAL F 168 6.01 -10.63 -34.40
CA VAL F 168 4.65 -10.61 -33.90
C VAL F 168 4.19 -9.18 -33.58
N HIS F 169 2.97 -8.84 -34.01
CA HIS F 169 2.39 -7.54 -33.75
C HIS F 169 0.97 -7.75 -33.26
N THR F 170 0.74 -7.47 -31.97
CA THR F 170 -0.59 -7.60 -31.40
C THR F 170 -1.12 -6.19 -31.23
N PHE F 171 -2.13 -5.86 -32.02
CA PHE F 171 -2.72 -4.53 -32.00
C PHE F 171 -3.58 -4.20 -30.81
N PRO F 172 -3.69 -2.89 -30.50
CA PRO F 172 -4.51 -2.41 -29.39
C PRO F 172 -5.95 -2.77 -29.74
N ALA F 173 -6.74 -3.11 -28.73
CA ALA F 173 -8.12 -3.47 -28.95
C ALA F 173 -8.94 -2.24 -29.34
N VAL F 174 -9.98 -2.47 -30.11
CA VAL F 174 -10.86 -1.40 -30.52
C VAL F 174 -12.25 -1.75 -30.01
N LEU F 175 -12.96 -0.77 -29.50
CA LEU F 175 -14.31 -0.98 -28.98
C LEU F 175 -15.29 -0.89 -30.15
N GLN F 176 -15.98 -1.99 -30.44
CA GLN F 176 -16.93 -1.98 -31.55
C GLN F 176 -18.25 -1.34 -31.12
N SER F 177 -19.08 -0.96 -32.09
CA SER F 177 -20.36 -0.34 -31.80
C SER F 177 -21.26 -1.26 -30.99
N SER F 178 -20.92 -2.55 -30.96
CA SER F 178 -21.67 -3.54 -30.21
C SER F 178 -21.39 -3.44 -28.72
N GLY F 179 -20.34 -2.70 -28.38
CA GLY F 179 -19.96 -2.53 -26.99
C GLY F 179 -18.90 -3.55 -26.63
N LEU F 180 -18.55 -4.41 -27.59
CA LEU F 180 -17.55 -5.43 -27.39
C LEU F 180 -16.23 -5.06 -28.06
N TYR F 181 -15.13 -5.63 -27.56
CA TYR F 181 -13.82 -5.35 -28.10
C TYR F 181 -13.42 -6.34 -29.17
N SER F 182 -12.40 -5.98 -29.95
CA SER F 182 -11.86 -6.81 -30.99
C SER F 182 -10.45 -6.38 -31.31
N LEU F 183 -9.59 -7.36 -31.60
CA LEU F 183 -8.22 -7.05 -31.95
C LEU F 183 -7.66 -8.21 -32.73
N SER F 184 -6.55 -7.98 -33.42
CA SER F 184 -5.90 -9.03 -34.18
C SER F 184 -4.45 -9.06 -33.78
N SER F 185 -3.87 -10.24 -33.87
CA SER F 185 -2.47 -10.41 -33.59
C SER F 185 -1.96 -11.03 -34.88
N VAL F 186 -0.87 -10.49 -35.40
CA VAL F 186 -0.31 -10.99 -36.63
C VAL F 186 1.17 -11.27 -36.44
N VAL F 187 1.74 -12.01 -37.37
CA VAL F 187 3.16 -12.32 -37.34
C VAL F 187 3.59 -12.58 -38.78
N THR F 188 4.79 -12.13 -39.13
CA THR F 188 5.30 -12.38 -40.48
C THR F 188 6.27 -13.55 -40.37
N VAL F 189 6.20 -14.46 -41.34
CA VAL F 189 7.05 -15.64 -41.33
C VAL F 189 7.56 -15.90 -42.74
N PRO F 190 8.58 -16.75 -42.88
CA PRO F 190 9.07 -17.01 -44.24
C PRO F 190 8.01 -17.82 -44.98
N SER F 191 7.80 -17.49 -46.25
CA SER F 191 6.81 -18.17 -47.07
C SER F 191 7.12 -19.66 -47.21
N SER F 192 8.36 -20.03 -46.93
CA SER F 192 8.81 -21.42 -47.04
C SER F 192 8.34 -22.31 -45.89
N SER F 193 7.84 -21.72 -44.80
CA SER F 193 7.40 -22.50 -43.65
C SER F 193 5.89 -22.67 -43.56
N LEU F 194 5.17 -22.12 -44.52
CA LEU F 194 3.72 -22.20 -44.50
C LEU F 194 3.17 -23.63 -44.50
N GLY F 195 3.71 -24.49 -45.35
CA GLY F 195 3.23 -25.86 -45.41
C GLY F 195 4.03 -26.85 -44.57
N THR F 196 4.85 -26.34 -43.66
CA THR F 196 5.67 -27.22 -42.82
C THR F 196 5.60 -26.88 -41.34
N GLN F 197 5.50 -25.59 -41.03
CA GLN F 197 5.44 -25.16 -39.64
C GLN F 197 4.03 -24.94 -39.12
N THR F 198 3.80 -25.34 -37.87
CA THR F 198 2.51 -25.18 -37.23
C THR F 198 2.42 -23.79 -36.62
N TYR F 199 1.28 -23.13 -36.84
CA TYR F 199 1.07 -21.80 -36.29
C TYR F 199 -0.23 -21.78 -35.52
N ILE F 200 -0.11 -21.61 -34.21
CA ILE F 200 -1.26 -21.59 -33.33
C ILE F 200 -1.19 -20.36 -32.45
N CYS F 201 -2.29 -19.61 -32.37
CA CYS F 201 -2.28 -18.44 -31.51
C CYS F 201 -2.99 -18.86 -30.23
N ASN F 202 -2.42 -18.46 -29.10
CA ASN F 202 -3.00 -18.80 -27.81
C ASN F 202 -3.62 -17.56 -27.22
N VAL F 203 -4.95 -17.58 -27.07
CA VAL F 203 -5.66 -16.45 -26.54
C VAL F 203 -6.20 -16.74 -25.14
N ASN F 204 -5.97 -15.80 -24.25
CA ASN F 204 -6.42 -15.94 -22.86
C ASN F 204 -7.21 -14.72 -22.42
N HIS F 205 -8.43 -14.95 -21.95
CA HIS F 205 -9.29 -13.88 -21.46
C HIS F 205 -9.63 -14.18 -20.01
N LYS F 206 -8.82 -13.69 -19.09
CA LYS F 206 -9.03 -13.91 -17.67
C LYS F 206 -10.43 -13.59 -17.16
N PRO F 207 -10.96 -12.41 -17.52
CA PRO F 207 -12.31 -12.01 -17.07
C PRO F 207 -13.42 -13.05 -17.28
N SER F 208 -13.18 -14.03 -18.14
CA SER F 208 -14.17 -15.08 -18.39
C SER F 208 -13.52 -16.44 -18.31
N ASN F 209 -12.25 -16.47 -17.92
CA ASN F 209 -11.49 -17.71 -17.80
C ASN F 209 -11.57 -18.54 -19.06
N THR F 210 -11.14 -17.94 -20.17
CA THR F 210 -11.14 -18.59 -21.47
C THR F 210 -9.71 -18.68 -21.99
N LYS F 211 -9.35 -19.84 -22.55
CA LYS F 211 -8.00 -20.01 -23.07
C LYS F 211 -8.06 -20.71 -24.44
N VAL F 212 -8.65 -20.01 -25.40
CA VAL F 212 -8.80 -20.53 -26.76
C VAL F 212 -7.49 -20.61 -27.53
N ASP F 213 -7.33 -21.70 -28.28
CA ASP F 213 -6.16 -21.89 -29.12
C ASP F 213 -6.68 -22.17 -30.53
N LYS F 214 -6.11 -21.49 -31.51
CA LYS F 214 -6.57 -21.65 -32.88
C LYS F 214 -5.45 -21.89 -33.88
N ARG F 215 -5.60 -22.92 -34.70
CA ARG F 215 -4.60 -23.27 -35.70
C ARG F 215 -4.81 -22.38 -36.93
N VAL F 216 -3.71 -21.83 -37.44
CA VAL F 216 -3.76 -20.95 -38.61
C VAL F 216 -2.95 -21.57 -39.72
N GLU F 217 -3.62 -22.01 -40.78
CA GLU F 217 -2.94 -22.65 -41.90
C GLU F 217 -3.43 -22.09 -43.23
N PRO F 218 -2.64 -22.32 -44.30
CA PRO F 218 -3.02 -21.84 -45.63
C PRO F 218 -4.33 -22.51 -46.03
N LYS F 219 -5.29 -21.71 -46.48
CA LYS F 219 -6.58 -22.24 -46.88
C LYS F 219 -6.45 -23.19 -48.07
N GLU G 1 -26.60 -16.44 15.69
CA GLU G 1 -26.80 -15.39 14.66
C GLU G 1 -25.56 -14.51 14.55
N ILE G 2 -25.43 -13.81 13.43
CA ILE G 2 -24.28 -12.94 13.23
C ILE G 2 -24.51 -11.63 13.97
N VAL G 3 -23.61 -11.33 14.91
CA VAL G 3 -23.70 -10.12 15.71
C VAL G 3 -22.93 -8.99 15.06
N LEU G 4 -23.57 -7.83 14.93
CA LEU G 4 -22.92 -6.66 14.36
C LEU G 4 -22.68 -5.65 15.46
N THR G 5 -21.47 -5.11 15.52
CA THR G 5 -21.12 -4.11 16.53
C THR G 5 -20.75 -2.81 15.81
N GLN G 6 -21.09 -1.68 16.42
CA GLN G 6 -20.79 -0.39 15.82
C GLN G 6 -20.01 0.51 16.78
N SER G 7 -19.12 1.31 16.22
CA SER G 7 -18.33 2.25 17.01
C SER G 7 -18.02 3.45 16.13
N PRO G 8 -18.00 4.66 16.70
CA PRO G 8 -18.26 4.88 18.12
C PRO G 8 -19.77 4.88 18.27
N ASP G 9 -20.28 5.03 19.49
CA ASP G 9 -21.73 5.04 19.68
C ASP G 9 -22.28 6.43 19.43
N PHE G 10 -21.40 7.43 19.54
CA PHE G 10 -21.80 8.81 19.36
C PHE G 10 -20.56 9.60 18.89
N GLN G 11 -20.75 10.53 17.96
CA GLN G 11 -19.63 11.34 17.47
C GLN G 11 -20.14 12.68 16.96
N SER G 12 -19.48 13.75 17.38
CA SER G 12 -19.83 15.12 16.98
C SER G 12 -18.83 15.59 15.92
N VAL G 13 -19.34 16.21 14.85
CA VAL G 13 -18.48 16.65 13.76
C VAL G 13 -18.82 18.06 13.31
N THR G 14 -17.80 18.90 13.14
CA THR G 14 -18.11 20.25 12.70
C THR G 14 -18.31 20.19 11.19
N PRO G 15 -19.26 20.97 10.68
CA PRO G 15 -19.56 21.00 9.24
C PRO G 15 -18.30 21.15 8.40
N LYS G 16 -18.26 20.42 7.28
CA LYS G 16 -17.12 20.41 6.36
C LYS G 16 -16.04 19.42 6.80
N GLU G 17 -16.14 18.91 8.01
CA GLU G 17 -15.16 17.94 8.47
C GLU G 17 -15.65 16.51 8.25
N LYS G 18 -14.90 15.52 8.73
CA LYS G 18 -15.21 14.13 8.46
C LYS G 18 -15.54 13.20 9.60
N VAL G 19 -16.46 12.26 9.34
CA VAL G 19 -16.79 11.27 10.34
C VAL G 19 -16.68 9.87 9.74
N THR G 20 -16.14 8.96 10.53
CA THR G 20 -15.93 7.58 10.15
C THR G 20 -16.59 6.64 11.17
N ILE G 21 -17.60 5.89 10.74
CA ILE G 21 -18.33 4.94 11.59
C ILE G 21 -17.90 3.54 11.17
N THR G 22 -17.73 2.67 12.15
CA THR G 22 -17.30 1.30 11.88
C THR G 22 -18.37 0.30 12.30
N CYS G 23 -18.50 -0.78 11.50
CA CYS G 23 -19.44 -1.86 11.80
C CYS G 23 -18.62 -3.13 11.61
N ARG G 24 -18.59 -3.98 12.62
CA ARG G 24 -17.85 -5.23 12.51
C ARG G 24 -18.78 -6.41 12.74
N ALA G 25 -18.61 -7.44 11.92
CA ALA G 25 -19.44 -8.64 12.01
C ALA G 25 -18.70 -9.74 12.75
N SER G 26 -19.44 -10.55 13.51
CA SER G 26 -18.85 -11.65 14.27
C SER G 26 -18.37 -12.81 13.39
N GLN G 27 -18.85 -12.84 12.16
CA GLN G 27 -18.46 -13.86 11.17
C GLN G 27 -18.49 -13.14 9.83
N SER G 28 -17.85 -13.70 8.81
CA SER G 28 -17.85 -13.03 7.51
C SER G 28 -19.22 -12.94 6.85
N ILE G 29 -19.50 -11.79 6.24
CA ILE G 29 -20.77 -11.60 5.56
C ILE G 29 -20.53 -11.15 4.12
N GLY G 30 -19.30 -11.33 3.66
CA GLY G 30 -18.94 -10.94 2.32
C GLY G 30 -19.23 -9.45 2.13
N SER G 31 -20.02 -9.10 1.13
CA SER G 31 -20.36 -7.71 0.88
C SER G 31 -21.83 -7.40 1.20
N SER G 32 -22.49 -8.31 1.91
CA SER G 32 -23.91 -8.15 2.26
C SER G 32 -24.14 -7.36 3.54
N LEU G 33 -23.68 -6.11 3.50
CA LEU G 33 -23.76 -5.19 4.62
C LEU G 33 -24.32 -3.87 4.04
N HIS G 34 -25.40 -3.38 4.65
CA HIS G 34 -26.05 -2.17 4.18
C HIS G 34 -26.14 -1.15 5.29
N TRP G 35 -26.16 0.14 4.92
CA TRP G 35 -26.24 1.24 5.89
C TRP G 35 -27.52 2.03 5.71
N TYR G 36 -28.12 2.43 6.83
CA TYR G 36 -29.35 3.23 6.79
C TYR G 36 -29.16 4.48 7.63
N GLN G 37 -29.86 5.53 7.24
CA GLN G 37 -29.79 6.80 7.97
C GLN G 37 -31.19 7.03 8.53
N GLN G 38 -31.28 7.34 9.81
CA GLN G 38 -32.58 7.61 10.41
C GLN G 38 -32.59 8.91 11.22
N LYS G 39 -33.47 9.81 10.81
CA LYS G 39 -33.63 11.08 11.51
C LYS G 39 -34.81 11.00 12.48
N PRO G 40 -34.84 11.89 13.49
CA PRO G 40 -35.92 11.91 14.48
C PRO G 40 -37.32 11.88 13.87
N ASP G 41 -38.17 11.00 14.39
CA ASP G 41 -39.55 10.85 13.93
C ASP G 41 -39.72 10.48 12.47
N GLN G 42 -38.69 9.88 11.90
CA GLN G 42 -38.73 9.44 10.52
C GLN G 42 -38.31 7.99 10.51
N SER G 43 -38.79 7.23 9.54
CA SER G 43 -38.39 5.84 9.45
C SER G 43 -37.01 5.87 8.80
N PRO G 44 -36.27 4.76 8.88
CA PRO G 44 -34.92 4.70 8.28
C PRO G 44 -34.98 4.81 6.76
N LYS G 45 -33.89 5.29 6.18
CA LYS G 45 -33.77 5.40 4.72
C LYS G 45 -32.49 4.69 4.32
N LEU G 46 -32.57 3.93 3.22
CA LEU G 46 -31.41 3.20 2.73
C LEU G 46 -30.37 4.19 2.21
N LEU G 47 -29.13 4.02 2.65
CA LEU G 47 -28.05 4.90 2.26
C LEU G 47 -27.04 4.21 1.36
N ILE G 48 -26.47 3.12 1.85
CA ILE G 48 -25.48 2.36 1.11
C ILE G 48 -25.93 0.91 1.03
N LYS G 49 -25.84 0.30 -0.14
CA LYS G 49 -26.21 -1.11 -0.24
C LYS G 49 -24.98 -1.92 -0.66
N TYR G 50 -24.94 -3.17 -0.23
CA TYR G 50 -23.85 -4.07 -0.56
C TYR G 50 -22.48 -3.45 -0.32
N ALA G 51 -22.32 -2.95 0.91
CA ALA G 51 -21.07 -2.38 1.40
C ALA G 51 -20.58 -1.06 0.84
N SER G 52 -20.67 -0.88 -0.48
CA SER G 52 -20.14 0.33 -1.09
C SER G 52 -20.93 0.98 -2.21
N GLN G 53 -22.13 0.49 -2.49
CA GLN G 53 -22.92 1.10 -3.56
C GLN G 53 -23.86 2.12 -2.95
N SER G 54 -23.71 3.37 -3.37
CA SER G 54 -24.58 4.42 -2.87
C SER G 54 -25.98 4.20 -3.44
N PHE G 55 -27.00 4.44 -2.64
CA PHE G 55 -28.37 4.26 -3.11
C PHE G 55 -28.77 5.52 -3.90
N SER G 56 -29.83 5.41 -4.69
CA SER G 56 -30.31 6.52 -5.50
C SER G 56 -30.57 7.80 -4.72
N GLY G 57 -29.99 8.89 -5.20
CA GLY G 57 -30.19 10.17 -4.54
C GLY G 57 -29.15 10.50 -3.47
N VAL G 58 -28.42 9.48 -3.02
CA VAL G 58 -27.42 9.70 -1.98
C VAL G 58 -26.19 10.45 -2.49
N PRO G 59 -25.82 11.56 -1.82
CA PRO G 59 -24.66 12.41 -2.16
C PRO G 59 -23.35 11.61 -2.18
N SER G 60 -22.44 11.98 -3.07
CA SER G 60 -21.17 11.27 -3.15
C SER G 60 -20.26 11.50 -1.95
N ARG G 61 -20.64 12.42 -1.06
CA ARG G 61 -19.80 12.64 0.13
C ARG G 61 -19.89 11.49 1.12
N PHE G 62 -20.82 10.57 0.89
CA PHE G 62 -20.95 9.38 1.74
C PHE G 62 -20.19 8.27 1.02
N SER G 63 -19.35 7.54 1.72
CA SER G 63 -18.61 6.43 1.13
C SER G 63 -18.70 5.21 2.05
N GLY G 64 -19.27 4.12 1.54
CA GLY G 64 -19.34 2.90 2.32
C GLY G 64 -18.22 2.02 1.81
N SER G 65 -17.50 1.33 2.69
CA SER G 65 -16.43 0.45 2.22
C SER G 65 -16.20 -0.72 3.14
N GLY G 66 -15.45 -1.69 2.66
CA GLY G 66 -15.14 -2.86 3.46
C GLY G 66 -15.74 -4.13 2.89
N SER G 67 -15.35 -5.26 3.47
CA SER G 67 -15.86 -6.56 3.04
C SER G 67 -15.44 -7.59 4.07
N GLY G 68 -16.16 -8.70 4.14
CA GLY G 68 -15.80 -9.71 5.09
C GLY G 68 -16.39 -9.43 6.45
N THR G 69 -15.58 -8.84 7.34
CA THR G 69 -16.06 -8.57 8.69
C THR G 69 -15.93 -7.11 9.16
N ASP G 70 -15.17 -6.32 8.44
CA ASP G 70 -14.93 -4.92 8.85
C ASP G 70 -15.48 -3.94 7.82
N PHE G 71 -16.43 -3.12 8.23
CA PHE G 71 -17.03 -2.16 7.33
C PHE G 71 -16.99 -0.74 7.86
N THR G 72 -16.93 0.24 6.95
CA THR G 72 -16.87 1.63 7.35
C THR G 72 -17.80 2.52 6.54
N LEU G 73 -18.43 3.47 7.23
CA LEU G 73 -19.29 4.45 6.55
C LEU G 73 -18.59 5.76 6.84
N THR G 74 -18.18 6.47 5.79
CA THR G 74 -17.51 7.74 5.96
C THR G 74 -18.39 8.85 5.40
N ILE G 75 -18.50 9.95 6.16
CA ILE G 75 -19.26 11.09 5.68
C ILE G 75 -18.22 12.19 5.55
N ASN G 76 -17.90 12.56 4.31
CA ASN G 76 -16.93 13.60 4.06
C ASN G 76 -17.63 14.93 3.96
N SER G 77 -16.89 16.02 4.19
CA SER G 77 -17.44 17.37 4.12
C SER G 77 -18.84 17.38 4.67
N LEU G 78 -18.96 16.97 5.92
CA LEU G 78 -20.25 16.86 6.57
C LEU G 78 -21.10 18.13 6.48
N GLU G 79 -22.39 17.92 6.29
CA GLU G 79 -23.35 19.02 6.21
C GLU G 79 -24.41 18.83 7.28
N ALA G 80 -25.05 19.93 7.66
CA ALA G 80 -26.07 19.92 8.69
C ALA G 80 -27.08 18.79 8.52
N GLU G 81 -27.57 18.60 7.30
CA GLU G 81 -28.56 17.57 7.03
C GLU G 81 -28.06 16.15 7.26
N ASP G 82 -26.78 15.99 7.59
CA ASP G 82 -26.22 14.66 7.83
C ASP G 82 -26.34 14.21 9.29
N ALA G 83 -26.79 15.09 10.17
CA ALA G 83 -26.95 14.71 11.58
C ALA G 83 -28.06 13.66 11.62
N ALA G 84 -27.80 12.52 12.25
CA ALA G 84 -28.78 11.43 12.31
C ALA G 84 -28.20 10.21 12.98
N ALA G 85 -29.00 9.15 13.04
CA ALA G 85 -28.57 7.87 13.58
C ALA G 85 -28.25 7.03 12.34
N TYR G 86 -27.18 6.26 12.41
CA TYR G 86 -26.76 5.41 11.30
C TYR G 86 -26.67 3.96 11.76
N TYR G 87 -27.31 3.07 11.00
CA TYR G 87 -27.35 1.65 11.33
C TYR G 87 -26.82 0.79 10.18
N CYS G 88 -26.15 -0.31 10.52
CA CYS G 88 -25.70 -1.27 9.52
C CYS G 88 -26.60 -2.49 9.69
N HIS G 89 -26.71 -3.27 8.62
CA HIS G 89 -27.56 -4.45 8.59
C HIS G 89 -26.95 -5.49 7.64
N GLN G 90 -26.89 -6.74 8.09
CA GLN G 90 -26.33 -7.81 7.27
C GLN G 90 -27.43 -8.71 6.71
N SER G 91 -27.34 -9.00 5.42
CA SER G 91 -28.32 -9.86 4.76
C SER G 91 -27.65 -11.13 4.26
N SER G 92 -26.48 -11.43 4.80
CA SER G 92 -25.73 -12.61 4.41
C SER G 92 -26.35 -13.90 4.94
N SER G 93 -26.84 -13.88 6.17
CA SER G 93 -27.42 -15.09 6.71
C SER G 93 -28.54 -14.89 7.72
N LEU G 94 -29.55 -15.75 7.63
CA LEU G 94 -30.72 -15.71 8.50
C LEU G 94 -30.31 -16.28 9.86
N PRO G 95 -30.79 -15.66 10.95
CA PRO G 95 -31.66 -14.47 10.93
C PRO G 95 -30.89 -13.17 10.67
N PHE G 96 -31.53 -12.28 9.92
CA PHE G 96 -30.91 -11.00 9.60
C PHE G 96 -30.76 -10.18 10.87
N THR G 97 -29.70 -9.37 10.92
CA THR G 97 -29.45 -8.57 12.12
C THR G 97 -28.97 -7.16 11.82
N PHE G 98 -29.18 -6.27 12.79
CA PHE G 98 -28.78 -4.86 12.70
C PHE G 98 -27.73 -4.54 13.76
N GLY G 99 -26.89 -3.54 13.49
CA GLY G 99 -25.92 -3.10 14.47
C GLY G 99 -26.70 -2.23 15.45
N PRO G 100 -26.12 -1.85 16.60
CA PRO G 100 -26.81 -1.01 17.59
C PRO G 100 -27.03 0.45 17.20
N GLY G 101 -26.39 0.88 16.11
CA GLY G 101 -26.54 2.25 15.67
C GLY G 101 -25.48 3.21 16.20
N THR G 102 -25.26 4.28 15.45
CA THR G 102 -24.29 5.31 15.82
C THR G 102 -24.95 6.67 15.57
N LYS G 103 -24.97 7.54 16.58
CA LYS G 103 -25.56 8.86 16.39
C LYS G 103 -24.48 9.89 16.08
N VAL G 104 -24.73 10.69 15.05
CA VAL G 104 -23.79 11.73 14.64
C VAL G 104 -24.48 13.09 14.81
N ASP G 105 -23.90 13.99 15.59
CA ASP G 105 -24.52 15.31 15.73
C ASP G 105 -23.55 16.40 15.28
N ILE G 106 -24.04 17.61 15.14
CA ILE G 106 -23.23 18.72 14.68
C ILE G 106 -22.41 19.31 15.82
N LYS G 107 -21.09 19.40 15.61
CA LYS G 107 -20.26 19.99 16.64
C LYS G 107 -20.32 21.51 16.49
N ARG G 108 -20.48 22.21 17.61
CA ARG G 108 -20.49 23.67 17.61
C ARG G 108 -19.70 24.11 18.84
N THR G 109 -19.59 25.40 19.08
CA THR G 109 -18.84 25.86 20.24
C THR G 109 -19.56 25.44 21.50
N VAL G 110 -18.82 25.36 22.60
CA VAL G 110 -19.39 24.99 23.87
C VAL G 110 -20.38 26.04 24.33
N ALA G 111 -21.53 25.61 24.83
CA ALA G 111 -22.55 26.51 25.36
C ALA G 111 -22.97 25.97 26.71
N ALA G 112 -22.81 26.79 27.75
CA ALA G 112 -23.18 26.38 29.09
C ALA G 112 -24.70 26.41 29.19
N PRO G 113 -25.28 25.50 29.96
CA PRO G 113 -26.73 25.51 30.07
C PRO G 113 -27.23 26.61 30.99
N SER G 114 -28.42 27.10 30.72
CA SER G 114 -29.05 28.08 31.62
C SER G 114 -29.89 27.12 32.48
N VAL G 115 -29.79 27.24 33.80
CA VAL G 115 -30.51 26.34 34.67
C VAL G 115 -31.67 26.99 35.41
N PHE G 116 -32.82 26.32 35.36
CA PHE G 116 -34.04 26.80 36.00
C PHE G 116 -34.62 25.67 36.84
N ILE G 117 -35.31 26.02 37.92
CA ILE G 117 -35.92 25.01 38.76
C ILE G 117 -37.36 25.41 39.08
N PHE G 118 -38.25 24.42 39.06
CA PHE G 118 -39.67 24.64 39.31
C PHE G 118 -40.21 23.79 40.45
N PRO G 119 -40.70 24.43 41.52
CA PRO G 119 -41.25 23.65 42.64
C PRO G 119 -42.57 23.01 42.16
N PRO G 120 -43.12 22.07 42.92
CA PRO G 120 -44.37 21.51 42.42
C PRO G 120 -45.48 22.56 42.49
N SER G 121 -46.42 22.50 41.56
CA SER G 121 -47.53 23.45 41.54
C SER G 121 -48.49 23.09 42.68
N ASP G 122 -49.30 24.04 43.12
CA ASP G 122 -50.25 23.79 44.18
C ASP G 122 -51.29 22.78 43.71
N GLU G 123 -51.61 22.83 42.43
CA GLU G 123 -52.58 21.91 41.84
C GLU G 123 -52.08 20.47 41.98
N GLN G 124 -50.82 20.23 41.64
CA GLN G 124 -50.33 18.87 41.75
C GLN G 124 -50.31 18.43 43.21
N LEU G 125 -49.85 19.32 44.08
CA LEU G 125 -49.76 19.00 45.50
C LEU G 125 -51.10 18.56 46.09
N LYS G 126 -52.18 19.24 45.74
CA LYS G 126 -53.48 18.85 46.29
C LYS G 126 -53.84 17.45 45.83
N SER G 127 -53.21 16.99 44.75
CA SER G 127 -53.48 15.64 44.24
C SER G 127 -52.65 14.60 44.98
N GLY G 128 -51.80 15.04 45.90
CA GLY G 128 -50.99 14.13 46.68
C GLY G 128 -49.57 13.81 46.18
N THR G 129 -49.14 14.48 45.12
CA THR G 129 -47.81 14.22 44.59
C THR G 129 -47.03 15.50 44.33
N ALA G 130 -45.71 15.43 44.43
CA ALA G 130 -44.88 16.60 44.19
C ALA G 130 -43.75 16.30 43.21
N SER G 131 -43.77 16.97 42.07
CA SER G 131 -42.73 16.79 41.07
C SER G 131 -41.92 18.08 41.04
N VAL G 132 -40.62 17.96 41.21
CA VAL G 132 -39.74 19.12 41.15
C VAL G 132 -38.99 19.00 39.83
N VAL G 133 -39.12 20.01 38.98
CA VAL G 133 -38.47 19.98 37.68
C VAL G 133 -37.27 20.92 37.58
N CYS G 134 -36.16 20.38 37.06
CA CYS G 134 -34.93 21.15 36.86
C CYS G 134 -34.70 21.14 35.35
N LEU G 135 -34.49 22.31 34.78
CA LEU G 135 -34.27 22.44 33.34
C LEU G 135 -32.88 22.97 32.98
N LEU G 136 -32.19 22.27 32.09
CA LEU G 136 -30.87 22.67 31.58
C LEU G 136 -31.19 23.05 30.14
N ASN G 137 -31.14 24.33 29.86
CA ASN G 137 -31.52 24.82 28.54
C ASN G 137 -30.41 25.25 27.59
N ASN G 138 -30.53 24.81 26.34
CA ASN G 138 -29.61 25.16 25.25
C ASN G 138 -28.14 25.05 25.54
N PHE G 139 -27.67 23.83 25.76
CA PHE G 139 -26.26 23.64 26.04
C PHE G 139 -25.61 22.74 24.98
N TYR G 140 -24.28 22.70 25.02
CA TYR G 140 -23.50 21.87 24.09
C TYR G 140 -22.10 21.76 24.67
N PRO G 141 -21.50 20.57 24.64
CA PRO G 141 -21.96 19.26 24.12
C PRO G 141 -23.07 18.64 24.96
N ARG G 142 -23.62 17.53 24.47
CA ARG G 142 -24.69 16.84 25.18
C ARG G 142 -24.31 16.35 26.56
N GLU G 143 -23.04 16.02 26.76
CA GLU G 143 -22.57 15.52 28.05
C GLU G 143 -22.89 16.46 29.23
N ALA G 144 -23.67 15.95 30.18
CA ALA G 144 -24.03 16.75 31.35
C ALA G 144 -24.42 15.83 32.50
N LYS G 145 -24.31 16.37 33.71
CA LYS G 145 -24.63 15.60 34.92
C LYS G 145 -25.53 16.42 35.84
N VAL G 146 -26.64 15.82 36.26
CA VAL G 146 -27.58 16.49 37.16
C VAL G 146 -27.81 15.63 38.38
N GLN G 147 -27.58 16.17 39.56
CA GLN G 147 -27.81 15.42 40.77
C GLN G 147 -28.78 16.18 41.65
N TRP G 148 -29.67 15.45 42.31
CA TRP G 148 -30.64 16.08 43.20
C TRP G 148 -30.19 15.95 44.64
N LYS G 149 -30.36 17.03 45.40
CA LYS G 149 -30.03 17.01 46.81
C LYS G 149 -31.21 17.57 47.57
N VAL G 150 -31.68 16.83 48.57
CA VAL G 150 -32.80 17.27 49.39
C VAL G 150 -32.17 17.45 50.77
N ASP G 151 -32.19 18.69 51.28
CA ASP G 151 -31.56 19.00 52.56
C ASP G 151 -30.10 18.52 52.50
N ASN G 152 -29.49 18.73 51.34
CA ASN G 152 -28.10 18.37 51.07
C ASN G 152 -27.83 16.88 50.95
N ALA G 153 -28.87 16.06 51.06
CA ALA G 153 -28.69 14.62 50.92
C ALA G 153 -28.87 14.19 49.47
N LEU G 154 -27.88 13.50 48.91
CA LEU G 154 -27.94 13.04 47.52
C LEU G 154 -29.06 12.04 47.30
N GLN G 155 -29.87 12.28 46.27
CA GLN G 155 -30.99 11.41 45.95
C GLN G 155 -30.61 10.42 44.87
N SER G 156 -31.34 9.30 44.82
CA SER G 156 -31.10 8.29 43.80
C SER G 156 -32.32 7.40 43.71
N GLY G 157 -32.71 7.08 42.48
CA GLY G 157 -33.86 6.22 42.27
C GLY G 157 -35.21 6.93 42.21
N ASN G 158 -35.25 8.22 42.50
CA ASN G 158 -36.53 8.93 42.47
C ASN G 158 -36.61 10.09 41.46
N SER G 159 -35.73 10.07 40.46
CA SER G 159 -35.73 11.09 39.43
C SER G 159 -35.56 10.48 38.06
N GLN G 160 -36.07 11.16 37.03
CA GLN G 160 -35.92 10.68 35.66
C GLN G 160 -35.55 11.87 34.78
N GLU G 161 -34.73 11.64 33.77
CA GLU G 161 -34.34 12.72 32.89
C GLU G 161 -34.62 12.41 31.44
N SER G 162 -34.79 13.48 30.67
CA SER G 162 -35.10 13.37 29.25
C SER G 162 -34.31 14.49 28.57
N VAL G 163 -33.79 14.19 27.37
CA VAL G 163 -33.01 15.15 26.59
C VAL G 163 -33.62 15.30 25.21
N THR G 164 -33.67 16.52 24.71
CA THR G 164 -34.22 16.78 23.39
C THR G 164 -33.21 16.35 22.33
N GLU G 165 -33.64 16.37 21.08
CA GLU G 165 -32.75 16.06 19.96
C GLU G 165 -32.03 17.38 19.73
N GLN G 166 -30.87 17.36 19.09
CA GLN G 166 -30.13 18.58 18.84
C GLN G 166 -30.96 19.58 18.04
N ASP G 167 -30.97 20.85 18.49
CA ASP G 167 -31.74 21.90 17.82
C ASP G 167 -31.23 22.18 16.41
N SER G 168 -32.15 22.35 15.47
CA SER G 168 -31.77 22.61 14.09
C SER G 168 -31.22 24.02 13.87
N LYS G 169 -31.64 24.99 14.68
CA LYS G 169 -31.15 26.35 14.51
C LYS G 169 -29.84 26.67 15.24
N ASP G 170 -29.72 26.31 16.52
CA ASP G 170 -28.50 26.61 17.26
C ASP G 170 -27.65 25.41 17.64
N SER G 171 -28.06 24.23 17.20
CA SER G 171 -27.31 23.01 17.47
C SER G 171 -27.08 22.67 18.95
N THR G 172 -27.95 23.16 19.83
CA THR G 172 -27.81 22.86 21.26
C THR G 172 -28.84 21.81 21.70
N TYR G 173 -28.70 21.38 22.95
CA TYR G 173 -29.59 20.39 23.56
C TYR G 173 -30.20 21.04 24.79
N SER G 174 -31.29 20.46 25.28
CA SER G 174 -31.91 20.91 26.51
C SER G 174 -32.23 19.62 27.23
N LEU G 175 -32.23 19.68 28.55
CA LEU G 175 -32.48 18.51 29.34
C LEU G 175 -33.37 18.82 30.52
N SER G 176 -34.26 17.89 30.84
CA SER G 176 -35.13 18.06 31.98
C SER G 176 -34.91 16.91 32.95
N SER G 177 -34.84 17.22 34.24
CA SER G 177 -34.69 16.20 35.28
C SER G 177 -35.86 16.43 36.22
N THR G 178 -36.62 15.38 36.49
CA THR G 178 -37.78 15.50 37.37
C THR G 178 -37.66 14.61 38.61
N LEU G 179 -37.76 15.23 39.78
CA LEU G 179 -37.70 14.53 41.04
C LEU G 179 -39.15 14.36 41.50
N THR G 180 -39.59 13.13 41.72
CA THR G 180 -40.97 12.94 42.17
C THR G 180 -41.05 12.32 43.56
N LEU G 181 -41.81 12.98 44.43
CA LEU G 181 -42.00 12.52 45.80
C LEU G 181 -43.47 12.60 46.16
N SER G 182 -43.86 11.90 47.23
CA SER G 182 -45.25 11.96 47.67
C SER G 182 -45.40 13.31 48.35
N LYS G 183 -46.64 13.79 48.45
CA LYS G 183 -46.91 15.06 49.10
C LYS G 183 -46.38 15.06 50.55
N ALA G 184 -46.45 13.89 51.20
CA ALA G 184 -45.99 13.74 52.57
C ALA G 184 -44.48 13.90 52.71
N ASP G 185 -43.73 13.17 51.89
CA ASP G 185 -42.27 13.25 51.92
C ASP G 185 -41.84 14.68 51.60
N TYR G 186 -42.40 15.24 50.53
CA TYR G 186 -42.07 16.59 50.11
C TYR G 186 -42.14 17.59 51.27
N GLU G 187 -43.19 17.49 52.07
CA GLU G 187 -43.37 18.41 53.18
C GLU G 187 -42.48 18.16 54.40
N LYS G 188 -41.64 17.14 54.33
CA LYS G 188 -40.74 16.81 55.43
C LYS G 188 -39.33 17.37 55.24
N HIS G 189 -39.10 18.06 54.14
CA HIS G 189 -37.77 18.60 53.87
C HIS G 189 -37.81 20.10 53.60
N LYS G 190 -36.68 20.77 53.84
CA LYS G 190 -36.62 22.21 53.67
C LYS G 190 -36.10 22.71 52.32
N VAL G 191 -34.93 22.22 51.92
CA VAL G 191 -34.30 22.66 50.69
C VAL G 191 -34.21 21.60 49.58
N TYR G 192 -34.56 22.01 48.37
CA TYR G 192 -34.53 21.13 47.21
C TYR G 192 -33.56 21.74 46.23
N ALA G 193 -32.63 20.94 45.73
CA ALA G 193 -31.66 21.49 44.80
C ALA G 193 -31.17 20.53 43.73
N CYS G 194 -30.91 21.06 42.54
CA CYS G 194 -30.33 20.25 41.48
C CYS G 194 -28.97 20.86 41.18
N GLU G 195 -27.94 20.05 41.29
CA GLU G 195 -26.58 20.49 41.03
C GLU G 195 -26.22 20.02 39.63
N VAL G 196 -25.82 20.96 38.79
CA VAL G 196 -25.50 20.66 37.40
C VAL G 196 -24.02 20.77 37.09
N THR G 197 -23.50 19.79 36.38
CA THR G 197 -22.10 19.80 35.99
C THR G 197 -22.06 19.73 34.47
N HIS G 198 -21.35 20.67 33.87
CA HIS G 198 -21.20 20.72 32.42
C HIS G 198 -19.90 21.48 32.18
N GLN G 199 -19.15 21.04 31.19
CA GLN G 199 -17.86 21.64 30.86
C GLN G 199 -17.89 23.14 30.53
N GLY G 200 -19.07 23.65 30.16
CA GLY G 200 -19.20 25.05 29.84
C GLY G 200 -19.26 25.91 31.09
N LEU G 201 -19.40 25.26 32.24
CA LEU G 201 -19.49 25.97 33.51
C LEU G 201 -18.12 25.88 34.19
N SER G 202 -17.73 26.94 34.90
CA SER G 202 -16.43 26.93 35.58
C SER G 202 -16.47 26.07 36.85
N SER G 203 -17.68 25.76 37.30
CA SER G 203 -17.87 24.94 38.48
C SER G 203 -19.32 24.48 38.50
N PRO G 204 -19.63 23.45 39.32
CA PRO G 204 -21.01 22.96 39.38
C PRO G 204 -21.96 24.09 39.75
N VAL G 205 -23.11 24.13 39.09
CA VAL G 205 -24.11 25.15 39.35
C VAL G 205 -25.26 24.52 40.13
N THR G 206 -25.65 25.16 41.22
CA THR G 206 -26.74 24.64 42.02
C THR G 206 -27.93 25.59 42.01
N LYS G 207 -29.07 25.09 41.59
CA LYS G 207 -30.28 25.88 41.60
C LYS G 207 -31.11 25.23 42.69
N SER G 208 -31.57 26.04 43.64
CA SER G 208 -32.35 25.49 44.74
C SER G 208 -33.38 26.45 45.28
N PHE G 209 -34.25 25.94 46.13
CA PHE G 209 -35.28 26.75 46.73
C PHE G 209 -35.71 26.14 48.06
N ASN G 210 -36.16 27.01 48.96
CA ASN G 210 -36.67 26.59 50.26
C ASN G 210 -38.12 26.23 49.95
N ARG G 211 -38.59 25.10 50.46
CA ARG G 211 -39.97 24.71 50.22
C ARG G 211 -40.84 25.89 50.67
N GLY G 212 -41.80 26.28 49.84
CA GLY G 212 -42.65 27.41 50.20
C GLY G 212 -42.22 28.69 49.52
N GLU G 213 -41.03 28.69 48.92
CA GLU G 213 -40.51 29.85 48.19
C GLU G 213 -40.36 29.47 46.72
N CYS G 214 -40.22 30.48 45.86
CA CYS G 214 -40.05 30.24 44.43
C CYS G 214 -39.45 31.47 43.73
N PCA H 1 -45.00 7.19 -6.21
CA PCA H 1 -43.84 6.36 -5.95
CB PCA H 1 -42.87 7.34 -5.31
CG PCA H 1 -43.29 8.65 -5.95
CD PCA H 1 -44.74 8.48 -6.23
OE PCA H 1 -45.59 9.36 -6.43
C PCA H 1 -44.20 5.19 -5.02
O PCA H 1 -45.37 4.91 -4.73
N VAL H 2 -43.16 4.52 -4.55
CA VAL H 2 -43.32 3.39 -3.65
C VAL H 2 -43.90 3.86 -2.31
N GLN H 3 -45.01 3.27 -1.91
CA GLN H 3 -45.66 3.61 -0.66
C GLN H 3 -46.00 2.39 0.17
N LEU H 4 -45.75 2.49 1.48
CA LEU H 4 -46.03 1.42 2.42
C LEU H 4 -46.69 2.09 3.61
N VAL H 5 -47.90 1.65 3.95
CA VAL H 5 -48.61 2.26 5.05
C VAL H 5 -49.03 1.23 6.06
N GLU H 6 -48.41 1.26 7.23
CA GLU H 6 -48.73 0.29 8.29
C GLU H 6 -49.92 0.72 9.12
N SER H 7 -50.66 -0.26 9.66
CA SER H 7 -51.80 0.04 10.50
C SER H 7 -52.05 -1.12 11.44
N GLY H 8 -52.94 -0.93 12.41
CA GLY H 8 -53.24 -1.99 13.34
C GLY H 8 -52.58 -1.83 14.69
N GLY H 9 -51.66 -0.88 14.82
CA GLY H 9 -51.00 -0.69 16.10
C GLY H 9 -51.96 -0.22 17.18
N GLY H 10 -51.56 -0.39 18.44
CA GLY H 10 -52.41 0.03 19.53
C GLY H 10 -51.95 -0.56 20.84
N VAL H 11 -52.86 -0.64 21.80
CA VAL H 11 -52.53 -1.17 23.11
C VAL H 11 -52.96 -2.63 23.22
N VAL H 12 -52.11 -3.45 23.85
CA VAL H 12 -52.38 -4.89 24.02
C VAL H 12 -51.98 -5.34 25.42
N GLN H 13 -52.86 -6.10 26.07
CA GLN H 13 -52.53 -6.62 27.39
C GLN H 13 -51.57 -7.78 27.20
N PRO H 14 -50.62 -7.95 28.12
CA PRO H 14 -49.65 -9.04 28.03
C PRO H 14 -50.36 -10.39 27.80
N GLY H 15 -49.79 -11.21 26.93
CA GLY H 15 -50.36 -12.52 26.64
C GLY H 15 -51.39 -12.53 25.52
N ARG H 16 -51.87 -11.35 25.13
CA ARG H 16 -52.87 -11.31 24.08
C ARG H 16 -52.28 -11.19 22.67
N SER H 17 -53.18 -11.15 21.69
CA SER H 17 -52.82 -11.10 20.28
C SER H 17 -53.11 -9.79 19.57
N LEU H 18 -52.39 -9.56 18.49
CA LEU H 18 -52.58 -8.37 17.66
C LEU H 18 -52.04 -8.63 16.26
N ARG H 19 -52.80 -8.22 15.24
CA ARG H 19 -52.32 -8.38 13.87
C ARG H 19 -52.06 -7.01 13.25
N LEU H 20 -50.91 -6.86 12.63
CA LEU H 20 -50.56 -5.61 11.97
C LEU H 20 -50.74 -5.81 10.47
N SER H 21 -51.00 -4.72 9.75
CA SER H 21 -51.16 -4.76 8.30
C SER H 21 -50.31 -3.68 7.65
N CYS H 22 -49.98 -3.89 6.38
CA CYS H 22 -49.19 -2.93 5.62
C CYS H 22 -49.74 -2.88 4.20
N ALA H 23 -50.22 -1.72 3.79
CA ALA H 23 -50.78 -1.56 2.44
C ALA H 23 -49.68 -1.04 1.52
N ALA H 24 -49.43 -1.77 0.44
CA ALA H 24 -48.39 -1.39 -0.52
C ALA H 24 -48.95 -0.87 -1.83
N SER H 25 -48.29 0.14 -2.40
CA SER H 25 -48.70 0.70 -3.67
C SER H 25 -47.51 1.36 -4.37
N GLY H 26 -47.65 1.62 -5.66
CA GLY H 26 -46.58 2.24 -6.40
C GLY H 26 -45.49 1.30 -6.86
N PHE H 27 -45.76 0.00 -6.82
CA PHE H 27 -44.78 -1.00 -7.28
C PHE H 27 -45.42 -2.37 -7.42
N THR H 28 -44.72 -3.28 -8.10
CA THR H 28 -45.26 -4.63 -8.28
C THR H 28 -45.03 -5.46 -7.03
N PHE H 29 -45.99 -5.38 -6.12
CA PHE H 29 -45.92 -6.05 -4.83
C PHE H 29 -45.62 -7.54 -4.87
N SER H 30 -46.28 -8.26 -5.76
CA SER H 30 -46.11 -9.71 -5.86
C SER H 30 -44.73 -10.23 -6.24
N VAL H 31 -43.80 -9.35 -6.61
CA VAL H 31 -42.47 -9.83 -6.96
C VAL H 31 -41.40 -9.42 -5.95
N TYR H 32 -41.80 -8.75 -4.87
CA TYR H 32 -40.83 -8.34 -3.84
C TYR H 32 -41.01 -9.04 -2.52
N GLY H 33 -39.91 -9.40 -1.89
CA GLY H 33 -39.99 -9.99 -0.58
C GLY H 33 -40.34 -8.83 0.34
N MET H 34 -40.85 -9.11 1.52
CA MET H 34 -41.23 -8.03 2.44
C MET H 34 -40.74 -8.38 3.83
N ASN H 35 -40.47 -7.36 4.64
CA ASN H 35 -39.97 -7.55 6.00
C ASN H 35 -40.73 -6.72 7.02
N TRP H 36 -40.63 -7.14 8.28
CA TRP H 36 -41.15 -6.38 9.40
C TRP H 36 -39.90 -6.12 10.22
N VAL H 37 -39.75 -4.88 10.69
CA VAL H 37 -38.61 -4.46 11.51
C VAL H 37 -39.23 -3.61 12.62
N ARG H 38 -38.71 -3.73 13.83
CA ARG H 38 -39.28 -2.93 14.91
C ARG H 38 -38.23 -2.13 15.64
N GLN H 39 -38.70 -1.16 16.41
CA GLN H 39 -37.82 -0.29 17.15
C GLN H 39 -38.42 0.21 18.45
N ALA H 40 -37.90 -0.29 19.56
CA ALA H 40 -38.41 0.13 20.87
C ALA H 40 -38.07 1.60 21.06
N PRO H 41 -38.88 2.31 21.87
CA PRO H 41 -38.67 3.74 22.14
C PRO H 41 -37.24 4.05 22.53
N GLY H 42 -36.59 4.91 21.74
CA GLY H 42 -35.21 5.29 22.04
C GLY H 42 -34.14 4.22 21.80
N LYS H 43 -34.51 3.09 21.20
CA LYS H 43 -33.52 2.03 20.95
C LYS H 43 -33.25 1.81 19.46
N GLY H 44 -32.50 0.75 19.15
CA GLY H 44 -32.17 0.46 17.78
C GLY H 44 -33.17 -0.38 17.00
N LEU H 45 -32.87 -0.55 15.72
CA LEU H 45 -33.71 -1.34 14.83
C LEU H 45 -33.49 -2.83 15.11
N GLU H 46 -34.58 -3.59 15.05
CA GLU H 46 -34.51 -5.02 15.30
C GLU H 46 -35.33 -5.75 14.24
N TRP H 47 -34.66 -6.59 13.44
CA TRP H 47 -35.34 -7.34 12.40
C TRP H 47 -36.29 -8.33 13.05
N VAL H 48 -37.50 -8.45 12.49
CA VAL H 48 -38.51 -9.35 13.03
C VAL H 48 -38.81 -10.56 12.13
N ALA H 49 -39.09 -10.31 10.87
CA ALA H 49 -39.42 -11.39 9.94
C ALA H 49 -39.38 -10.98 8.48
N ILE H 50 -39.26 -11.97 7.61
CA ILE H 50 -39.26 -11.76 6.17
C ILE H 50 -40.13 -12.83 5.53
N ILE H 51 -40.74 -12.48 4.39
CA ILE H 51 -41.56 -13.42 3.66
C ILE H 51 -41.20 -13.26 2.18
N TRP H 52 -41.02 -14.38 1.47
CA TRP H 52 -40.67 -14.35 0.06
C TRP H 52 -41.79 -13.73 -0.79
N TYR H 53 -41.45 -13.29 -1.99
CA TYR H 53 -42.39 -12.67 -2.90
C TYR H 53 -43.70 -13.44 -3.09
N ASP H 54 -43.64 -14.76 -3.18
CA ASP H 54 -44.85 -15.56 -3.39
C ASP H 54 -45.49 -16.11 -2.12
N GLY H 55 -44.95 -15.70 -0.97
CA GLY H 55 -45.45 -16.15 0.32
C GLY H 55 -45.16 -17.59 0.66
N ASP H 56 -44.23 -18.20 -0.08
CA ASP H 56 -43.91 -19.62 0.12
C ASP H 56 -42.86 -19.91 1.18
N ASN H 57 -42.11 -18.90 1.59
CA ASN H 57 -41.08 -19.09 2.60
C ASN H 57 -41.11 -17.91 3.56
N GLN H 58 -40.91 -18.18 4.85
CA GLN H 58 -40.88 -17.15 5.89
C GLN H 58 -39.80 -17.47 6.88
N TYR H 59 -39.15 -16.44 7.42
CA TYR H 59 -38.10 -16.63 8.42
C TYR H 59 -38.30 -15.60 9.51
N TYR H 60 -37.92 -15.94 10.73
CA TYR H 60 -38.14 -15.09 11.89
C TYR H 60 -36.93 -14.85 12.79
N ALA H 61 -36.99 -13.75 13.54
CA ALA H 61 -35.95 -13.45 14.51
C ALA H 61 -36.14 -14.45 15.64
N ASP H 62 -35.06 -14.84 16.29
CA ASP H 62 -35.15 -15.80 17.40
C ASP H 62 -36.08 -15.31 18.52
N SER H 63 -36.14 -14.01 18.73
CA SER H 63 -36.98 -13.47 19.78
C SER H 63 -38.49 -13.56 19.56
N VAL H 64 -38.91 -13.80 18.32
CA VAL H 64 -40.34 -13.89 18.01
C VAL H 64 -40.77 -15.24 17.44
N LYS H 65 -39.80 -16.10 17.12
CA LYS H 65 -40.08 -17.42 16.56
C LYS H 65 -41.09 -18.20 17.40
N GLY H 66 -42.09 -18.77 16.74
CA GLY H 66 -43.10 -19.53 17.46
C GLY H 66 -44.26 -18.68 17.95
N ARG H 67 -44.10 -17.36 17.97
CA ARG H 67 -45.17 -16.48 18.43
C ARG H 67 -45.77 -15.63 17.31
N PHE H 68 -44.94 -15.25 16.34
CA PHE H 68 -45.39 -14.41 15.23
C PHE H 68 -45.50 -15.18 13.91
N THR H 69 -46.36 -14.69 13.02
CA THR H 69 -46.50 -15.27 11.69
C THR H 69 -46.62 -14.14 10.69
N ILE H 70 -45.69 -14.10 9.73
CA ILE H 70 -45.75 -13.07 8.70
C ILE H 70 -46.49 -13.71 7.51
N SER H 71 -47.34 -12.96 6.84
CA SER H 71 -48.08 -13.51 5.70
C SER H 71 -48.38 -12.36 4.77
N ARG H 72 -48.92 -12.68 3.60
CA ARG H 72 -49.24 -11.64 2.63
C ARG H 72 -50.38 -12.06 1.73
N ASP H 73 -51.04 -11.08 1.15
CA ASP H 73 -52.14 -11.33 0.23
C ASP H 73 -51.79 -10.55 -1.03
N ASN H 74 -51.15 -11.21 -1.99
CA ASN H 74 -50.73 -10.50 -3.20
C ASN H 74 -51.87 -9.94 -4.02
N SER H 75 -53.08 -10.47 -3.88
CA SER H 75 -54.20 -9.95 -4.66
C SER H 75 -54.66 -8.60 -4.10
N LYS H 76 -54.32 -8.32 -2.85
CA LYS H 76 -54.72 -7.07 -2.23
C LYS H 76 -53.53 -6.17 -1.89
N ASN H 77 -52.33 -6.59 -2.29
CA ASN H 77 -51.11 -5.83 -2.03
C ASN H 77 -50.98 -5.48 -0.55
N THR H 78 -51.17 -6.49 0.29
CA THR H 78 -51.09 -6.30 1.73
C THR H 78 -50.17 -7.30 2.39
N LEU H 79 -49.44 -6.82 3.39
CA LEU H 79 -48.53 -7.65 4.17
C LEU H 79 -49.10 -7.70 5.58
N TYR H 80 -48.94 -8.82 6.27
CA TYR H 80 -49.47 -8.97 7.64
C TYR H 80 -48.46 -9.53 8.62
N LEU H 81 -48.67 -9.20 9.89
CA LEU H 81 -47.85 -9.74 10.96
C LEU H 81 -48.82 -10.09 12.09
N GLN H 82 -49.04 -11.38 12.29
CA GLN H 82 -49.90 -11.86 13.37
C GLN H 82 -48.99 -12.10 14.55
N MET H 83 -49.23 -11.41 15.65
CA MET H 83 -48.42 -11.56 16.85
C MET H 83 -49.23 -12.14 17.99
N ASN H 84 -48.83 -13.29 18.52
CA ASN H 84 -49.52 -13.92 19.66
C ASN H 84 -48.58 -13.86 20.86
N GLY H 85 -49.12 -14.10 22.05
CA GLY H 85 -48.32 -14.10 23.28
C GLY H 85 -47.47 -12.86 23.47
N LEU H 86 -48.04 -11.68 23.21
CA LEU H 86 -47.28 -10.45 23.35
C LEU H 86 -46.82 -10.15 24.76
N ARG H 87 -45.60 -9.61 24.85
CA ARG H 87 -44.97 -9.25 26.13
C ARG H 87 -44.52 -7.78 26.10
N ALA H 88 -44.34 -7.21 27.28
CA ALA H 88 -43.93 -5.81 27.40
C ALA H 88 -42.74 -5.49 26.49
N GLU H 89 -41.79 -6.41 26.39
CA GLU H 89 -40.59 -6.22 25.57
C GLU H 89 -40.86 -6.18 24.06
N ASP H 90 -42.09 -6.46 23.65
CA ASP H 90 -42.45 -6.40 22.23
C ASP H 90 -42.97 -4.98 21.92
N THR H 91 -43.04 -4.14 22.94
CA THR H 91 -43.49 -2.76 22.73
C THR H 91 -42.52 -2.08 21.77
N ALA H 92 -43.05 -1.53 20.68
CA ALA H 92 -42.20 -0.89 19.69
C ALA H 92 -42.99 -0.32 18.52
N VAL H 93 -42.30 0.46 17.71
CA VAL H 93 -42.88 0.99 16.49
C VAL H 93 -42.52 -0.14 15.51
N TYR H 94 -43.52 -0.66 14.80
CA TYR H 94 -43.27 -1.74 13.83
C TYR H 94 -43.29 -1.16 12.43
N TYR H 95 -42.23 -1.43 11.68
CA TYR H 95 -42.07 -0.96 10.31
C TYR H 95 -42.18 -2.07 9.29
N CYS H 96 -42.84 -1.74 8.18
CA CYS H 96 -43.01 -2.61 7.03
C CYS H 96 -41.85 -2.16 6.12
N ALA H 97 -41.09 -3.07 5.52
CA ALA H 97 -39.99 -2.65 4.64
C ALA H 97 -39.81 -3.58 3.45
N ARG H 98 -39.69 -2.99 2.27
CA ARG H 98 -39.50 -3.76 1.05
C ARG H 98 -38.10 -4.38 0.98
N ASP H 99 -38.05 -5.65 0.58
CA ASP H 99 -36.79 -6.38 0.49
C ASP H 99 -36.24 -6.54 -0.92
N LEU H 100 -34.92 -6.60 -0.99
CA LEU H 100 -34.20 -6.84 -2.23
C LEU H 100 -33.50 -8.17 -1.91
N ARG H 101 -33.83 -9.20 -2.67
CA ARG H 101 -33.29 -10.54 -2.44
C ARG H 101 -31.83 -10.56 -1.95
N THR H 102 -31.64 -11.13 -0.75
CA THR H 102 -30.32 -11.24 -0.09
C THR H 102 -29.65 -9.88 0.07
N GLY H 103 -30.46 -8.82 0.01
CA GLY H 103 -29.96 -7.47 0.11
C GLY H 103 -30.61 -6.56 1.13
N PRO H 104 -30.58 -5.25 0.87
CA PRO H 104 -31.12 -4.18 1.73
C PRO H 104 -32.64 -3.99 1.69
N PHE H 105 -33.13 -3.29 2.71
CA PHE H 105 -34.55 -2.95 2.80
C PHE H 105 -34.55 -1.55 2.17
N ASP H 106 -34.93 -1.45 0.89
CA ASP H 106 -34.86 -0.18 0.21
C ASP H 106 -35.93 0.87 0.46
N TYR H 107 -37.10 0.48 0.95
CA TYR H 107 -38.15 1.44 1.27
C TYR H 107 -38.88 0.98 2.53
N TRP H 108 -39.12 1.92 3.43
CA TRP H 108 -39.77 1.65 4.73
C TRP H 108 -41.04 2.48 4.94
N GLY H 109 -42.03 1.90 5.61
CA GLY H 109 -43.25 2.65 5.88
C GLY H 109 -43.00 3.64 7.02
N GLN H 110 -44.03 4.35 7.45
CA GLN H 110 -43.88 5.31 8.55
C GLN H 110 -43.94 4.60 9.91
N GLY H 111 -44.46 3.38 9.92
CA GLY H 111 -44.54 2.62 11.16
C GLY H 111 -45.83 2.74 11.94
N THR H 112 -46.11 1.74 12.77
CA THR H 112 -47.30 1.75 13.61
C THR H 112 -46.88 1.35 15.02
N LEU H 113 -47.32 2.11 16.03
CA LEU H 113 -46.94 1.83 17.41
C LEU H 113 -47.75 0.74 18.14
N VAL H 114 -47.02 -0.23 18.70
CA VAL H 114 -47.62 -1.31 19.46
C VAL H 114 -47.13 -1.19 20.90
N THR H 115 -48.06 -1.02 21.84
CA THR H 115 -47.70 -0.89 23.24
C THR H 115 -48.31 -2.06 24.02
N VAL H 116 -47.45 -2.87 24.60
CA VAL H 116 -47.90 -4.04 25.36
C VAL H 116 -47.72 -3.70 26.83
N SER H 117 -48.84 -3.60 27.53
CA SER H 117 -48.83 -3.24 28.95
C SER H 117 -50.17 -3.56 29.62
N SER H 118 -50.18 -3.64 30.94
CA SER H 118 -51.43 -3.90 31.67
C SER H 118 -52.11 -2.57 32.01
N ALA H 119 -51.42 -1.45 31.81
CA ALA H 119 -51.99 -0.14 32.10
C ALA H 119 -53.21 0.14 31.23
N SER H 120 -54.11 0.98 31.73
CA SER H 120 -55.32 1.33 30.99
C SER H 120 -55.18 2.70 30.33
N THR H 121 -55.80 2.86 29.16
CA THR H 121 -55.74 4.12 28.45
C THR H 121 -56.21 5.23 29.39
N LYS H 122 -55.41 6.29 29.49
CA LYS H 122 -55.70 7.39 30.40
C LYS H 122 -55.13 8.71 29.86
N GLY H 123 -55.92 9.78 29.93
CA GLY H 123 -55.47 11.08 29.47
C GLY H 123 -54.57 11.68 30.54
N PRO H 124 -53.71 12.64 30.19
CA PRO H 124 -52.80 13.25 31.17
C PRO H 124 -53.38 14.33 32.09
N SER H 125 -52.68 14.57 33.20
CA SER H 125 -53.02 15.63 34.12
C SER H 125 -52.01 16.69 33.68
N VAL H 126 -52.44 17.91 33.43
CA VAL H 126 -51.48 18.93 33.01
C VAL H 126 -51.29 19.96 34.10
N PHE H 127 -50.05 20.11 34.58
CA PHE H 127 -49.74 21.06 35.64
C PHE H 127 -48.81 22.14 35.12
N PRO H 128 -49.00 23.37 35.60
CA PRO H 128 -48.12 24.44 35.11
C PRO H 128 -46.76 24.47 35.78
N LEU H 129 -45.76 24.93 35.01
CA LEU H 129 -44.41 25.12 35.53
C LEU H 129 -44.34 26.64 35.37
N ALA H 130 -44.82 27.33 36.38
CA ALA H 130 -44.90 28.80 36.36
C ALA H 130 -43.55 29.51 36.36
N PRO H 131 -43.46 30.62 35.62
CA PRO H 131 -42.21 31.38 35.58
C PRO H 131 -42.13 32.14 36.90
N SER H 132 -40.99 32.05 37.57
CA SER H 132 -40.81 32.75 38.85
C SER H 132 -39.36 33.19 38.93
N SER H 133 -38.96 33.73 40.08
CA SER H 133 -37.58 34.18 40.24
C SER H 133 -36.59 33.03 40.04
N LYS H 134 -37.00 31.84 40.45
CA LYS H 134 -36.15 30.64 40.34
C LYS H 134 -36.07 30.07 38.91
N SER H 135 -36.87 30.63 38.00
CA SER H 135 -36.86 30.18 36.62
C SER H 135 -36.72 31.41 35.71
N THR H 136 -36.14 32.47 36.27
CA THR H 136 -35.92 33.70 35.53
C THR H 136 -34.45 34.08 35.62
N SER H 137 -33.75 33.94 34.49
CA SER H 137 -32.33 34.28 34.42
C SER H 137 -32.14 35.55 33.59
N GLY H 138 -31.77 36.64 34.25
CA GLY H 138 -31.56 37.88 33.54
C GLY H 138 -32.87 38.35 32.95
N GLY H 139 -32.86 38.66 31.65
CA GLY H 139 -34.08 39.12 31.02
C GLY H 139 -34.91 37.98 30.44
N THR H 140 -34.53 36.75 30.75
CA THR H 140 -35.24 35.58 30.23
C THR H 140 -35.99 34.79 31.29
N ALA H 141 -37.20 34.36 30.96
CA ALA H 141 -37.98 33.57 31.90
C ALA H 141 -38.33 32.24 31.28
N ALA H 142 -38.24 31.17 32.06
CA ALA H 142 -38.61 29.85 31.56
C ALA H 142 -39.95 29.48 32.17
N LEU H 143 -40.81 28.86 31.38
CA LEU H 143 -42.11 28.43 31.86
C LEU H 143 -42.48 27.16 31.10
N GLY H 144 -43.49 26.44 31.58
CA GLY H 144 -43.87 25.23 30.89
C GLY H 144 -45.07 24.51 31.44
N CYS H 145 -45.26 23.28 30.99
CA CYS H 145 -46.34 22.44 31.43
C CYS H 145 -45.81 21.05 31.64
N LEU H 146 -46.21 20.44 32.76
CA LEU H 146 -45.83 19.08 33.09
C LEU H 146 -47.04 18.27 32.69
N VAL H 147 -46.84 17.36 31.74
CA VAL H 147 -47.91 16.50 31.21
C VAL H 147 -47.68 15.13 31.84
N LYS H 148 -48.43 14.87 32.90
CA LYS H 148 -48.22 13.66 33.68
C LYS H 148 -49.28 12.55 33.69
N ASP H 149 -48.77 11.34 33.89
CA ASP H 149 -49.58 10.13 34.00
C ASP H 149 -50.59 9.80 32.91
N TYR H 150 -50.11 9.66 31.68
CA TYR H 150 -50.99 9.28 30.58
C TYR H 150 -50.53 7.96 29.98
N PHE H 151 -51.41 7.33 29.21
CA PHE H 151 -51.10 6.06 28.57
C PHE H 151 -52.12 5.86 27.47
N PRO H 152 -51.67 5.45 26.28
CA PRO H 152 -50.27 5.17 25.97
C PRO H 152 -49.70 6.39 25.25
N GLU H 153 -48.51 6.24 24.68
CA GLU H 153 -47.92 7.31 23.90
C GLU H 153 -48.75 7.34 22.61
N PRO H 154 -48.79 8.49 21.91
CA PRO H 154 -48.07 9.71 22.28
C PRO H 154 -49.03 10.87 22.58
N VAL H 155 -48.46 12.01 22.95
CA VAL H 155 -49.22 13.22 23.19
C VAL H 155 -48.54 14.31 22.37
N THR H 156 -49.30 15.33 21.98
CA THR H 156 -48.73 16.43 21.23
C THR H 156 -48.91 17.65 22.11
N VAL H 157 -47.95 18.56 22.06
CA VAL H 157 -48.04 19.78 22.85
C VAL H 157 -47.72 20.95 21.93
N SER H 158 -48.54 22.00 22.00
CA SER H 158 -48.27 23.20 21.23
C SER H 158 -48.45 24.34 22.22
N TRP H 159 -48.01 25.54 21.85
CA TRP H 159 -48.15 26.70 22.70
C TRP H 159 -48.90 27.80 21.93
N ASN H 160 -49.84 28.45 22.60
CA ASN H 160 -50.65 29.50 22.00
C ASN H 160 -51.19 29.05 20.66
N SER H 161 -51.68 27.80 20.65
CA SER H 161 -52.26 27.18 19.47
C SER H 161 -51.36 27.26 18.26
N GLY H 162 -50.06 27.14 18.49
CA GLY H 162 -49.10 27.18 17.39
C GLY H 162 -48.48 28.54 17.12
N ALA H 163 -49.02 29.60 17.72
CA ALA H 163 -48.48 30.94 17.52
C ALA H 163 -47.10 31.07 18.16
N LEU H 164 -46.80 30.24 19.15
CA LEU H 164 -45.50 30.28 19.83
C LEU H 164 -44.72 29.00 19.55
N THR H 165 -43.62 29.14 18.81
CA THR H 165 -42.79 28.00 18.48
C THR H 165 -41.31 28.20 18.80
N SER H 166 -40.82 29.43 18.69
CA SER H 166 -39.42 29.69 18.98
C SER H 166 -39.12 29.46 20.47
N GLY H 167 -38.02 28.76 20.74
CA GLY H 167 -37.62 28.51 22.11
C GLY H 167 -38.36 27.41 22.83
N VAL H 168 -39.31 26.77 22.14
CA VAL H 168 -40.07 25.69 22.73
C VAL H 168 -39.31 24.37 22.72
N HIS H 169 -39.31 23.69 23.86
CA HIS H 169 -38.66 22.38 23.95
C HIS H 169 -39.63 21.39 24.59
N THR H 170 -40.09 20.42 23.82
CA THR H 170 -40.98 19.40 24.35
C THR H 170 -40.13 18.12 24.43
N PHE H 171 -39.91 17.67 25.67
CA PHE H 171 -39.07 16.50 25.93
C PHE H 171 -39.67 15.15 25.61
N PRO H 172 -38.81 14.16 25.31
CA PRO H 172 -39.33 12.82 25.01
C PRO H 172 -40.00 12.32 26.30
N ALA H 173 -41.03 11.50 26.18
CA ALA H 173 -41.70 10.99 27.36
C ALA H 173 -40.84 9.95 28.06
N VAL H 174 -41.10 9.75 29.34
CA VAL H 174 -40.41 8.76 30.14
C VAL H 174 -41.52 7.84 30.68
N LEU H 175 -41.24 6.54 30.76
CA LEU H 175 -42.22 5.60 31.29
C LEU H 175 -41.94 5.45 32.79
N GLN H 176 -42.94 5.74 33.62
CA GLN H 176 -42.77 5.66 35.07
C GLN H 176 -43.05 4.24 35.60
N SER H 177 -42.65 3.98 36.84
CA SER H 177 -42.85 2.67 37.46
C SER H 177 -44.33 2.32 37.55
N SER H 178 -45.17 3.34 37.54
CA SER H 178 -46.62 3.15 37.61
C SER H 178 -47.13 2.57 36.31
N GLY H 179 -46.30 2.61 35.26
CA GLY H 179 -46.73 2.10 33.98
C GLY H 179 -47.28 3.23 33.12
N LEU H 180 -47.29 4.45 33.68
CA LEU H 180 -47.78 5.60 32.94
C LEU H 180 -46.62 6.48 32.47
N TYR H 181 -46.87 7.29 31.44
CA TYR H 181 -45.88 8.20 30.87
C TYR H 181 -46.01 9.61 31.41
N SER H 182 -44.92 10.38 31.29
CA SER H 182 -44.85 11.78 31.72
C SER H 182 -43.80 12.53 30.88
N LEU H 183 -44.10 13.77 30.54
CA LEU H 183 -43.15 14.60 29.83
C LEU H 183 -43.45 16.04 30.20
N SER H 184 -42.48 16.91 29.92
CA SER H 184 -42.64 18.33 30.17
C SER H 184 -42.39 19.04 28.87
N SER H 185 -43.00 20.21 28.71
CA SER H 185 -42.80 21.03 27.54
C SER H 185 -42.48 22.40 28.13
N VAL H 186 -41.37 22.99 27.72
CA VAL H 186 -40.98 24.28 28.25
C VAL H 186 -40.69 25.26 27.13
N VAL H 187 -40.65 26.54 27.48
CA VAL H 187 -40.34 27.58 26.52
C VAL H 187 -39.71 28.73 27.30
N THR H 188 -38.79 29.45 26.66
CA THR H 188 -38.18 30.60 27.31
C THR H 188 -38.67 31.83 26.56
N VAL H 189 -38.99 32.88 27.29
CA VAL H 189 -39.51 34.11 26.71
C VAL H 189 -38.95 35.32 27.47
N PRO H 190 -39.06 36.52 26.89
CA PRO H 190 -38.53 37.67 27.64
C PRO H 190 -39.37 37.94 28.87
N SER H 191 -38.70 38.16 30.00
CA SER H 191 -39.37 38.42 31.27
C SER H 191 -40.48 39.45 31.19
N SER H 192 -40.26 40.52 30.42
CA SER H 192 -41.27 41.56 30.32
C SER H 192 -42.55 41.09 29.61
N SER H 193 -42.45 40.06 28.78
CA SER H 193 -43.62 39.56 28.06
C SER H 193 -44.61 38.86 28.99
N LEU H 194 -44.16 38.46 30.18
CA LEU H 194 -45.03 37.78 31.13
C LEU H 194 -46.22 38.64 31.54
N GLY H 195 -46.07 39.95 31.42
CA GLY H 195 -47.16 40.85 31.79
C GLY H 195 -48.02 41.31 30.64
N THR H 196 -47.61 41.00 29.41
CA THR H 196 -48.37 41.44 28.24
C THR H 196 -48.87 40.33 27.31
N GLN H 197 -48.45 39.09 27.57
CA GLN H 197 -48.86 37.99 26.71
C GLN H 197 -49.30 36.81 27.55
N THR H 198 -50.40 36.16 27.17
CA THR H 198 -50.84 34.99 27.90
C THR H 198 -50.15 33.79 27.26
N TYR H 199 -49.76 32.83 28.08
CA TYR H 199 -49.08 31.63 27.58
C TYR H 199 -49.94 30.42 27.94
N ILE H 200 -50.36 29.69 26.92
CA ILE H 200 -51.21 28.51 27.09
C ILE H 200 -50.62 27.29 26.36
N CYS H 201 -50.44 26.18 27.08
CA CYS H 201 -49.94 24.98 26.43
C CYS H 201 -51.16 24.17 26.05
N ASN H 202 -51.16 23.67 24.82
CA ASN H 202 -52.26 22.87 24.30
C ASN H 202 -51.77 21.42 24.21
N VAL H 203 -52.40 20.57 25.02
CA VAL H 203 -52.01 19.16 25.12
C VAL H 203 -53.10 18.26 24.53
N ASN H 204 -52.71 17.45 23.56
CA ASN H 204 -53.66 16.54 22.94
C ASN H 204 -53.20 15.10 23.09
N HIS H 205 -54.12 14.24 23.52
CA HIS H 205 -53.83 12.82 23.70
C HIS H 205 -54.91 12.06 22.92
N LYS H 206 -54.61 11.74 21.67
CA LYS H 206 -55.53 11.03 20.79
C LYS H 206 -56.11 9.72 21.35
N PRO H 207 -55.27 8.86 21.94
CA PRO H 207 -55.74 7.58 22.49
C PRO H 207 -56.94 7.68 23.43
N SER H 208 -56.97 8.71 24.25
CA SER H 208 -58.07 8.87 25.20
C SER H 208 -59.03 9.97 24.74
N ASN H 209 -58.76 10.52 23.57
CA ASN H 209 -59.58 11.59 23.03
C ASN H 209 -59.63 12.72 24.05
N THR H 210 -58.46 13.06 24.59
CA THR H 210 -58.35 14.11 25.59
C THR H 210 -57.67 15.34 24.99
N LYS H 211 -58.19 16.50 25.34
CA LYS H 211 -57.64 17.75 24.87
C LYS H 211 -57.67 18.71 26.06
N VAL H 212 -56.51 19.24 26.42
CA VAL H 212 -56.42 20.16 27.56
C VAL H 212 -55.58 21.39 27.25
N ASP H 213 -56.09 22.56 27.60
CA ASP H 213 -55.36 23.81 27.40
C ASP H 213 -55.08 24.32 28.82
N LYS H 214 -53.83 24.65 29.10
CA LYS H 214 -53.49 25.15 30.42
C LYS H 214 -52.80 26.50 30.34
N ARG H 215 -53.42 27.50 30.95
CA ARG H 215 -52.85 28.84 30.99
C ARG H 215 -51.75 28.78 32.04
N VAL H 216 -50.55 29.25 31.72
CA VAL H 216 -49.45 29.23 32.67
C VAL H 216 -49.18 30.66 33.11
N GLU H 217 -49.50 30.97 34.36
CA GLU H 217 -49.33 32.31 34.90
C GLU H 217 -48.17 32.49 35.87
N PRO H 218 -47.56 33.69 35.88
CA PRO H 218 -46.43 34.02 36.76
C PRO H 218 -46.84 33.85 38.21
#